data_1NE7
#
_entry.id   1NE7
#
_cell.length_a   109.877
_cell.length_b   110.892
_cell.length_c   180.881
_cell.angle_alpha   90.00
_cell.angle_beta   90.00
_cell.angle_gamma   90.00
#
_symmetry.space_group_name_H-M   'P 21 21 21'
#
loop_
_entity.id
_entity.type
_entity.pdbx_description
1 polymer 'Glucosamine-6-phosphate isomerase'
2 branched alpha-D-glucopyranose-(1-1)-alpha-D-glucopyranose
3 non-polymer 2-acetamido-2-deoxy-6-O-phosphono-alpha-D-glucopyranose
4 non-polymer 'SULFATE ION'
5 non-polymer '2-DEOXY-2-AMINO GLUCITOL-6-PHOSPHATE'
6 water water
#
_entity_poly.entity_id   1
_entity_poly.type   'polypeptide(L)'
_entity_poly.pdbx_seq_one_letter_code
;MKLIILEHYSQASEWAAKYIRNRIIQFNPGPEKYFTLGLPTGSTPLGCYKKLIEYYKNGDLSFKYVKTFNMDEYVGLPRD
HPESYHSFMWNNFFKHIDIHPENTHILDGNAVDLQAECDAFEEKIKAAGGIELFVGGIGPDGHIAFNEPGSSLVSRTRVK
TLAMDTILANARFFDGELTKVPTMALTVGVGTVMDAREVMILITGAHKAFALYKAIEEGVNHMWTVSAFQQHPRTVFVCD
EDATLELKVKTVKYFKGLMLVHNKLVDPLYSIKEKETEKSQSSKKPYSD
;
_entity_poly.pdbx_strand_id   A,B,C,D,E,F
#
loop_
_chem_comp.id
_chem_comp.type
_chem_comp.name
_chem_comp.formula
16G D-saccharide, alpha linking 2-acetamido-2-deoxy-6-O-phosphono-alpha-D-glucopyranose 'C8 H16 N O9 P'
AGP non-polymer '2-DEOXY-2-AMINO GLUCITOL-6-PHOSPHATE' 'C6 H16 N O8 P'
GLC D-saccharide, alpha linking alpha-D-glucopyranose 'C6 H12 O6'
SO4 non-polymer 'SULFATE ION' 'O4 S -2'
#
# COMPACT_ATOMS: atom_id res chain seq x y z
N MET A 1 13.73 16.60 -7.85
CA MET A 1 12.80 17.76 -7.95
C MET A 1 13.17 18.82 -6.92
N LYS A 2 12.65 20.02 -7.12
CA LYS A 2 12.82 21.10 -6.16
C LYS A 2 11.40 21.33 -5.66
N LEU A 3 11.16 21.13 -4.37
CA LEU A 3 9.84 21.35 -3.81
C LEU A 3 9.91 22.64 -2.99
N ILE A 4 9.17 23.66 -3.43
CA ILE A 4 9.14 24.96 -2.76
C ILE A 4 7.87 25.04 -1.92
N ILE A 5 8.03 25.32 -0.63
CA ILE A 5 6.88 25.40 0.26
C ILE A 5 6.71 26.78 0.88
N LEU A 6 5.57 27.41 0.60
CA LEU A 6 5.25 28.73 1.14
C LEU A 6 4.10 28.60 2.11
N GLU A 7 3.93 29.60 2.97
CA GLU A 7 2.89 29.61 3.98
C GLU A 7 1.47 29.61 3.41
N HIS A 8 1.14 30.65 2.62
CA HIS A 8 -0.20 30.77 2.06
C HIS A 8 -0.24 30.83 0.54
N TYR A 9 -1.45 30.81 0.00
CA TYR A 9 -1.68 30.86 -1.44
C TYR A 9 -1.02 32.08 -2.07
N SER A 10 -1.21 33.24 -1.43
CA SER A 10 -0.65 34.48 -1.96
C SER A 10 0.87 34.39 -2.11
N GLN A 11 1.52 33.79 -1.12
CA GLN A 11 2.97 33.67 -1.16
C GLN A 11 3.43 32.67 -2.21
N ALA A 12 2.69 31.57 -2.36
CA ALA A 12 3.03 30.56 -3.36
C ALA A 12 2.87 31.16 -4.75
N SER A 13 1.77 31.90 -4.93
CA SER A 13 1.48 32.57 -6.21
C SER A 13 2.58 33.55 -6.55
N GLU A 14 2.99 34.33 -5.56
CA GLU A 14 4.03 35.32 -5.74
C GLU A 14 5.38 34.69 -6.08
N TRP A 15 5.73 33.60 -5.38
CA TRP A 15 7.01 32.95 -5.64
C TRP A 15 7.05 32.50 -7.10
N ALA A 16 5.98 31.89 -7.56
CA ALA A 16 5.90 31.40 -8.94
C ALA A 16 6.03 32.55 -9.93
N ALA A 17 5.37 33.67 -9.63
CA ALA A 17 5.43 34.83 -10.50
C ALA A 17 6.85 35.38 -10.55
N LYS A 18 7.50 35.48 -9.39
CA LYS A 18 8.87 35.99 -9.33
C LYS A 18 9.81 35.11 -10.12
N TYR A 19 9.60 33.80 -10.04
CA TYR A 19 10.47 32.87 -10.75
C TYR A 19 10.33 33.05 -12.26
N ILE A 20 9.09 33.14 -12.73
CA ILE A 20 8.84 33.34 -14.16
C ILE A 20 9.48 34.65 -14.60
N ARG A 21 9.31 35.68 -13.79
CA ARG A 21 9.89 36.99 -14.07
C ARG A 21 11.40 36.92 -14.22
N ASN A 22 12.08 36.31 -13.25
CA ASN A 22 13.53 36.19 -13.31
C ASN A 22 13.99 35.34 -14.50
N ARG A 23 13.28 34.24 -14.76
CA ARG A 23 13.67 33.40 -15.87
C ARG A 23 13.57 34.13 -17.21
N ILE A 24 12.51 34.92 -17.38
CA ILE A 24 12.33 35.66 -18.62
C ILE A 24 13.41 36.74 -18.77
N ILE A 25 13.56 37.57 -17.74
CA ILE A 25 14.55 38.64 -17.79
C ILE A 25 15.96 38.11 -18.00
N GLN A 26 16.35 37.09 -17.25
CA GLN A 26 17.68 36.53 -17.40
C GLN A 26 17.87 35.78 -18.71
N PHE A 27 16.77 35.29 -19.28
CA PHE A 27 16.84 34.59 -20.57
C PHE A 27 17.11 35.68 -21.60
N ASN A 28 16.57 36.87 -21.34
CA ASN A 28 16.73 38.03 -22.20
C ASN A 28 16.31 37.73 -23.64
N PRO A 29 15.00 37.48 -23.84
CA PRO A 29 14.46 37.17 -25.16
C PRO A 29 14.53 38.34 -26.13
N GLY A 30 14.65 38.02 -27.42
CA GLY A 30 14.73 39.05 -28.45
C GLY A 30 14.11 38.57 -29.74
N PRO A 31 14.22 39.36 -30.82
CA PRO A 31 13.67 39.02 -32.14
C PRO A 31 14.06 37.65 -32.65
N GLU A 32 15.32 37.27 -32.42
CA GLU A 32 15.81 35.98 -32.89
C GLU A 32 15.93 34.95 -31.78
N LYS A 33 15.33 35.24 -30.62
CA LYS A 33 15.42 34.33 -29.48
C LYS A 33 14.26 34.52 -28.52
N TYR A 34 13.09 34.00 -28.88
CA TYR A 34 11.91 34.14 -28.02
C TYR A 34 11.96 33.20 -26.83
N PHE A 35 11.25 33.57 -25.78
CA PHE A 35 11.15 32.77 -24.57
C PHE A 35 9.80 32.07 -24.70
N THR A 36 9.79 30.74 -24.78
CA THR A 36 8.55 30.00 -24.92
C THR A 36 8.05 29.54 -23.57
N LEU A 37 6.79 29.90 -23.28
CA LEU A 37 6.18 29.59 -21.99
C LEU A 37 4.88 28.79 -22.11
N GLY A 38 4.86 27.62 -21.47
CA GLY A 38 3.65 26.79 -21.45
C GLY A 38 2.81 27.26 -20.28
N LEU A 39 1.50 27.37 -20.46
CA LEU A 39 0.63 27.88 -19.40
C LEU A 39 -0.64 27.10 -19.08
N PRO A 40 -1.11 27.19 -17.82
CA PRO A 40 -2.32 26.54 -17.33
C PRO A 40 -3.41 27.57 -17.05
N THR A 41 -4.62 27.12 -16.74
CA THR A 41 -5.71 28.02 -16.40
C THR A 41 -6.19 27.61 -15.01
N GLY A 42 -7.31 28.17 -14.58
CA GLY A 42 -7.84 27.80 -13.28
C GLY A 42 -7.60 28.80 -12.18
N SER A 43 -8.24 28.56 -11.03
N SER A 43 -8.24 28.57 -11.04
CA SER A 43 -8.12 29.44 -9.88
CA SER A 43 -8.11 29.46 -9.90
C SER A 43 -6.70 29.43 -9.32
C SER A 43 -6.69 29.44 -9.32
N THR A 44 -6.02 28.30 -9.43
CA THR A 44 -4.66 28.19 -8.90
C THR A 44 -3.65 29.17 -9.48
N PRO A 45 -3.53 29.24 -10.81
CA PRO A 45 -2.56 30.18 -11.36
C PRO A 45 -3.01 31.65 -11.43
N LEU A 46 -4.26 31.93 -11.07
CA LEU A 46 -4.76 33.30 -11.16
C LEU A 46 -3.92 34.28 -10.34
N GLY A 47 -3.56 33.88 -9.12
CA GLY A 47 -2.74 34.75 -8.28
C GLY A 47 -1.41 35.04 -8.95
N CYS A 48 -0.86 34.05 -9.64
CA CYS A 48 0.41 34.20 -10.33
C CYS A 48 0.24 35.18 -11.50
N TYR A 49 -0.82 35.00 -12.27
CA TYR A 49 -1.08 35.89 -13.39
C TYR A 49 -1.23 37.32 -12.92
N LYS A 50 -1.94 37.52 -11.81
CA LYS A 50 -2.14 38.87 -11.29
C LYS A 50 -0.82 39.54 -10.93
N LYS A 51 0.09 38.79 -10.32
CA LYS A 51 1.39 39.34 -9.97
C LYS A 51 2.20 39.68 -11.21
N LEU A 52 2.16 38.79 -12.20
CA LEU A 52 2.89 39.02 -13.44
C LEU A 52 2.41 40.32 -14.09
N ILE A 53 1.11 40.55 -14.02
CA ILE A 53 0.52 41.76 -14.61
C ILE A 53 1.05 42.97 -13.82
N GLU A 54 1.10 42.83 -12.49
CA GLU A 54 1.60 43.91 -11.64
C GLU A 54 3.02 44.26 -12.05
N TYR A 55 3.84 43.24 -12.28
CA TYR A 55 5.22 43.44 -12.69
C TYR A 55 5.30 44.16 -14.02
N TYR A 56 4.38 43.83 -14.92
CA TYR A 56 4.35 44.46 -16.24
C TYR A 56 3.96 45.93 -16.11
N LYS A 57 2.91 46.20 -15.34
CA LYS A 57 2.42 47.57 -15.15
C LYS A 57 3.49 48.44 -14.49
N ASN A 58 4.30 47.83 -13.63
CA ASN A 58 5.35 48.55 -12.93
C ASN A 58 6.55 48.79 -13.85
N GLY A 59 6.52 48.19 -15.03
CA GLY A 59 7.59 48.36 -15.98
C GLY A 59 8.84 47.53 -15.70
N ASP A 60 8.67 46.44 -14.94
CA ASP A 60 9.79 45.58 -14.59
C ASP A 60 9.89 44.32 -15.46
N LEU A 61 8.82 44.03 -16.19
CA LEU A 61 8.80 42.82 -17.02
C LEU A 61 8.04 43.02 -18.32
N SER A 62 8.57 42.48 -19.41
CA SER A 62 7.93 42.60 -20.71
C SER A 62 7.73 41.24 -21.36
N PHE A 63 6.58 41.08 -22.01
CA PHE A 63 6.25 39.83 -22.70
C PHE A 63 6.33 40.00 -24.21
N LYS A 64 6.90 41.10 -24.67
CA LYS A 64 7.01 41.35 -26.10
C LYS A 64 7.64 40.20 -26.87
N TYR A 65 8.71 39.61 -26.32
CA TYR A 65 9.37 38.50 -26.99
C TYR A 65 9.12 37.16 -26.32
N VAL A 66 7.89 36.96 -25.87
CA VAL A 66 7.49 35.71 -25.24
C VAL A 66 6.38 35.07 -26.08
N LYS A 67 6.45 33.77 -26.26
CA LYS A 67 5.42 33.02 -26.99
C LYS A 67 4.81 32.09 -25.96
N THR A 68 3.49 31.97 -25.96
CA THR A 68 2.83 31.10 -25.00
C THR A 68 2.07 29.97 -25.66
N PHE A 69 1.98 28.85 -24.94
CA PHE A 69 1.24 27.69 -25.41
C PHE A 69 0.44 27.18 -24.24
N ASN A 70 -0.88 27.25 -24.31
CA ASN A 70 -1.70 26.76 -23.22
C ASN A 70 -1.82 25.25 -23.29
N MET A 71 -1.92 24.60 -22.14
CA MET A 71 -2.00 23.15 -22.11
C MET A 71 -3.27 22.52 -22.67
N ASP A 72 -4.39 23.24 -22.61
CA ASP A 72 -5.63 22.65 -23.08
C ASP A 72 -6.77 23.62 -23.35
N GLU A 73 -7.90 23.06 -23.76
CA GLU A 73 -9.12 23.82 -24.04
C GLU A 73 -10.25 22.84 -24.23
N TYR A 74 -11.45 23.25 -23.84
CA TYR A 74 -12.64 22.42 -23.97
C TYR A 74 -13.06 22.24 -25.42
N VAL A 75 -13.59 21.06 -25.71
CA VAL A 75 -14.07 20.75 -27.05
C VAL A 75 -15.56 21.12 -27.13
N GLY A 76 -15.96 21.77 -28.21
CA GLY A 76 -17.36 22.13 -28.39
C GLY A 76 -17.94 23.25 -27.54
N LEU A 77 -17.07 24.04 -26.92
CA LEU A 77 -17.53 25.16 -26.11
C LEU A 77 -17.23 26.45 -26.85
N PRO A 78 -18.21 27.36 -26.95
CA PRO A 78 -17.99 28.63 -27.67
C PRO A 78 -16.72 29.32 -27.19
N ARG A 79 -15.90 29.78 -28.14
CA ARG A 79 -14.65 30.45 -27.79
C ARG A 79 -14.89 31.67 -26.91
N ASP A 80 -16.03 32.35 -27.13
CA ASP A 80 -16.37 33.54 -26.36
C ASP A 80 -17.11 33.19 -25.06
N HIS A 81 -17.34 31.91 -24.83
CA HIS A 81 -18.03 31.50 -23.60
C HIS A 81 -17.15 31.92 -22.42
N PRO A 82 -17.77 32.50 -21.38
N PRO A 82 -17.77 32.49 -21.37
CA PRO A 82 -17.03 32.95 -20.20
CA PRO A 82 -17.06 32.95 -20.19
C PRO A 82 -16.21 31.87 -19.50
C PRO A 82 -16.22 31.87 -19.49
N GLU A 83 -16.49 30.61 -19.81
CA GLU A 83 -15.76 29.51 -19.19
C GLU A 83 -14.70 28.86 -20.07
N SER A 84 -14.62 29.27 -21.33
CA SER A 84 -13.64 28.70 -22.25
C SER A 84 -12.26 29.12 -21.77
N TYR A 85 -11.24 28.36 -22.12
CA TYR A 85 -9.90 28.71 -21.69
C TYR A 85 -9.35 29.86 -22.54
N HIS A 86 -9.97 30.09 -23.69
CA HIS A 86 -9.58 31.21 -24.55
C HIS A 86 -9.96 32.47 -23.77
N SER A 87 -11.18 32.48 -23.25
CA SER A 87 -11.68 33.61 -22.48
C SER A 87 -10.92 33.79 -21.19
N PHE A 88 -10.54 32.68 -20.56
CA PHE A 88 -9.80 32.76 -19.31
C PHE A 88 -8.46 33.47 -19.53
N MET A 89 -7.73 33.04 -20.56
CA MET A 89 -6.43 33.62 -20.84
C MET A 89 -6.52 35.06 -21.34
N TRP A 90 -7.49 35.34 -22.19
CA TRP A 90 -7.64 36.69 -22.70
C TRP A 90 -7.96 37.67 -21.57
N ASN A 91 -9.01 37.39 -20.83
CA ASN A 91 -9.44 38.27 -19.75
C ASN A 91 -8.58 38.31 -18.50
N ASN A 92 -7.95 37.20 -18.15
CA ASN A 92 -7.13 37.18 -16.94
C ASN A 92 -5.65 37.45 -17.16
N PHE A 93 -5.20 37.50 -18.40
CA PHE A 93 -3.78 37.72 -18.63
C PHE A 93 -3.38 38.48 -19.89
N PHE A 94 -3.65 37.90 -21.06
CA PHE A 94 -3.24 38.52 -22.31
C PHE A 94 -3.64 39.97 -22.55
N LYS A 95 -4.90 40.32 -22.30
CA LYS A 95 -5.33 41.70 -22.55
C LYS A 95 -4.69 42.71 -21.60
N HIS A 96 -4.00 42.21 -20.58
CA HIS A 96 -3.35 43.10 -19.61
C HIS A 96 -1.86 43.24 -19.80
N ILE A 97 -1.28 42.55 -20.78
CA ILE A 97 0.16 42.64 -21.01
C ILE A 97 0.53 43.01 -22.45
N ASP A 98 1.83 43.09 -22.72
CA ASP A 98 2.31 43.47 -24.04
C ASP A 98 2.76 42.31 -24.92
N ILE A 99 2.13 41.16 -24.74
CA ILE A 99 2.48 40.00 -25.53
C ILE A 99 1.75 40.16 -26.87
N HIS A 100 2.39 39.76 -27.96
CA HIS A 100 1.79 39.89 -29.28
C HIS A 100 0.79 38.75 -29.49
N PRO A 101 -0.41 39.07 -29.99
CA PRO A 101 -1.47 38.07 -30.23
C PRO A 101 -1.05 36.88 -31.09
N GLU A 102 -0.20 37.13 -32.09
CA GLU A 102 0.25 36.05 -32.96
C GLU A 102 1.18 35.10 -32.22
N ASN A 103 1.64 35.51 -31.05
CA ASN A 103 2.56 34.68 -30.27
C ASN A 103 1.91 33.91 -29.12
N THR A 104 0.59 34.00 -29.02
CA THR A 104 -0.15 33.29 -27.98
C THR A 104 -0.87 32.15 -28.71
N HIS A 105 -0.73 30.93 -28.20
CA HIS A 105 -1.34 29.78 -28.84
C HIS A 105 -2.21 28.97 -27.89
N ILE A 106 -3.45 28.76 -28.31
CA ILE A 106 -4.41 27.99 -27.53
C ILE A 106 -5.13 27.02 -28.47
N LEU A 107 -5.26 25.77 -28.05
CA LEU A 107 -5.93 24.76 -28.85
C LEU A 107 -7.36 25.17 -29.19
N ASP A 108 -7.76 24.94 -30.44
CA ASP A 108 -9.12 25.28 -30.90
C ASP A 108 -10.04 24.08 -30.74
N GLY A 109 -10.81 24.08 -29.66
CA GLY A 109 -11.73 23.00 -29.37
C GLY A 109 -12.94 22.94 -30.27
N ASN A 110 -13.05 23.88 -31.21
CA ASN A 110 -14.19 23.90 -32.12
C ASN A 110 -13.80 23.53 -33.54
N ALA A 111 -12.56 23.07 -33.72
CA ALA A 111 -12.09 22.68 -35.03
C ALA A 111 -12.86 21.45 -35.48
N VAL A 112 -13.11 21.34 -36.78
CA VAL A 112 -13.84 20.19 -37.32
C VAL A 112 -12.99 18.93 -37.21
N ASP A 113 -11.70 19.06 -37.50
CA ASP A 113 -10.77 17.93 -37.42
C ASP A 113 -9.92 18.14 -36.17
N LEU A 114 -10.41 17.67 -35.03
CA LEU A 114 -9.71 17.81 -33.76
C LEU A 114 -8.28 17.28 -33.70
N GLN A 115 -8.05 16.08 -34.23
CA GLN A 115 -6.71 15.52 -34.20
C GLN A 115 -5.74 16.35 -35.05
N ALA A 116 -6.23 16.91 -36.14
CA ALA A 116 -5.38 17.73 -37.00
C ALA A 116 -5.01 18.99 -36.24
N GLU A 117 -5.96 19.54 -35.48
CA GLU A 117 -5.73 20.74 -34.70
C GLU A 117 -4.66 20.42 -33.65
N CYS A 118 -4.74 19.24 -33.06
CA CYS A 118 -3.78 18.83 -32.04
C CYS A 118 -2.39 18.66 -32.65
N ASP A 119 -2.32 17.98 -33.80
CA ASP A 119 -1.05 17.76 -34.46
C ASP A 119 -0.41 19.08 -34.88
N ALA A 120 -1.25 20.03 -35.28
CA ALA A 120 -0.76 21.34 -35.70
C ALA A 120 -0.19 22.09 -34.49
N PHE A 121 -0.74 21.82 -33.32
CA PHE A 121 -0.27 22.48 -32.09
C PHE A 121 1.15 22.00 -31.81
N GLU A 122 1.38 20.70 -31.94
CA GLU A 122 2.71 20.16 -31.70
C GLU A 122 3.69 20.76 -32.71
N GLU A 123 3.23 20.96 -33.95
CA GLU A 123 4.09 21.54 -34.96
C GLU A 123 4.50 22.96 -34.60
N LYS A 124 3.56 23.72 -34.04
N LYS A 124 3.56 23.72 -34.04
CA LYS A 124 3.84 25.09 -33.64
CA LYS A 124 3.84 25.09 -33.64
C LYS A 124 4.87 25.12 -32.52
C LYS A 124 4.88 25.11 -32.52
N ILE A 125 4.73 24.20 -31.56
CA ILE A 125 5.68 24.13 -30.45
C ILE A 125 7.08 23.85 -31.02
N LYS A 126 7.15 22.91 -31.95
CA LYS A 126 8.43 22.55 -32.57
C LYS A 126 9.02 23.74 -33.32
N ALA A 127 8.18 24.44 -34.07
CA ALA A 127 8.61 25.58 -34.86
C ALA A 127 9.14 26.69 -33.96
N ALA A 128 8.60 26.79 -32.75
CA ALA A 128 9.03 27.82 -31.81
C ALA A 128 10.31 27.41 -31.08
N GLY A 129 10.75 26.18 -31.33
CA GLY A 129 11.97 25.70 -30.72
C GLY A 129 11.79 24.96 -29.40
N GLY A 130 10.58 24.48 -29.15
CA GLY A 130 10.32 23.77 -27.91
C GLY A 130 9.90 24.74 -26.81
N ILE A 131 9.53 24.20 -25.64
CA ILE A 131 9.10 25.03 -24.52
C ILE A 131 10.23 25.20 -23.50
N GLU A 132 10.55 26.46 -23.19
CA GLU A 132 11.60 26.76 -22.21
C GLU A 132 11.14 26.47 -20.79
N LEU A 133 9.92 26.88 -20.47
CA LEU A 133 9.36 26.67 -19.14
C LEU A 133 7.87 26.39 -19.25
N PHE A 134 7.45 25.22 -18.78
CA PHE A 134 6.03 24.89 -18.83
C PHE A 134 5.46 24.97 -17.43
N VAL A 135 4.48 25.85 -17.25
CA VAL A 135 3.83 26.02 -15.96
C VAL A 135 2.55 25.22 -15.98
N GLY A 136 2.33 24.45 -14.92
CA GLY A 136 1.12 23.66 -14.85
C GLY A 136 0.58 23.58 -13.45
N GLY A 137 -0.42 22.72 -13.28
CA GLY A 137 -1.02 22.52 -11.98
C GLY A 137 -1.29 21.04 -11.85
N ILE A 138 -2.01 20.65 -10.81
CA ILE A 138 -2.33 19.23 -10.62
C ILE A 138 -3.81 19.13 -10.28
N GLY A 139 -4.49 18.16 -10.90
CA GLY A 139 -5.90 17.97 -10.62
C GLY A 139 -6.09 17.09 -9.39
N PRO A 140 -7.33 16.99 -8.87
CA PRO A 140 -7.59 16.16 -7.69
C PRO A 140 -7.31 14.69 -8.00
N ASP A 141 -7.25 14.40 -9.30
CA ASP A 141 -6.99 13.06 -9.81
C ASP A 141 -5.52 12.95 -10.21
N GLY A 142 -4.74 13.95 -9.82
CA GLY A 142 -3.32 13.97 -10.14
C GLY A 142 -2.97 14.29 -11.58
N HIS A 143 -3.94 14.74 -12.38
CA HIS A 143 -3.64 15.00 -13.79
C HIS A 143 -2.82 16.23 -14.10
N ILE A 144 -2.06 16.14 -15.19
CA ILE A 144 -1.31 17.28 -15.71
C ILE A 144 -2.16 17.57 -16.96
N ALA A 145 -2.57 18.82 -17.14
CA ALA A 145 -3.43 19.20 -18.26
C ALA A 145 -4.67 18.31 -18.15
N PHE A 146 -5.12 17.72 -19.26
CA PHE A 146 -6.26 16.82 -19.17
C PHE A 146 -5.84 15.38 -19.44
N ASN A 147 -4.64 15.05 -18.98
CA ASN A 147 -4.14 13.68 -19.11
C ASN A 147 -4.72 12.95 -17.90
N GLU A 148 -5.98 12.58 -18.04
CA GLU A 148 -6.74 11.90 -16.99
C GLU A 148 -6.12 10.56 -16.61
N PRO A 149 -6.51 10.02 -15.44
CA PRO A 149 -5.97 8.73 -14.99
C PRO A 149 -6.05 7.71 -16.11
N GLY A 150 -4.96 6.98 -16.34
CA GLY A 150 -4.95 5.98 -17.39
C GLY A 150 -4.43 6.50 -18.73
N SER A 151 -3.83 7.68 -18.72
CA SER A 151 -3.27 8.29 -19.94
C SER A 151 -1.82 7.86 -20.10
N SER A 152 -1.40 7.66 -21.35
CA SER A 152 -0.02 7.28 -21.62
C SER A 152 0.91 8.35 -21.08
N LEU A 153 1.96 7.92 -20.40
CA LEU A 153 2.91 8.87 -19.84
C LEU A 153 3.86 9.45 -20.88
N VAL A 154 3.71 9.04 -22.15
CA VAL A 154 4.54 9.59 -23.22
C VAL A 154 3.62 10.12 -24.33
N SER A 155 2.38 10.40 -23.94
CA SER A 155 1.37 10.91 -24.86
C SER A 155 1.70 12.28 -25.44
N ARG A 156 1.14 12.55 -26.61
CA ARG A 156 1.34 13.84 -27.27
C ARG A 156 -0.01 14.55 -27.22
N THR A 157 -0.12 15.71 -27.86
CA THR A 157 -1.38 16.46 -27.86
C THR A 157 -2.47 15.66 -28.56
N ARG A 158 -3.64 15.58 -27.94
CA ARG A 158 -4.75 14.82 -28.50
C ARG A 158 -6.05 15.14 -27.79
N VAL A 159 -7.11 14.45 -28.22
CA VAL A 159 -8.42 14.63 -27.60
C VAL A 159 -8.52 13.70 -26.40
N LYS A 160 -9.05 14.19 -25.30
CA LYS A 160 -9.23 13.35 -24.12
C LYS A 160 -10.62 13.60 -23.53
N THR A 161 -11.20 12.54 -23.00
CA THR A 161 -12.51 12.61 -22.38
C THR A 161 -12.29 12.81 -20.89
N LEU A 162 -12.90 13.86 -20.35
CA LEU A 162 -12.75 14.18 -18.94
C LEU A 162 -13.30 13.08 -18.02
N ALA A 163 -12.55 12.79 -16.96
CA ALA A 163 -12.95 11.77 -16.00
C ALA A 163 -13.88 12.38 -14.94
N MET A 164 -14.45 11.52 -14.11
CA MET A 164 -15.38 11.94 -13.06
C MET A 164 -14.90 13.08 -12.17
N ASP A 165 -13.73 12.92 -11.56
CA ASP A 165 -13.19 13.95 -10.67
C ASP A 165 -13.14 15.31 -11.33
N THR A 166 -12.64 15.35 -12.56
CA THR A 166 -12.53 16.61 -13.30
C THR A 166 -13.90 17.22 -13.56
N ILE A 167 -14.84 16.39 -13.98
CA ILE A 167 -16.19 16.85 -14.25
C ILE A 167 -16.80 17.46 -12.99
N LEU A 168 -16.74 16.72 -11.90
CA LEU A 168 -17.28 17.19 -10.63
C LEU A 168 -16.60 18.47 -10.14
N ALA A 169 -15.27 18.50 -10.21
CA ALA A 169 -14.51 19.66 -9.77
C ALA A 169 -14.78 20.89 -10.64
N ASN A 170 -15.12 20.66 -11.90
CA ASN A 170 -15.38 21.75 -12.83
C ASN A 170 -16.86 22.04 -13.00
N ALA A 171 -17.72 21.25 -12.33
CA ALA A 171 -19.16 21.43 -12.41
C ALA A 171 -19.52 22.78 -11.84
N ARG A 172 -18.65 23.37 -11.02
N ARG A 172 -18.63 23.30 -10.98
CA ARG A 172 -19.04 24.68 -10.46
CA ARG A 172 -18.80 24.60 -10.38
C ARG A 172 -18.92 25.74 -11.55
C ARG A 172 -18.88 25.64 -11.47
N PHE A 173 -18.05 25.53 -12.52
CA PHE A 173 -18.02 26.56 -13.55
C PHE A 173 -19.10 26.60 -14.62
N PHE A 174 -19.99 25.63 -14.50
CA PHE A 174 -21.12 25.47 -15.38
C PHE A 174 -22.45 25.31 -14.64
N ASP A 175 -22.95 26.35 -13.99
CA ASP A 175 -24.22 26.26 -13.25
C ASP A 175 -24.19 25.16 -12.20
N GLY A 176 -22.98 24.77 -11.78
CA GLY A 176 -22.88 23.73 -10.77
C GLY A 176 -23.51 22.43 -11.25
N GLU A 177 -23.81 22.39 -12.54
CA GLU A 177 -24.43 21.22 -13.14
C GLU A 177 -23.44 20.36 -13.93
N LEU A 178 -23.37 19.08 -13.57
CA LEU A 178 -22.46 18.11 -14.19
C LEU A 178 -22.52 18.00 -15.71
N THR A 179 -23.61 17.44 -16.22
CA THR A 179 -23.77 17.23 -17.66
C THR A 179 -23.56 18.49 -18.51
N LYS A 180 -23.38 19.63 -17.85
CA LYS A 180 -23.17 20.89 -18.54
C LYS A 180 -21.69 21.08 -18.87
N VAL A 181 -20.83 20.36 -18.16
CA VAL A 181 -19.40 20.46 -18.38
C VAL A 181 -19.04 19.74 -19.68
N PRO A 182 -18.24 20.37 -20.55
CA PRO A 182 -17.85 19.73 -21.81
C PRO A 182 -17.34 18.32 -21.58
N THR A 183 -17.81 17.38 -22.40
CA THR A 183 -17.41 15.98 -22.30
C THR A 183 -15.94 15.75 -22.60
N MET A 184 -15.41 16.50 -23.56
CA MET A 184 -14.02 16.33 -23.96
C MET A 184 -13.22 17.62 -24.00
N ALA A 185 -11.91 17.48 -24.18
CA ALA A 185 -11.02 18.63 -24.26
C ALA A 185 -9.83 18.27 -25.12
N LEU A 186 -9.18 19.28 -25.68
CA LEU A 186 -7.97 19.07 -26.46
C LEU A 186 -6.89 19.33 -25.43
N THR A 187 -5.89 18.47 -25.37
CA THR A 187 -4.85 18.66 -24.35
C THR A 187 -3.45 18.24 -24.79
N VAL A 188 -2.44 18.96 -24.34
CA VAL A 188 -1.07 18.60 -24.63
C VAL A 188 -0.89 17.27 -23.89
N GLY A 189 0.04 16.45 -24.35
CA GLY A 189 0.25 15.16 -23.71
C GLY A 189 1.24 15.24 -22.57
N VAL A 190 1.39 14.14 -21.84
CA VAL A 190 2.33 14.10 -20.74
C VAL A 190 3.72 14.24 -21.38
N GLY A 191 3.91 13.58 -22.51
CA GLY A 191 5.19 13.67 -23.22
C GLY A 191 5.47 15.09 -23.69
N THR A 192 4.43 15.78 -24.13
CA THR A 192 4.56 17.16 -24.60
C THR A 192 5.12 18.05 -23.48
N VAL A 193 4.59 17.90 -22.28
CA VAL A 193 5.05 18.70 -21.15
C VAL A 193 6.44 18.27 -20.71
N MET A 194 6.68 16.96 -20.74
CA MET A 194 7.98 16.40 -20.36
C MET A 194 9.09 16.93 -21.25
N ASP A 195 8.76 17.29 -22.49
CA ASP A 195 9.77 17.81 -23.42
C ASP A 195 10.21 19.23 -23.10
N ALA A 196 9.52 19.90 -22.19
CA ALA A 196 9.89 21.26 -21.83
C ALA A 196 11.24 21.22 -21.11
N ARG A 197 12.05 22.27 -21.27
CA ARG A 197 13.35 22.32 -20.62
C ARG A 197 13.21 22.36 -19.10
N GLU A 198 12.14 22.98 -18.64
CA GLU A 198 11.85 23.07 -17.21
C GLU A 198 10.34 23.04 -17.03
N VAL A 199 9.90 22.38 -15.96
CA VAL A 199 8.48 22.29 -15.66
C VAL A 199 8.26 22.80 -14.25
N MET A 200 7.28 23.69 -14.09
CA MET A 200 6.95 24.22 -12.77
C MET A 200 5.48 23.94 -12.52
N ILE A 201 5.21 23.15 -11.49
CA ILE A 201 3.83 22.80 -11.14
C ILE A 201 3.43 23.57 -9.88
N LEU A 202 2.34 24.33 -9.99
N LEU A 202 2.32 24.30 -9.98
CA LEU A 202 1.85 25.12 -8.86
CA LEU A 202 1.81 25.08 -8.85
C LEU A 202 0.69 24.37 -8.22
C LEU A 202 0.68 24.29 -8.19
N ILE A 203 0.81 24.10 -6.92
N ILE A 203 0.80 24.07 -6.89
CA ILE A 203 -0.21 23.37 -6.19
CA ILE A 203 -0.21 23.32 -6.14
C ILE A 203 -0.59 24.10 -4.90
C ILE A 203 -0.59 24.07 -4.87
N THR A 204 -1.87 24.40 -4.73
CA THR A 204 -2.33 25.10 -3.54
C THR A 204 -3.64 24.54 -3.01
N GLY A 205 -3.78 24.48 -1.68
CA GLY A 205 -5.01 23.99 -1.10
C GLY A 205 -4.98 22.56 -0.60
N ALA A 206 -5.67 22.33 0.52
CA ALA A 206 -5.74 21.00 1.11
C ALA A 206 -6.43 20.00 0.19
N HIS A 207 -7.27 20.49 -0.72
CA HIS A 207 -7.98 19.62 -1.63
C HIS A 207 -7.07 19.00 -2.68
N LYS A 208 -5.83 19.48 -2.75
CA LYS A 208 -4.85 18.94 -3.71
C LYS A 208 -3.79 18.11 -2.99
N ALA A 209 -3.86 18.08 -1.65
CA ALA A 209 -2.88 17.36 -0.85
C ALA A 209 -2.72 15.88 -1.21
N PHE A 210 -3.84 15.16 -1.34
CA PHE A 210 -3.75 13.75 -1.68
C PHE A 210 -3.13 13.52 -3.05
N ALA A 211 -3.53 14.34 -4.02
CA ALA A 211 -2.99 14.20 -5.38
C ALA A 211 -1.49 14.46 -5.39
N LEU A 212 -1.03 15.44 -4.63
CA LEU A 212 0.39 15.77 -4.57
C LEU A 212 1.14 14.57 -3.98
N TYR A 213 0.59 14.02 -2.90
CA TYR A 213 1.18 12.85 -2.26
C TYR A 213 1.33 11.73 -3.28
N LYS A 214 0.27 11.47 -4.04
CA LYS A 214 0.32 10.43 -5.06
C LYS A 214 1.37 10.72 -6.13
N ALA A 215 1.49 11.98 -6.50
CA ALA A 215 2.42 12.40 -7.54
C ALA A 215 3.90 12.42 -7.17
N ILE A 216 4.24 12.76 -5.93
CA ILE A 216 5.64 12.80 -5.57
C ILE A 216 6.11 11.89 -4.44
N GLU A 217 5.17 11.25 -3.75
CA GLU A 217 5.55 10.33 -2.68
C GLU A 217 5.42 8.89 -3.19
N GLU A 218 4.37 8.62 -3.97
CA GLU A 218 4.23 7.29 -4.56
C GLU A 218 4.97 7.33 -5.90
N GLY A 219 5.11 6.19 -6.57
CA GLY A 219 5.87 6.15 -7.80
C GLY A 219 5.22 6.54 -9.12
N VAL A 220 5.98 6.40 -10.20
CA VAL A 220 5.52 6.72 -11.54
C VAL A 220 4.33 5.83 -11.84
N ASN A 221 3.19 6.46 -12.10
CA ASN A 221 1.94 5.73 -12.33
C ASN A 221 1.05 6.55 -13.26
N HIS A 222 0.56 5.94 -14.35
CA HIS A 222 -0.30 6.67 -15.26
C HIS A 222 -1.66 7.03 -14.69
N MET A 223 -1.95 6.58 -13.47
CA MET A 223 -3.22 6.91 -12.83
C MET A 223 -3.13 8.31 -12.21
N TRP A 224 -1.90 8.77 -11.99
CA TRP A 224 -1.66 10.10 -11.40
C TRP A 224 -0.55 10.68 -12.27
N THR A 225 -0.93 11.21 -13.43
CA THR A 225 0.03 11.67 -14.41
C THR A 225 1.11 12.69 -14.05
N VAL A 226 0.90 13.50 -13.00
CA VAL A 226 1.95 14.44 -12.63
C VAL A 226 3.16 13.63 -12.11
N SER A 227 2.92 12.38 -11.73
CA SER A 227 4.00 11.53 -11.24
C SER A 227 5.07 11.31 -12.33
N ALA A 228 4.70 11.57 -13.58
CA ALA A 228 5.64 11.40 -14.69
C ALA A 228 6.88 12.26 -14.53
N PHE A 229 6.73 13.42 -13.90
CA PHE A 229 7.86 14.32 -13.75
C PHE A 229 8.97 13.86 -12.82
N GLN A 230 8.78 12.69 -12.21
CA GLN A 230 9.82 12.13 -11.36
C GLN A 230 10.98 11.77 -12.29
N GLN A 231 10.68 11.66 -13.58
CA GLN A 231 11.71 11.33 -14.58
C GLN A 231 12.05 12.50 -15.50
N HIS A 232 11.79 13.71 -15.02
CA HIS A 232 12.11 14.92 -15.77
C HIS A 232 13.35 15.49 -15.08
N PRO A 233 14.30 16.02 -15.86
CA PRO A 233 15.52 16.56 -15.24
C PRO A 233 15.43 17.88 -14.49
N ARG A 234 14.37 18.64 -14.74
CA ARG A 234 14.25 19.94 -14.09
C ARG A 234 12.81 20.34 -13.81
N THR A 235 12.27 19.82 -12.71
CA THR A 235 10.90 20.13 -12.31
C THR A 235 10.88 20.82 -10.95
N VAL A 236 10.04 21.84 -10.86
CA VAL A 236 9.88 22.61 -9.64
C VAL A 236 8.41 22.55 -9.21
N PHE A 237 8.18 22.15 -7.97
CA PHE A 237 6.84 22.08 -7.42
C PHE A 237 6.70 23.23 -6.42
N VAL A 238 5.80 24.17 -6.70
CA VAL A 238 5.59 25.30 -5.79
C VAL A 238 4.23 25.11 -5.12
N CYS A 239 4.22 25.05 -3.79
N CYS A 239 4.23 25.00 -3.80
CA CYS A 239 2.97 24.86 -3.09
CA CYS A 239 2.99 24.81 -3.06
C CYS A 239 2.89 25.65 -1.80
C CYS A 239 2.90 25.64 -1.79
N ASP A 240 1.72 25.65 -1.19
CA ASP A 240 1.52 26.35 0.07
C ASP A 240 1.42 25.24 1.12
N GLU A 241 1.40 25.62 2.40
CA GLU A 241 1.35 24.64 3.48
C GLU A 241 0.23 23.61 3.36
N ASP A 242 -0.98 24.06 3.06
CA ASP A 242 -2.12 23.16 2.96
C ASP A 242 -1.97 22.05 1.92
N ALA A 243 -1.21 22.31 0.87
CA ALA A 243 -1.02 21.31 -0.17
C ALA A 243 -0.08 20.18 0.26
N THR A 244 0.65 20.40 1.35
CA THR A 244 1.60 19.39 1.83
C THR A 244 1.05 18.47 2.92
N LEU A 245 -0.21 18.66 3.30
CA LEU A 245 -0.82 17.86 4.37
C LEU A 245 -0.70 16.34 4.31
N GLU A 246 -0.63 15.77 3.11
CA GLU A 246 -0.55 14.33 2.98
C GLU A 246 0.87 13.77 2.83
N LEU A 247 1.86 14.65 2.76
CA LEU A 247 3.26 14.24 2.60
C LEU A 247 3.87 13.81 3.93
N LYS A 248 4.96 13.04 3.86
CA LYS A 248 5.62 12.61 5.08
C LYS A 248 6.38 13.79 5.68
N VAL A 249 6.39 13.86 6.99
CA VAL A 249 7.07 14.93 7.70
C VAL A 249 8.53 15.05 7.23
N LYS A 250 9.20 13.92 7.06
CA LYS A 250 10.60 13.91 6.63
C LYS A 250 10.82 14.65 5.31
N THR A 251 9.91 14.48 4.37
CA THR A 251 10.01 15.12 3.07
C THR A 251 9.89 16.64 3.16
N VAL A 252 8.90 17.09 3.92
CA VAL A 252 8.67 18.52 4.09
C VAL A 252 9.85 19.16 4.84
N LYS A 253 10.36 18.48 5.86
CA LYS A 253 11.51 18.99 6.62
C LYS A 253 12.70 19.20 5.69
N TYR A 254 12.98 18.20 4.87
CA TYR A 254 14.10 18.27 3.93
C TYR A 254 14.00 19.49 3.02
N PHE A 255 12.87 19.65 2.36
CA PHE A 255 12.72 20.77 1.45
C PHE A 255 12.57 22.12 2.12
N LYS A 256 12.03 22.16 3.33
CA LYS A 256 11.94 23.43 4.03
C LYS A 256 13.37 23.84 4.35
N GLY A 257 14.23 22.84 4.56
CA GLY A 257 15.63 23.09 4.85
C GLY A 257 16.36 23.68 3.65
N LEU A 258 15.81 23.46 2.45
CA LEU A 258 16.41 23.97 1.22
C LEU A 258 15.82 25.29 0.74
N MET A 259 14.88 25.85 1.50
CA MET A 259 14.26 27.10 1.07
C MET A 259 15.23 28.27 1.00
N LEU A 260 16.24 28.30 1.86
CA LEU A 260 17.20 29.40 1.81
C LEU A 260 17.93 29.33 0.47
N VAL A 261 18.32 28.12 0.06
CA VAL A 261 19.00 27.93 -1.21
C VAL A 261 18.07 28.25 -2.38
N HIS A 262 16.87 27.69 -2.33
CA HIS A 262 15.91 27.89 -3.41
C HIS A 262 15.36 29.30 -3.53
N ASN A 263 15.39 30.07 -2.44
CA ASN A 263 14.89 31.43 -2.54
C ASN A 263 15.85 32.29 -3.36
N LYS A 264 17.05 31.76 -3.61
CA LYS A 264 18.03 32.48 -4.41
C LYS A 264 17.50 32.56 -5.85
N LEU A 265 16.51 31.75 -6.15
CA LEU A 265 15.93 31.75 -7.49
C LEU A 265 15.01 32.95 -7.70
N VAL A 266 14.50 33.51 -6.61
CA VAL A 266 13.61 34.66 -6.70
C VAL A 266 14.15 35.87 -5.96
N ASP A 267 15.32 35.73 -5.35
CA ASP A 267 15.95 36.82 -4.60
C ASP A 267 17.46 36.78 -4.84
N PRO A 268 18.01 37.83 -5.46
CA PRO A 268 17.36 39.05 -5.95
C PRO A 268 16.32 38.86 -7.07
N LEU A 269 15.45 39.86 -7.19
CA LEU A 269 14.42 39.88 -8.21
C LEU A 269 14.90 40.85 -9.27
N TYR A 270 15.09 40.37 -10.50
CA TYR A 270 15.57 41.22 -11.58
C TYR A 270 14.48 42.08 -12.21
N SER A 271 14.90 43.05 -13.01
CA SER A 271 13.99 43.96 -13.69
C SER A 271 14.61 44.39 -15.01
N ILE A 272 13.76 44.73 -15.98
CA ILE A 272 14.25 45.16 -17.29
C ILE A 272 14.68 46.62 -17.24
N LYS A 273 14.29 47.31 -16.16
CA LYS A 273 14.65 48.71 -16.00
C LYS A 273 16.16 48.92 -15.98
N GLU A 274 16.60 50.09 -16.40
CA GLU A 274 18.02 50.43 -16.43
C GLU A 274 18.65 50.33 -15.05
N LYS A 275 19.93 49.96 -15.01
CA LYS A 275 20.65 49.83 -13.76
C LYS A 275 20.80 51.17 -13.04
N GLU A 276 20.95 51.11 -11.73
CA GLU A 276 21.15 52.30 -10.91
C GLU A 276 22.53 52.84 -11.26
N THR A 277 22.61 54.14 -11.54
CA THR A 277 23.89 54.76 -11.88
C THR A 277 24.75 54.88 -10.63
N GLU A 278 24.12 55.28 -9.53
CA GLU A 278 24.83 55.46 -8.27
C GLU A 278 25.09 54.16 -7.50
N LYS A 279 26.06 53.39 -8.00
CA LYS A 279 26.49 52.13 -7.41
C LYS A 279 28.02 52.22 -7.40
N SER A 280 28.63 52.09 -6.23
CA SER A 280 30.08 52.21 -6.14
C SER A 280 30.89 50.93 -5.95
N GLN A 281 32.22 51.09 -6.03
CA GLN A 281 33.21 50.03 -5.89
C GLN A 281 33.08 48.83 -6.82
N MET B 1 16.41 -7.88 -13.81
CA MET B 1 17.59 -7.81 -12.91
C MET B 1 18.14 -9.19 -12.60
N LYS B 2 19.38 -9.21 -12.11
CA LYS B 2 20.02 -10.43 -11.65
C LYS B 2 20.18 -10.17 -10.16
N LEU B 3 19.53 -10.97 -9.32
CA LEU B 3 19.67 -10.80 -7.89
C LEU B 3 20.51 -11.97 -7.38
N ILE B 4 21.71 -11.65 -6.93
CA ILE B 4 22.65 -12.65 -6.42
C ILE B 4 22.56 -12.67 -4.90
N ILE B 5 22.33 -13.85 -4.33
CA ILE B 5 22.20 -13.95 -2.89
C ILE B 5 23.22 -14.90 -2.25
N LEU B 6 24.03 -14.34 -1.35
CA LEU B 6 25.05 -15.11 -0.63
C LEU B 6 24.67 -15.16 0.85
N GLU B 7 25.24 -16.12 1.58
CA GLU B 7 24.91 -16.26 2.98
C GLU B 7 25.37 -15.10 3.87
N HIS B 8 26.65 -14.74 3.79
CA HIS B 8 27.19 -13.68 4.63
C HIS B 8 27.88 -12.55 3.87
N TYR B 9 28.24 -11.50 4.62
CA TYR B 9 28.90 -10.34 4.05
C TYR B 9 30.17 -10.71 3.30
N SER B 10 31.01 -11.53 3.92
CA SER B 10 32.26 -11.94 3.31
C SER B 10 32.02 -12.62 1.96
N GLN B 11 30.98 -13.46 1.90
CA GLN B 11 30.65 -14.17 0.67
C GLN B 11 30.15 -13.22 -0.42
N ALA B 12 29.31 -12.27 -0.03
CA ALA B 12 28.78 -11.30 -0.98
C ALA B 12 29.93 -10.45 -1.52
N SER B 13 30.80 -9.99 -0.60
CA SER B 13 31.95 -9.18 -0.97
C SER B 13 32.82 -9.94 -1.97
N GLU B 14 33.06 -11.21 -1.68
CA GLU B 14 33.87 -12.07 -2.54
C GLU B 14 33.26 -12.27 -3.91
N TRP B 15 31.96 -12.53 -3.96
CA TRP B 15 31.28 -12.73 -5.24
C TRP B 15 31.44 -11.49 -6.10
N ALA B 16 31.22 -10.33 -5.51
CA ALA B 16 31.34 -9.07 -6.23
C ALA B 16 32.77 -8.88 -6.72
N ALA B 17 33.74 -9.24 -5.89
CA ALA B 17 35.14 -9.10 -6.26
C ALA B 17 35.48 -10.03 -7.43
N LYS B 18 35.01 -11.27 -7.35
CA LYS B 18 35.27 -12.23 -8.41
C LYS B 18 34.66 -11.76 -9.72
N TYR B 19 33.45 -11.19 -9.64
CA TYR B 19 32.78 -10.73 -10.84
C TYR B 19 33.57 -9.61 -11.50
N ILE B 20 33.98 -8.62 -10.72
CA ILE B 20 34.75 -7.50 -11.25
C ILE B 20 36.02 -8.04 -11.87
N ARG B 21 36.66 -8.99 -11.18
CA ARG B 21 37.89 -9.60 -11.68
C ARG B 21 37.65 -10.25 -13.04
N ASN B 22 36.64 -11.11 -13.14
CA ASN B 22 36.36 -11.76 -14.41
C ASN B 22 36.01 -10.76 -15.50
N ARG B 23 35.25 -9.73 -15.16
CA ARG B 23 34.87 -8.74 -16.17
C ARG B 23 36.08 -8.01 -16.72
N ILE B 24 36.99 -7.61 -15.84
CA ILE B 24 38.18 -6.90 -16.29
C ILE B 24 39.06 -7.80 -17.14
N ILE B 25 39.33 -9.00 -16.66
CA ILE B 25 40.19 -9.94 -17.40
C ILE B 25 39.62 -10.31 -18.76
N GLN B 26 38.34 -10.66 -18.80
CA GLN B 26 37.73 -11.05 -20.06
C GLN B 26 37.59 -9.87 -21.02
N PHE B 27 37.49 -8.66 -20.48
CA PHE B 27 37.40 -7.45 -21.28
C PHE B 27 38.77 -7.26 -21.92
N ASN B 28 39.81 -7.67 -21.19
CA ASN B 28 41.20 -7.59 -21.64
C ASN B 28 41.56 -6.19 -22.11
N PRO B 29 41.58 -5.21 -21.19
CA PRO B 29 41.90 -3.82 -21.52
C PRO B 29 43.36 -3.60 -21.90
N GLY B 30 43.60 -2.54 -22.65
CA GLY B 30 44.94 -2.21 -23.08
C GLY B 30 45.10 -0.71 -23.30
N PRO B 31 46.25 -0.27 -23.83
CA PRO B 31 46.56 1.14 -24.11
C PRO B 31 45.49 1.89 -24.90
N GLU B 32 44.83 1.18 -25.83
CA GLU B 32 43.80 1.80 -26.66
C GLU B 32 42.39 1.34 -26.30
N LYS B 33 42.26 0.60 -25.22
CA LYS B 33 40.96 0.09 -24.81
C LYS B 33 40.90 -0.11 -23.31
N TYR B 34 40.71 0.98 -22.57
CA TYR B 34 40.63 0.91 -21.12
C TYR B 34 39.29 0.39 -20.62
N PHE B 35 39.31 -0.16 -19.42
CA PHE B 35 38.11 -0.67 -18.77
C PHE B 35 37.72 0.43 -17.79
N THR B 36 36.55 1.03 -17.98
CA THR B 36 36.07 2.10 -17.11
C THR B 36 35.19 1.56 -15.99
N LEU B 37 35.59 1.85 -14.76
CA LEU B 37 34.90 1.37 -13.57
C LEU B 37 34.35 2.48 -12.68
N GLY B 38 33.04 2.47 -12.44
CA GLY B 38 32.44 3.45 -11.53
C GLY B 38 32.53 2.83 -10.15
N LEU B 39 32.89 3.62 -9.14
CA LEU B 39 33.05 3.07 -7.78
C LEU B 39 32.40 3.82 -6.63
N PRO B 40 32.08 3.08 -5.55
CA PRO B 40 31.45 3.58 -4.33
C PRO B 40 32.45 3.59 -3.17
N THR B 41 32.07 4.19 -2.04
CA THR B 41 32.92 4.19 -0.86
C THR B 41 32.03 3.66 0.26
N GLY B 42 32.59 3.53 1.46
CA GLY B 42 31.80 3.03 2.56
C GLY B 42 32.25 1.68 3.04
N SER B 43 31.68 1.21 4.14
CA SER B 43 32.05 -0.07 4.69
C SER B 43 31.54 -1.22 3.85
N THR B 44 30.43 -1.00 3.14
CA THR B 44 29.86 -2.05 2.31
C THR B 44 30.83 -2.58 1.25
N PRO B 45 31.44 -1.68 0.45
CA PRO B 45 32.36 -2.16 -0.58
C PRO B 45 33.79 -2.46 -0.10
N LEU B 46 34.09 -2.16 1.16
CA LEU B 46 35.43 -2.40 1.69
C LEU B 46 35.87 -3.84 1.53
N GLY B 47 34.97 -4.77 1.82
CA GLY B 47 35.30 -6.18 1.69
C GLY B 47 35.67 -6.52 0.26
N CYS B 48 34.94 -5.93 -0.68
CA CYS B 48 35.19 -6.17 -2.09
C CYS B 48 36.57 -5.63 -2.47
N TYR B 49 36.88 -4.42 -2.01
CA TYR B 49 38.17 -3.82 -2.32
C TYR B 49 39.30 -4.69 -1.76
N LYS B 50 39.10 -5.21 -0.55
CA LYS B 50 40.10 -6.07 0.08
C LYS B 50 40.40 -7.29 -0.77
N LYS B 51 39.36 -7.93 -1.28
CA LYS B 51 39.53 -9.12 -2.12
C LYS B 51 40.19 -8.77 -3.44
N LEU B 52 39.83 -7.63 -4.02
CA LEU B 52 40.44 -7.21 -5.28
C LEU B 52 41.93 -6.98 -5.09
N ILE B 53 42.30 -6.44 -3.93
CA ILE B 53 43.70 -6.19 -3.63
C ILE B 53 44.43 -7.53 -3.51
N GLU B 54 43.78 -8.51 -2.91
CA GLU B 54 44.36 -9.83 -2.76
C GLU B 54 44.64 -10.45 -4.13
N TYR B 55 43.67 -10.37 -5.02
CA TYR B 55 43.82 -10.91 -6.35
C TYR B 55 44.98 -10.23 -7.06
N TYR B 56 45.11 -8.92 -6.83
CA TYR B 56 46.19 -8.16 -7.44
C TYR B 56 47.56 -8.61 -6.93
N LYS B 57 47.69 -8.70 -5.60
CA LYS B 57 48.96 -9.12 -5.01
C LYS B 57 49.34 -10.53 -5.43
N ASN B 58 48.34 -11.39 -5.61
CA ASN B 58 48.58 -12.77 -6.02
C ASN B 58 48.98 -12.86 -7.49
N GLY B 59 48.92 -11.73 -8.19
CA GLY B 59 49.28 -11.70 -9.60
C GLY B 59 48.21 -12.21 -10.53
N ASP B 60 46.97 -12.26 -10.05
CA ASP B 60 45.85 -12.75 -10.86
C ASP B 60 45.05 -11.66 -11.56
N LEU B 61 45.21 -10.43 -11.10
CA LEU B 61 44.45 -9.32 -11.68
C LEU B 61 45.28 -8.04 -11.78
N SER B 62 45.07 -7.29 -12.85
CA SER B 62 45.79 -6.04 -13.06
C SER B 62 44.85 -4.88 -13.36
N PHE B 63 45.14 -3.73 -12.75
CA PHE B 63 44.34 -2.53 -12.94
C PHE B 63 45.09 -1.49 -13.78
N LYS B 64 46.19 -1.91 -14.40
CA LYS B 64 47.00 -1.01 -15.22
C LYS B 64 46.19 -0.29 -16.30
N TYR B 65 45.25 -0.98 -16.92
CA TYR B 65 44.45 -0.36 -17.96
C TYR B 65 43.00 -0.17 -17.53
N VAL B 66 42.83 0.28 -16.30
CA VAL B 66 41.52 0.55 -15.74
C VAL B 66 41.44 2.03 -15.37
N LYS B 67 40.31 2.64 -15.70
CA LYS B 67 40.08 4.04 -15.36
C LYS B 67 38.91 3.98 -14.39
N THR B 68 38.96 4.77 -13.32
CA THR B 68 37.88 4.75 -12.35
C THR B 68 37.23 6.11 -12.17
N PHE B 69 35.94 6.07 -11.84
CA PHE B 69 35.17 7.28 -11.58
C PHE B 69 34.36 7.04 -10.32
N ASN B 70 34.65 7.78 -9.26
CA ASN B 70 33.89 7.61 -8.02
C ASN B 70 32.56 8.36 -8.13
N MET B 71 31.52 7.82 -7.49
N MET B 71 31.53 7.82 -7.48
CA MET B 71 30.21 8.43 -7.55
CA MET B 71 30.20 8.42 -7.52
C MET B 71 30.04 9.76 -6.84
C MET B 71 30.06 9.77 -6.85
N ASP B 72 30.81 10.01 -5.78
CA ASP B 72 30.67 11.27 -5.07
C ASP B 72 31.83 11.69 -4.18
N GLU B 73 31.67 12.84 -3.55
CA GLU B 73 32.66 13.41 -2.65
C GLU B 73 32.00 14.54 -1.86
N TYR B 74 32.41 14.71 -0.61
CA TYR B 74 31.88 15.76 0.25
C TYR B 74 32.30 17.14 -0.22
N VAL B 75 31.40 18.11 -0.05
CA VAL B 75 31.69 19.49 -0.44
C VAL B 75 32.23 20.25 0.77
N GLY B 76 33.28 21.04 0.55
CA GLY B 76 33.85 21.83 1.62
C GLY B 76 34.75 21.11 2.60
N LEU B 77 34.96 19.82 2.40
CA LEU B 77 35.83 19.06 3.29
C LEU B 77 37.20 18.94 2.64
N PRO B 78 38.28 19.22 3.39
CA PRO B 78 39.63 19.14 2.83
C PRO B 78 39.86 17.77 2.20
N ARG B 79 40.51 17.75 1.04
CA ARG B 79 40.78 16.50 0.35
C ARG B 79 41.63 15.56 1.18
N ASP B 80 42.56 16.12 1.97
CA ASP B 80 43.44 15.32 2.81
C ASP B 80 42.80 14.88 4.11
N HIS B 81 41.60 15.38 4.37
CA HIS B 81 40.88 15.00 5.58
C HIS B 81 40.72 13.48 5.50
N PRO B 82 40.96 12.78 6.62
CA PRO B 82 40.84 11.32 6.64
C PRO B 82 39.46 10.77 6.25
N GLU B 83 38.43 11.58 6.40
CA GLU B 83 37.08 11.14 6.06
C GLU B 83 36.63 11.54 4.65
N SER B 84 37.52 12.13 3.86
CA SER B 84 37.14 12.51 2.51
C SER B 84 37.07 11.21 1.71
N TYR B 85 36.31 11.20 0.62
CA TYR B 85 36.22 10.00 -0.18
C TYR B 85 37.51 9.84 -1.00
N HIS B 86 38.23 10.93 -1.19
CA HIS B 86 39.50 10.86 -1.90
C HIS B 86 40.44 10.04 -1.01
N SER B 87 40.44 10.36 0.28
CA SER B 87 41.28 9.65 1.25
C SER B 87 40.83 8.19 1.37
N PHE B 88 39.52 7.97 1.38
CA PHE B 88 39.00 6.62 1.50
C PHE B 88 39.49 5.75 0.35
N MET B 89 39.36 6.26 -0.87
CA MET B 89 39.78 5.49 -2.04
C MET B 89 41.27 5.24 -2.12
N TRP B 90 42.08 6.25 -1.81
CA TRP B 90 43.52 6.11 -1.86
C TRP B 90 44.05 5.13 -0.81
N ASN B 91 43.66 5.33 0.43
CA ASN B 91 44.13 4.48 1.52
C ASN B 91 43.57 3.07 1.56
N ASN B 92 42.34 2.89 1.07
CA ASN B 92 41.74 1.56 1.09
C ASN B 92 41.82 0.80 -0.22
N PHE B 93 42.24 1.46 -1.30
CA PHE B 93 42.29 0.76 -2.57
C PHE B 93 43.37 1.15 -3.57
N PHE B 94 43.33 2.38 -4.06
CA PHE B 94 44.28 2.81 -5.08
C PHE B 94 45.78 2.65 -4.79
N LYS B 95 46.21 2.99 -3.59
CA LYS B 95 47.64 2.88 -3.27
C LYS B 95 48.11 1.44 -3.18
N HIS B 96 47.15 0.52 -3.12
CA HIS B 96 47.47 -0.91 -3.01
C HIS B 96 47.42 -1.67 -4.33
N ILE B 97 47.03 -0.99 -5.41
CA ILE B 97 46.93 -1.64 -6.71
C ILE B 97 47.74 -0.93 -7.80
N ASP B 98 47.93 -1.61 -8.93
CA ASP B 98 48.72 -1.07 -10.04
C ASP B 98 47.96 -0.19 -11.03
N ILE B 99 47.06 0.63 -10.51
CA ILE B 99 46.29 1.53 -11.35
C ILE B 99 47.08 2.83 -11.48
N HIS B 100 46.98 3.52 -12.61
CA HIS B 100 47.70 4.77 -12.79
C HIS B 100 46.93 5.87 -12.05
N PRO B 101 47.64 6.62 -11.18
CA PRO B 101 47.00 7.71 -10.42
C PRO B 101 46.22 8.68 -11.29
N GLU B 102 46.71 8.91 -12.50
CA GLU B 102 46.07 9.83 -13.42
C GLU B 102 44.78 9.26 -14.00
N ASN B 103 44.59 7.96 -13.86
CA ASN B 103 43.37 7.34 -14.39
C ASN B 103 42.29 7.14 -13.34
N THR B 104 42.48 7.72 -12.16
CA THR B 104 41.50 7.63 -11.10
C THR B 104 40.86 9.01 -11.04
N HIS B 105 39.53 9.05 -11.04
CA HIS B 105 38.83 10.33 -11.03
C HIS B 105 37.84 10.45 -9.90
N ILE B 106 38.00 11.48 -9.09
CA ILE B 106 37.12 11.73 -7.95
C ILE B 106 36.72 13.21 -7.97
N LEU B 107 35.45 13.48 -7.76
CA LEU B 107 34.95 14.86 -7.77
C LEU B 107 35.67 15.71 -6.74
N ASP B 108 36.00 16.94 -7.13
CA ASP B 108 36.69 17.87 -6.26
C ASP B 108 35.66 18.73 -5.50
N GLY B 109 35.39 18.35 -4.26
CA GLY B 109 34.42 19.07 -3.45
C GLY B 109 34.84 20.47 -3.00
N ASN B 110 36.03 20.89 -3.40
CA ASN B 110 36.53 22.22 -3.03
C ASN B 110 36.78 23.09 -4.25
N ALA B 111 36.24 22.68 -5.38
CA ALA B 111 36.40 23.43 -6.63
C ALA B 111 35.74 24.79 -6.48
N VAL B 112 36.36 25.82 -7.06
CA VAL B 112 35.81 27.18 -6.97
C VAL B 112 34.41 27.25 -7.56
N ASP B 113 34.20 26.56 -8.67
CA ASP B 113 32.90 26.52 -9.34
C ASP B 113 32.40 25.08 -9.30
N LEU B 114 31.65 24.76 -8.24
CA LEU B 114 31.13 23.41 -8.07
C LEU B 114 30.36 22.82 -9.26
N GLN B 115 29.47 23.61 -9.85
CA GLN B 115 28.72 23.09 -10.99
C GLN B 115 29.65 22.81 -12.17
N ALA B 116 30.66 23.65 -12.34
CA ALA B 116 31.62 23.46 -13.43
C ALA B 116 32.41 22.19 -13.20
N GLU B 117 32.68 21.88 -11.94
CA GLU B 117 33.42 20.67 -11.59
C GLU B 117 32.58 19.45 -11.97
N CYS B 118 31.29 19.52 -11.68
CA CYS B 118 30.37 18.42 -12.00
C CYS B 118 30.26 18.24 -13.50
N ASP B 119 30.10 19.34 -14.23
CA ASP B 119 29.97 19.25 -15.68
C ASP B 119 31.25 18.67 -16.28
N ALA B 120 32.40 19.08 -15.75
CA ALA B 120 33.67 18.59 -16.23
C ALA B 120 33.82 17.09 -15.95
N PHE B 121 33.25 16.64 -14.83
CA PHE B 121 33.32 15.22 -14.47
C PHE B 121 32.56 14.41 -15.51
N GLU B 122 31.40 14.92 -15.94
CA GLU B 122 30.60 14.24 -16.95
C GLU B 122 31.37 14.18 -18.25
N GLU B 123 32.10 15.26 -18.56
CA GLU B 123 32.87 15.27 -19.79
C GLU B 123 34.02 14.28 -19.74
N LYS B 124 34.57 14.06 -18.55
CA LYS B 124 35.66 13.09 -18.42
C LYS B 124 35.13 11.68 -18.67
N ILE B 125 33.93 11.41 -18.18
CA ILE B 125 33.33 10.09 -18.38
C ILE B 125 33.09 9.88 -19.86
N LYS B 126 32.62 10.93 -20.53
CA LYS B 126 32.34 10.87 -21.96
C LYS B 126 33.64 10.69 -22.75
N ALA B 127 34.68 11.40 -22.34
CA ALA B 127 35.97 11.32 -23.01
C ALA B 127 36.57 9.92 -22.85
N ALA B 128 36.20 9.23 -21.77
CA ALA B 128 36.72 7.89 -21.51
C ALA B 128 35.89 6.82 -22.21
N GLY B 129 34.83 7.24 -22.90
CA GLY B 129 33.99 6.29 -23.62
C GLY B 129 32.82 5.75 -22.82
N GLY B 130 32.48 6.42 -21.73
CA GLY B 130 31.38 5.94 -20.89
C GLY B 130 31.89 4.94 -19.87
N ILE B 131 31.00 4.50 -18.98
CA ILE B 131 31.36 3.54 -17.93
C ILE B 131 30.94 2.13 -18.32
N GLU B 132 31.89 1.19 -18.24
CA GLU B 132 31.63 -0.22 -18.56
C GLU B 132 30.88 -0.91 -17.44
N LEU B 133 31.33 -0.70 -16.21
CA LEU B 133 30.69 -1.30 -15.05
C LEU B 133 30.65 -0.30 -13.91
N PHE B 134 29.45 0.05 -13.47
CA PHE B 134 29.34 0.98 -12.36
C PHE B 134 28.92 0.22 -11.11
N VAL B 135 29.80 0.20 -10.12
CA VAL B 135 29.52 -0.47 -8.86
C VAL B 135 28.97 0.54 -7.87
N GLY B 136 27.91 0.17 -7.19
CA GLY B 136 27.31 1.08 -6.23
C GLY B 136 26.76 0.38 -5.01
N GLY B 137 26.04 1.13 -4.20
CA GLY B 137 25.44 0.59 -3.00
C GLY B 137 24.08 1.22 -2.87
N ILE B 138 23.38 0.94 -1.79
CA ILE B 138 22.07 1.52 -1.57
C ILE B 138 22.04 2.07 -0.16
N GLY B 139 21.54 3.30 -0.01
CA GLY B 139 21.45 3.88 1.32
C GLY B 139 20.22 3.38 2.04
N PRO B 140 20.08 3.64 3.35
CA PRO B 140 18.90 3.18 4.10
C PRO B 140 17.64 3.82 3.54
N ASP B 141 17.83 4.91 2.80
CA ASP B 141 16.72 5.63 2.19
C ASP B 141 16.63 5.32 0.70
N GLY B 142 17.26 4.22 0.30
CA GLY B 142 17.24 3.77 -1.08
C GLY B 142 18.06 4.56 -2.09
N HIS B 143 18.90 5.48 -1.63
CA HIS B 143 19.67 6.28 -2.58
C HIS B 143 20.82 5.57 -3.30
N ILE B 144 21.12 6.08 -4.50
CA ILE B 144 22.26 5.62 -5.29
C ILE B 144 23.15 6.87 -5.20
N ALA B 145 24.40 6.70 -4.79
CA ALA B 145 25.31 7.84 -4.63
C ALA B 145 24.64 8.79 -3.64
N PHE B 146 24.58 10.09 -3.95
CA PHE B 146 23.91 11.01 -3.05
C PHE B 146 22.62 11.55 -3.66
N ASN B 147 22.00 10.72 -4.49
CA ASN B 147 20.73 11.10 -5.09
C ASN B 147 19.68 10.77 -4.03
N GLU B 148 19.55 11.68 -3.07
CA GLU B 148 18.62 11.53 -1.96
C GLU B 148 17.16 11.45 -2.43
N PRO B 149 16.26 11.01 -1.55
CA PRO B 149 14.85 10.92 -1.92
C PRO B 149 14.34 12.21 -2.52
N GLY B 150 13.63 12.11 -3.64
CA GLY B 150 13.11 13.29 -4.29
C GLY B 150 14.06 13.83 -5.34
N SER B 151 14.99 12.99 -5.79
CA SER B 151 15.95 13.38 -6.82
C SER B 151 15.45 12.93 -8.17
N SER B 152 15.63 13.76 -9.20
CA SER B 152 15.20 13.39 -10.54
C SER B 152 15.82 12.06 -10.93
N LEU B 153 15.01 11.16 -11.48
CA LEU B 153 15.53 9.86 -11.89
C LEU B 153 16.35 9.91 -13.17
N VAL B 154 16.49 11.10 -13.76
CA VAL B 154 17.30 11.26 -14.96
C VAL B 154 18.35 12.35 -14.70
N SER B 155 18.60 12.61 -13.43
CA SER B 155 19.57 13.64 -13.03
C SER B 155 20.99 13.34 -13.51
N ARG B 156 21.80 14.39 -13.63
CA ARG B 156 23.19 14.26 -14.02
C ARG B 156 24.03 14.65 -12.80
N THR B 157 25.34 14.70 -12.96
CA THR B 157 26.22 15.06 -11.84
C THR B 157 25.94 16.48 -11.39
N ARG B 158 25.79 16.67 -10.07
CA ARG B 158 25.47 17.98 -9.54
C ARG B 158 25.68 18.03 -8.04
N VAL B 159 25.37 19.17 -7.44
CA VAL B 159 25.49 19.34 -6.01
C VAL B 159 24.18 18.86 -5.37
N LYS B 160 24.28 18.13 -4.27
CA LYS B 160 23.10 17.65 -3.57
C LYS B 160 23.28 17.86 -2.07
N THR B 161 22.20 18.21 -1.39
CA THR B 161 22.25 18.42 0.05
C THR B 161 21.86 17.09 0.70
N LEU B 162 22.70 16.63 1.61
CA LEU B 162 22.45 15.35 2.26
C LEU B 162 21.16 15.35 3.09
N ALA B 163 20.42 14.24 2.99
CA ALA B 163 19.18 14.07 3.71
C ALA B 163 19.44 13.56 5.12
N MET B 164 18.41 13.56 5.95
CA MET B 164 18.50 13.13 7.33
C MET B 164 19.12 11.74 7.52
N ASP B 165 18.66 10.77 6.73
CA ASP B 165 19.19 9.41 6.82
C ASP B 165 20.69 9.35 6.59
N THR B 166 21.16 10.09 5.59
CA THR B 166 22.57 10.12 5.24
C THR B 166 23.42 10.75 6.33
N ILE B 167 22.95 11.85 6.89
CA ILE B 167 23.68 12.55 7.94
C ILE B 167 23.82 11.63 9.15
N LEU B 168 22.70 11.03 9.56
CA LEU B 168 22.69 10.13 10.71
C LEU B 168 23.60 8.93 10.50
N ALA B 169 23.62 8.41 9.28
CA ALA B 169 24.45 7.25 8.96
C ALA B 169 25.95 7.57 8.92
N ASN B 170 26.28 8.83 8.64
CA ASN B 170 27.69 9.22 8.55
C ASN B 170 28.20 10.03 9.75
N ALA B 171 27.33 10.31 10.71
CA ALA B 171 27.71 11.08 11.89
C ALA B 171 28.91 10.45 12.61
N ARG B 172 28.91 9.13 12.69
CA ARG B 172 29.97 8.38 13.37
C ARG B 172 31.35 8.75 12.84
N PHE B 173 31.46 8.93 11.53
CA PHE B 173 32.72 9.29 10.90
C PHE B 173 33.15 10.72 11.21
N PHE B 174 32.29 11.48 11.88
CA PHE B 174 32.61 12.86 12.24
C PHE B 174 32.33 13.17 13.70
N ASP B 175 32.95 12.39 14.58
CA ASP B 175 32.81 12.56 16.03
C ASP B 175 31.40 12.29 16.52
N GLY B 176 30.65 11.50 15.75
CA GLY B 176 29.29 11.19 16.14
C GLY B 176 28.38 12.40 16.17
N GLU B 177 28.89 13.54 15.73
CA GLU B 177 28.10 14.77 15.71
C GLU B 177 27.47 14.98 14.34
N LEU B 178 26.15 15.12 14.32
CA LEU B 178 25.42 15.34 13.07
C LEU B 178 25.90 16.59 12.36
N THR B 179 25.99 17.69 13.11
CA THR B 179 26.43 18.97 12.55
C THR B 179 27.85 18.92 12.00
N LYS B 180 28.59 17.87 12.34
CA LYS B 180 29.96 17.71 11.87
C LYS B 180 30.01 17.16 10.45
N VAL B 181 28.98 16.43 10.05
CA VAL B 181 28.92 15.85 8.71
C VAL B 181 28.71 16.97 7.69
N PRO B 182 29.47 16.93 6.57
CA PRO B 182 29.32 17.96 5.54
C PRO B 182 27.87 18.06 5.08
N THR B 183 27.39 19.29 4.91
CA THR B 183 26.01 19.54 4.50
C THR B 183 25.70 19.12 3.07
N MET B 184 26.69 19.23 2.19
CA MET B 184 26.47 18.88 0.79
C MET B 184 27.57 18.01 0.20
N ALA B 185 27.30 17.50 -0.99
CA ALA B 185 28.24 16.65 -1.70
C ALA B 185 28.06 16.81 -3.19
N LEU B 186 29.09 16.47 -3.94
CA LEU B 186 29.01 16.50 -5.39
C LEU B 186 28.72 15.04 -5.68
N THR B 187 27.73 14.78 -6.52
CA THR B 187 27.39 13.39 -6.83
C THR B 187 26.97 13.16 -8.26
N VAL B 188 27.32 11.99 -8.78
CA VAL B 188 26.90 11.66 -10.14
C VAL B 188 25.39 11.53 -10.03
N GLY B 189 24.69 11.72 -11.14
CA GLY B 189 23.24 11.63 -11.10
C GLY B 189 22.71 10.23 -11.33
N VAL B 190 21.40 10.06 -11.14
CA VAL B 190 20.79 8.75 -11.38
C VAL B 190 20.98 8.42 -12.85
N GLY B 191 20.79 9.43 -13.70
CA GLY B 191 20.96 9.21 -15.13
C GLY B 191 22.40 8.89 -15.47
N THR B 192 23.34 9.49 -14.74
CA THR B 192 24.75 9.25 -14.99
C THR B 192 25.05 7.77 -14.78
N VAL B 193 24.55 7.21 -13.69
CA VAL B 193 24.80 5.80 -13.41
C VAL B 193 24.03 4.92 -14.40
N MET B 194 22.81 5.34 -14.74
CA MET B 194 21.99 4.58 -15.69
C MET B 194 22.69 4.48 -17.05
N ASP B 195 23.56 5.43 -17.36
CA ASP B 195 24.28 5.40 -18.64
C ASP B 195 25.38 4.34 -18.70
N ALA B 196 25.69 3.71 -17.57
CA ALA B 196 26.71 2.68 -17.54
C ALA B 196 26.21 1.45 -18.31
N ARG B 197 27.13 0.73 -18.95
CA ARG B 197 26.75 -0.45 -19.71
C ARG B 197 26.22 -1.53 -18.77
N GLU B 198 26.76 -1.54 -17.56
CA GLU B 198 26.32 -2.50 -16.55
C GLU B 198 26.40 -1.85 -15.18
N VAL B 199 25.45 -2.18 -14.31
CA VAL B 199 25.43 -1.63 -12.96
C VAL B 199 25.36 -2.77 -11.95
N MET B 200 26.26 -2.75 -10.97
CA MET B 200 26.25 -3.77 -9.93
C MET B 200 26.08 -3.06 -8.59
N ILE B 201 24.99 -3.36 -7.91
CA ILE B 201 24.70 -2.77 -6.60
C ILE B 201 24.98 -3.81 -5.52
N LEU B 202 25.86 -3.46 -4.59
N LEU B 202 25.86 -3.45 -4.58
CA LEU B 202 26.23 -4.35 -3.49
CA LEU B 202 26.23 -4.33 -3.49
C LEU B 202 25.44 -3.94 -2.25
C LEU B 202 25.41 -3.93 -2.26
N ILE B 203 24.66 -4.88 -1.70
CA ILE B 203 23.83 -4.60 -0.54
C ILE B 203 24.00 -5.64 0.55
N THR B 204 24.44 -5.22 1.74
CA THR B 204 24.62 -6.14 2.83
C THR B 204 24.03 -5.62 4.13
N GLY B 205 23.48 -6.52 4.93
CA GLY B 205 22.93 -6.12 6.22
C GLY B 205 21.43 -5.94 6.28
N ALA B 206 20.87 -6.27 7.45
CA ALA B 206 19.44 -6.15 7.67
C ALA B 206 18.98 -4.70 7.64
N HIS B 207 19.91 -3.78 7.93
CA HIS B 207 19.58 -2.36 7.93
C HIS B 207 19.30 -1.83 6.53
N LYS B 208 19.59 -2.63 5.50
CA LYS B 208 19.35 -2.23 4.12
C LYS B 208 18.18 -3.00 3.52
N ALA B 209 17.63 -3.95 4.27
CA ALA B 209 16.54 -4.78 3.77
C ALA B 209 15.31 -4.03 3.30
N PHE B 210 14.87 -3.04 4.06
CA PHE B 210 13.69 -2.28 3.67
C PHE B 210 13.95 -1.49 2.39
N ALA B 211 15.12 -0.85 2.31
CA ALA B 211 15.46 -0.08 1.11
C ALA B 211 15.52 -0.99 -0.12
N LEU B 212 16.07 -2.19 0.03
CA LEU B 212 16.17 -3.12 -1.09
C LEU B 212 14.75 -3.48 -1.53
N TYR B 213 13.89 -3.72 -0.55
CA TYR B 213 12.50 -4.05 -0.83
C TYR B 213 11.85 -2.90 -1.62
N LYS B 214 12.08 -1.67 -1.18
CA LYS B 214 11.51 -0.53 -1.89
C LYS B 214 12.07 -0.41 -3.30
N ALA B 215 13.35 -0.68 -3.45
CA ALA B 215 14.02 -0.57 -4.75
C ALA B 215 13.68 -1.64 -5.78
N ILE B 216 13.41 -2.87 -5.34
CA ILE B 216 13.13 -3.91 -6.32
C ILE B 216 11.79 -4.61 -6.20
N GLU B 217 11.04 -4.37 -5.13
CA GLU B 217 9.73 -5.01 -5.02
C GLU B 217 8.65 -3.97 -5.29
N GLU B 218 8.88 -2.72 -4.90
CA GLU B 218 7.91 -1.68 -5.20
C GLU B 218 8.37 -1.07 -6.53
N GLY B 219 7.59 -0.16 -7.10
CA GLY B 219 7.92 0.40 -8.40
C GLY B 219 8.90 1.55 -8.52
N VAL B 220 9.10 2.01 -9.74
CA VAL B 220 10.00 3.13 -10.03
C VAL B 220 9.46 4.34 -9.26
N ASN B 221 10.29 4.88 -8.36
CA ASN B 221 9.88 5.98 -7.51
C ASN B 221 11.10 6.84 -7.18
N HIS B 222 11.01 8.16 -7.39
CA HIS B 222 12.15 9.03 -7.10
C HIS B 222 12.46 9.18 -5.61
N MET B 223 11.63 8.58 -4.76
CA MET B 223 11.88 8.64 -3.32
C MET B 223 12.86 7.53 -2.92
N TRP B 224 13.03 6.54 -3.80
CA TRP B 224 13.95 5.43 -3.57
C TRP B 224 14.68 5.29 -4.89
N THR B 225 15.68 6.14 -5.08
CA THR B 225 16.37 6.20 -6.36
C THR B 225 17.00 4.94 -6.96
N VAL B 226 17.34 3.95 -6.15
CA VAL B 226 17.89 2.73 -6.75
C VAL B 226 16.78 2.02 -7.55
N SER B 227 15.52 2.41 -7.30
CA SER B 227 14.40 1.81 -8.05
C SER B 227 14.50 2.17 -9.53
N ALA B 228 15.30 3.18 -9.85
CA ALA B 228 15.45 3.60 -11.24
C ALA B 228 16.03 2.49 -12.11
N PHE B 229 16.81 1.61 -11.52
CA PHE B 229 17.44 0.57 -12.31
C PHE B 229 16.51 -0.52 -12.79
N GLN B 230 15.23 -0.40 -12.46
CA GLN B 230 14.25 -1.35 -12.96
C GLN B 230 14.14 -1.10 -14.44
N GLN B 231 14.61 0.07 -14.88
CA GLN B 231 14.57 0.42 -16.29
C GLN B 231 15.96 0.50 -16.92
N HIS B 232 16.90 -0.25 -16.33
CA HIS B 232 18.27 -0.33 -16.84
C HIS B 232 18.33 -1.73 -17.45
N PRO B 233 18.98 -1.87 -18.61
CA PRO B 233 19.08 -3.18 -19.27
C PRO B 233 19.95 -4.25 -18.63
N ARG B 234 20.89 -3.84 -17.78
CA ARG B 234 21.79 -4.81 -17.21
C ARG B 234 22.29 -4.44 -15.82
N THR B 235 21.48 -4.73 -14.82
CA THR B 235 21.86 -4.43 -13.45
C THR B 235 21.92 -5.72 -12.65
N VAL B 236 22.91 -5.80 -11.77
CA VAL B 236 23.11 -6.96 -10.92
C VAL B 236 23.12 -6.50 -9.47
N PHE B 237 22.28 -7.13 -8.65
CA PHE B 237 22.19 -6.83 -7.23
C PHE B 237 22.87 -7.98 -6.49
N VAL B 238 23.93 -7.67 -5.73
CA VAL B 238 24.64 -8.71 -4.98
C VAL B 238 24.41 -8.41 -3.50
N CYS B 239 23.78 -9.35 -2.80
N CYS B 239 23.74 -9.33 -2.81
CA CYS B 239 23.50 -9.16 -1.39
CA CYS B 239 23.45 -9.15 -1.39
C CYS B 239 23.74 -10.41 -0.57
C CYS B 239 23.67 -10.41 -0.57
N ASP B 240 23.60 -10.27 0.75
CA ASP B 240 23.75 -11.39 1.65
C ASP B 240 22.34 -11.67 2.15
N GLU B 241 22.16 -12.77 2.87
CA GLU B 241 20.83 -13.14 3.37
C GLU B 241 20.09 -12.05 4.12
N ASP B 242 20.77 -11.39 5.05
CA ASP B 242 20.15 -10.35 5.85
C ASP B 242 19.53 -9.22 5.05
N ALA B 243 20.11 -8.89 3.91
CA ALA B 243 19.59 -7.81 3.08
C ALA B 243 18.28 -8.20 2.38
N THR B 244 17.97 -9.50 2.36
CA THR B 244 16.76 -9.98 1.70
C THR B 244 15.53 -10.13 2.60
N LEU B 245 15.69 -9.83 3.89
CA LEU B 245 14.61 -10.01 4.86
C LEU B 245 13.23 -9.41 4.55
N GLU B 246 13.18 -8.31 3.82
CA GLU B 246 11.91 -7.67 3.50
C GLU B 246 11.30 -8.07 2.17
N LEU B 247 12.00 -8.91 1.41
CA LEU B 247 11.52 -9.35 0.10
C LEU B 247 10.52 -10.50 0.25
N LYS B 248 9.72 -10.73 -0.79
CA LYS B 248 8.76 -11.82 -0.76
C LYS B 248 9.49 -13.15 -0.94
N VAL B 249 8.99 -14.19 -0.28
CA VAL B 249 9.60 -15.50 -0.38
C VAL B 249 9.72 -15.94 -1.85
N LYS B 250 8.67 -15.70 -2.63
CA LYS B 250 8.66 -16.10 -4.03
C LYS B 250 9.83 -15.53 -4.80
N THR B 251 10.17 -14.28 -4.52
CA THR B 251 11.29 -13.62 -5.20
C THR B 251 12.64 -14.25 -4.87
N VAL B 252 12.87 -14.48 -3.59
CA VAL B 252 14.13 -15.06 -3.16
C VAL B 252 14.25 -16.50 -3.66
N LYS B 253 13.15 -17.24 -3.68
CA LYS B 253 13.20 -18.61 -4.17
C LYS B 253 13.55 -18.63 -5.66
N TYR B 254 12.99 -17.69 -6.42
CA TYR B 254 13.26 -17.62 -7.85
C TYR B 254 14.75 -17.36 -8.09
N PHE B 255 15.32 -16.38 -7.42
CA PHE B 255 16.72 -16.06 -7.63
C PHE B 255 17.70 -17.04 -7.01
N LYS B 256 17.29 -17.72 -5.94
CA LYS B 256 18.19 -18.69 -5.35
C LYS B 256 18.25 -19.85 -6.33
N GLY B 257 17.14 -20.08 -7.04
CA GLY B 257 17.10 -21.15 -8.02
C GLY B 257 18.01 -20.82 -9.19
N LEU B 258 18.23 -19.53 -9.43
CA LEU B 258 19.08 -19.07 -10.52
C LEU B 258 20.56 -18.95 -10.14
N MET B 259 20.91 -19.25 -8.89
CA MET B 259 22.30 -19.14 -8.49
C MET B 259 23.21 -20.11 -9.24
N LEU B 260 22.67 -21.25 -9.64
CA LEU B 260 23.47 -22.24 -10.37
C LEU B 260 23.91 -21.58 -11.67
N VAL B 261 22.98 -20.90 -12.33
CA VAL B 261 23.25 -20.21 -13.58
C VAL B 261 24.16 -19.00 -13.36
N HIS B 262 23.83 -18.19 -12.36
CA HIS B 262 24.61 -16.99 -12.09
C HIS B 262 26.00 -17.22 -11.52
N ASN B 263 26.22 -18.33 -10.84
CA ASN B 263 27.56 -18.60 -10.30
C ASN B 263 28.57 -18.85 -11.42
N LYS B 264 28.06 -19.14 -12.61
CA LYS B 264 28.96 -19.37 -13.74
C LYS B 264 29.60 -18.06 -14.16
N LEU B 265 29.13 -16.96 -13.59
CA LEU B 265 29.68 -15.65 -13.89
C LEU B 265 30.99 -15.46 -13.12
N VAL B 266 31.19 -16.27 -12.08
CA VAL B 266 32.40 -16.18 -11.27
C VAL B 266 33.14 -17.50 -11.17
N ASP B 267 32.58 -18.54 -11.79
CA ASP B 267 33.21 -19.86 -11.79
C ASP B 267 33.00 -20.46 -13.16
N PRO B 268 34.09 -20.74 -13.89
CA PRO B 268 35.49 -20.54 -13.52
C PRO B 268 35.91 -19.10 -13.23
N LEU B 269 36.95 -18.96 -12.41
CA LEU B 269 37.49 -17.66 -12.05
C LEU B 269 38.76 -17.52 -12.90
N TYR B 270 38.79 -16.50 -13.76
CA TYR B 270 39.96 -16.31 -14.62
C TYR B 270 41.12 -15.59 -13.96
N SER B 271 42.28 -15.68 -14.61
CA SER B 271 43.50 -15.06 -14.11
C SER B 271 44.36 -14.58 -15.27
N ILE B 272 45.17 -13.56 -15.01
CA ILE B 272 46.06 -13.03 -16.03
C ILE B 272 47.33 -13.89 -16.10
N LYS B 273 47.40 -14.89 -15.23
CA LYS B 273 48.56 -15.79 -15.15
C LYS B 273 48.71 -16.79 -16.28
N GLU B 274 49.95 -17.27 -16.41
CA GLU B 274 50.37 -18.27 -17.40
C GLU B 274 51.89 -18.25 -17.55
N MET C 1 -3.68 4.84 -22.07
CA MET C 1 -4.09 3.53 -22.65
C MET C 1 -5.57 3.56 -23.02
N LYS C 2 -5.99 2.57 -23.81
CA LYS C 2 -7.39 2.40 -24.16
C LYS C 2 -7.73 1.05 -23.53
N LEU C 3 -8.77 1.01 -22.72
CA LEU C 3 -9.19 -0.25 -22.10
C LEU C 3 -10.55 -0.58 -22.69
N ILE C 4 -10.61 -1.64 -23.48
CA ILE C 4 -11.85 -2.09 -24.14
C ILE C 4 -12.42 -3.21 -23.27
N ILE C 5 -13.67 -3.08 -22.89
CA ILE C 5 -14.29 -4.08 -22.03
C ILE C 5 -15.49 -4.74 -22.69
N LEU C 6 -15.39 -6.05 -22.88
CA LEU C 6 -16.46 -6.84 -23.47
C LEU C 6 -17.09 -7.76 -22.43
N GLU C 7 -18.28 -8.25 -22.74
CA GLU C 7 -19.05 -9.11 -21.86
C GLU C 7 -18.39 -10.47 -21.56
N HIS C 8 -18.15 -11.25 -22.61
CA HIS C 8 -17.58 -12.60 -22.48
C HIS C 8 -16.30 -12.78 -23.29
N TYR C 9 -15.59 -13.88 -23.02
CA TYR C 9 -14.35 -14.20 -23.71
C TYR C 9 -14.52 -14.16 -25.23
N SER C 10 -15.62 -14.75 -25.70
CA SER C 10 -15.92 -14.79 -27.12
C SER C 10 -15.95 -13.41 -27.74
N GLN C 11 -16.62 -12.48 -27.07
CA GLN C 11 -16.73 -11.11 -27.55
C GLN C 11 -15.40 -10.36 -27.49
N ALA C 12 -14.60 -10.64 -26.47
CA ALA C 12 -13.30 -9.98 -26.34
C ALA C 12 -12.39 -10.51 -27.45
N SER C 13 -12.42 -11.83 -27.66
CA SER C 13 -11.62 -12.48 -28.70
C SER C 13 -11.97 -11.88 -30.06
N GLU C 14 -13.26 -11.72 -30.30
CA GLU C 14 -13.75 -11.18 -31.56
C GLU C 14 -13.34 -9.73 -31.78
N TRP C 15 -13.44 -8.91 -30.73
CA TRP C 15 -13.07 -7.50 -30.86
C TRP C 15 -11.61 -7.43 -31.31
N ALA C 16 -10.75 -8.21 -30.66
CA ALA C 16 -9.33 -8.22 -31.00
C ALA C 16 -9.12 -8.64 -32.45
N ALA C 17 -9.84 -9.67 -32.90
CA ALA C 17 -9.71 -10.14 -34.27
C ALA C 17 -10.17 -9.07 -35.26
N LYS C 18 -11.29 -8.42 -34.94
CA LYS C 18 -11.81 -7.38 -35.82
C LYS C 18 -10.80 -6.24 -35.94
N TYR C 19 -10.19 -5.88 -34.82
CA TYR C 19 -9.22 -4.79 -34.82
C TYR C 19 -8.02 -5.13 -35.69
N ILE C 20 -7.49 -6.35 -35.53
CA ILE C 20 -6.36 -6.79 -36.32
C ILE C 20 -6.76 -6.78 -37.79
N ARG C 21 -7.97 -7.25 -38.07
CA ARG C 21 -8.47 -7.28 -39.44
C ARG C 21 -8.51 -5.88 -40.04
N ASN C 22 -9.09 -4.92 -39.32
CA ASN C 22 -9.18 -3.54 -39.80
C ASN C 22 -7.81 -2.90 -39.95
N ARG C 23 -6.93 -3.15 -39.00
CA ARG C 23 -5.59 -2.58 -39.05
C ARG C 23 -4.82 -3.08 -40.26
N ILE C 24 -4.89 -4.38 -40.54
CA ILE C 24 -4.19 -4.92 -41.70
C ILE C 24 -4.77 -4.35 -43.00
N ILE C 25 -6.09 -4.41 -43.13
CA ILE C 25 -6.75 -3.94 -44.34
C ILE C 25 -6.53 -2.45 -44.60
N GLN C 26 -6.63 -1.64 -43.55
CA GLN C 26 -6.44 -0.21 -43.74
C GLN C 26 -4.98 0.15 -43.97
N PHE C 27 -4.07 -0.69 -43.46
CA PHE C 27 -2.64 -0.50 -43.65
C PHE C 27 -2.38 -0.78 -45.13
N ASN C 28 -3.14 -1.74 -45.67
CA ASN C 28 -3.04 -2.15 -47.07
C ASN C 28 -1.60 -2.53 -47.43
N PRO C 29 -1.10 -3.63 -46.85
CA PRO C 29 0.26 -4.09 -47.13
C PRO C 29 0.45 -4.60 -48.55
N GLY C 30 1.68 -4.51 -49.03
CA GLY C 30 2.02 -4.95 -50.37
C GLY C 30 3.43 -5.48 -50.41
N PRO C 31 3.93 -5.90 -51.58
CA PRO C 31 5.29 -6.44 -51.73
C PRO C 31 6.41 -5.57 -51.17
N GLU C 32 6.24 -4.25 -51.21
CA GLU C 32 7.27 -3.36 -50.71
C GLU C 32 6.84 -2.67 -49.41
N LYS C 33 5.77 -3.17 -48.80
CA LYS C 33 5.26 -2.60 -47.57
C LYS C 33 4.50 -3.66 -46.77
N TYR C 34 5.23 -4.55 -46.12
CA TYR C 34 4.61 -5.60 -45.32
C TYR C 34 4.05 -5.05 -44.00
N PHE C 35 3.06 -5.75 -43.47
CA PHE C 35 2.45 -5.41 -42.19
C PHE C 35 3.10 -6.39 -41.21
N THR C 36 3.85 -5.87 -40.24
CA THR C 36 4.51 -6.74 -39.27
C THR C 36 3.66 -6.93 -38.01
N LEU C 37 3.39 -8.18 -37.68
CA LEU C 37 2.54 -8.55 -36.55
C LEU C 37 3.22 -9.39 -35.47
N GLY C 38 3.28 -8.87 -34.25
CA GLY C 38 3.87 -9.63 -33.16
C GLY C 38 2.76 -10.49 -32.58
N LEU C 39 3.03 -11.76 -32.28
CA LEU C 39 1.99 -12.64 -31.78
C LEU C 39 2.29 -13.48 -30.55
N PRO C 40 1.24 -13.85 -29.80
CA PRO C 40 1.31 -14.66 -28.58
C PRO C 40 0.73 -16.05 -28.84
N THR C 41 0.85 -16.94 -27.86
CA THR C 41 0.26 -18.27 -27.97
C THR C 41 -0.56 -18.45 -26.71
N GLY C 42 -1.21 -19.59 -26.56
CA GLY C 42 -2.00 -19.83 -25.38
C GLY C 42 -3.49 -19.90 -25.67
N SER C 43 -4.26 -20.28 -24.65
CA SER C 43 -5.70 -20.41 -24.80
C SER C 43 -6.35 -19.04 -25.01
N THR C 44 -5.81 -18.01 -24.38
CA THR C 44 -6.37 -16.68 -24.51
C THR C 44 -6.46 -16.20 -25.95
N PRO C 45 -5.36 -16.24 -26.71
CA PRO C 45 -5.46 -15.77 -28.10
C PRO C 45 -6.09 -16.75 -29.09
N LEU C 46 -6.31 -17.99 -28.66
CA LEU C 46 -6.89 -19.00 -29.55
C LEU C 46 -8.20 -18.53 -30.21
N GLY C 47 -9.08 -17.93 -29.41
CA GLY C 47 -10.35 -17.44 -29.95
C GLY C 47 -10.14 -16.39 -31.02
N CYS C 48 -9.13 -15.55 -30.83
CA CYS C 48 -8.82 -14.50 -31.78
C CYS C 48 -8.35 -15.14 -33.09
N TYR C 49 -7.47 -16.13 -32.98
CA TYR C 49 -6.94 -16.82 -34.16
C TYR C 49 -8.07 -17.49 -34.95
N LYS C 50 -9.00 -18.12 -34.24
CA LYS C 50 -10.10 -18.78 -34.91
C LYS C 50 -10.95 -17.80 -35.72
N LYS C 51 -11.17 -16.60 -35.18
CA LYS C 51 -11.95 -15.59 -35.90
C LYS C 51 -11.18 -15.10 -37.11
N LEU C 52 -9.86 -14.90 -36.93
CA LEU C 52 -9.03 -14.42 -38.02
C LEU C 52 -9.06 -15.42 -39.17
N ILE C 53 -9.08 -16.72 -38.84
CA ILE C 53 -9.14 -17.76 -39.86
C ILE C 53 -10.47 -17.68 -40.59
N GLU C 54 -11.54 -17.44 -39.84
CA GLU C 54 -12.87 -17.32 -40.42
C GLU C 54 -12.90 -16.19 -41.44
N TYR C 55 -12.32 -15.06 -41.07
CA TYR C 55 -12.27 -13.90 -41.97
C TYR C 55 -11.53 -14.26 -43.24
N TYR C 56 -10.46 -15.05 -43.10
CA TYR C 56 -9.68 -15.46 -44.27
C TYR C 56 -10.49 -16.42 -45.14
N LYS C 57 -11.07 -17.43 -44.52
CA LYS C 57 -11.86 -18.41 -45.27
C LYS C 57 -13.04 -17.76 -45.98
N ASN C 58 -13.57 -16.68 -45.40
CA ASN C 58 -14.69 -15.96 -45.99
C ASN C 58 -14.26 -15.02 -47.11
N GLY C 59 -12.95 -14.87 -47.27
CA GLY C 59 -12.43 -14.00 -48.31
C GLY C 59 -12.39 -12.53 -47.97
N ASP C 60 -12.48 -12.20 -46.69
CA ASP C 60 -12.46 -10.80 -46.26
C ASP C 60 -11.11 -10.28 -45.80
N LEU C 61 -10.18 -11.18 -45.54
CA LEU C 61 -8.85 -10.78 -45.05
C LEU C 61 -7.75 -11.67 -45.60
N SER C 62 -6.61 -11.06 -45.94
CA SER C 62 -5.47 -11.80 -46.45
C SER C 62 -4.19 -11.51 -45.67
N PHE C 63 -3.39 -12.55 -45.44
CA PHE C 63 -2.13 -12.43 -44.73
C PHE C 63 -0.94 -12.58 -45.67
N LYS C 64 -1.20 -12.51 -46.97
CA LYS C 64 -0.15 -12.65 -47.97
C LYS C 64 1.01 -11.68 -47.76
N TYR C 65 0.68 -10.44 -47.38
CA TYR C 65 1.72 -9.45 -47.14
C TYR C 65 1.90 -9.11 -45.67
N VAL C 66 1.80 -10.14 -44.84
CA VAL C 66 1.99 -9.99 -43.40
C VAL C 66 3.19 -10.82 -42.97
N LYS C 67 3.99 -10.27 -42.07
CA LYS C 67 5.14 -10.96 -41.51
C LYS C 67 4.83 -11.06 -40.03
N THR C 68 5.10 -12.20 -39.43
CA THR C 68 4.81 -12.37 -38.00
C THR C 68 6.03 -12.71 -37.19
N PHE C 69 6.04 -12.26 -35.94
CA PHE C 69 7.12 -12.53 -35.01
C PHE C 69 6.47 -12.96 -33.71
N ASN C 70 6.72 -14.19 -33.29
CA ASN C 70 6.15 -14.66 -32.04
C ASN C 70 6.99 -14.17 -30.87
N MET C 71 6.33 -13.89 -29.74
N MET C 71 6.32 -13.91 -29.75
CA MET C 71 7.03 -13.37 -28.57
CA MET C 71 6.98 -13.40 -28.56
C MET C 71 7.97 -14.34 -27.87
C MET C 71 7.99 -14.34 -27.91
N ASP C 72 7.74 -15.64 -27.99
CA ASP C 72 8.61 -16.60 -27.34
C ASP C 72 8.51 -18.05 -27.82
N GLU C 73 9.33 -18.89 -27.21
CA GLU C 73 9.37 -20.33 -27.51
C GLU C 73 10.14 -21.01 -26.39
N TYR C 74 9.78 -22.25 -26.08
CA TYR C 74 10.45 -23.00 -25.04
C TYR C 74 11.85 -23.42 -25.46
N VAL C 75 12.80 -23.38 -24.54
CA VAL C 75 14.15 -23.81 -24.84
C VAL C 75 14.20 -25.33 -24.66
N GLY C 76 14.80 -26.02 -25.63
CA GLY C 76 14.94 -27.46 -25.49
C GLY C 76 13.83 -28.37 -26.00
N LEU C 77 12.65 -27.83 -26.27
CA LEU C 77 11.56 -28.67 -26.79
C LEU C 77 11.74 -28.86 -28.29
N PRO C 78 11.56 -30.10 -28.78
CA PRO C 78 11.71 -30.30 -30.22
C PRO C 78 10.75 -29.37 -30.96
N ARG C 79 11.20 -28.82 -32.07
CA ARG C 79 10.37 -27.90 -32.84
C ARG C 79 8.99 -28.47 -33.15
N ASP C 80 8.93 -29.75 -33.47
CA ASP C 80 7.66 -30.38 -33.81
C ASP C 80 6.93 -31.03 -32.64
N HIS C 81 7.44 -30.79 -31.43
CA HIS C 81 6.80 -31.32 -30.23
C HIS C 81 5.42 -30.66 -30.24
N PRO C 82 4.36 -31.44 -29.95
CA PRO C 82 3.01 -30.86 -29.95
C PRO C 82 2.79 -29.66 -29.04
N GLU C 83 3.61 -29.51 -28.01
CA GLU C 83 3.46 -28.39 -27.09
C GLU C 83 4.38 -27.20 -27.40
N SER C 84 5.20 -27.32 -28.43
CA SER C 84 6.09 -26.21 -28.79
C SER C 84 5.23 -25.08 -29.34
N TYR C 85 5.73 -23.85 -29.26
CA TYR C 85 4.97 -22.74 -29.77
C TYR C 85 5.01 -22.73 -31.30
N HIS C 86 6.02 -23.41 -31.86
CA HIS C 86 6.14 -23.53 -33.31
C HIS C 86 4.91 -24.33 -33.75
N SER C 87 4.64 -25.42 -33.04
N SER C 87 4.64 -25.42 -33.04
CA SER C 87 3.51 -26.29 -33.34
CA SER C 87 3.50 -26.28 -33.34
C SER C 87 2.17 -25.61 -33.07
C SER C 87 2.17 -25.61 -33.07
N PHE C 88 2.10 -24.84 -31.99
CA PHE C 88 0.87 -24.14 -31.65
C PHE C 88 0.50 -23.18 -32.78
N MET C 89 1.48 -22.39 -33.23
CA MET C 89 1.23 -21.43 -34.29
C MET C 89 0.91 -22.08 -35.64
N TRP C 90 1.60 -23.16 -35.96
CA TRP C 90 1.36 -23.83 -37.23
C TRP C 90 -0.02 -24.47 -37.27
N ASN C 91 -0.34 -25.26 -36.25
CA ASN C 91 -1.61 -25.96 -36.18
C ASN C 91 -2.85 -25.12 -35.87
N ASN C 92 -2.68 -24.05 -35.10
CA ASN C 92 -3.82 -23.23 -34.74
C ASN C 92 -3.99 -21.97 -35.58
N PHE C 93 -3.03 -21.68 -36.46
CA PHE C 93 -3.16 -20.46 -37.26
C PHE C 93 -2.55 -20.48 -38.66
N PHE C 94 -1.23 -20.56 -38.74
CA PHE C 94 -0.53 -20.52 -40.02
C PHE C 94 -1.00 -21.47 -41.13
N LYS C 95 -1.20 -22.74 -40.80
CA LYS C 95 -1.61 -23.69 -41.82
C LYS C 95 -3.01 -23.45 -42.37
N HIS C 96 -3.78 -22.61 -41.67
CA HIS C 96 -5.16 -22.31 -42.07
C HIS C 96 -5.32 -20.99 -42.81
N ILE C 97 -4.23 -20.28 -43.02
CA ILE C 97 -4.30 -18.99 -43.71
C ILE C 97 -3.31 -18.91 -44.86
N ASP C 98 -3.30 -17.78 -45.56
CA ASP C 98 -2.43 -17.59 -46.73
C ASP C 98 -1.12 -16.85 -46.45
N ILE C 99 -0.63 -16.92 -45.23
CA ILE C 99 0.63 -16.25 -44.92
C ILE C 99 1.78 -17.12 -45.44
N HIS C 100 2.84 -16.49 -45.93
CA HIS C 100 3.99 -17.24 -46.44
C HIS C 100 4.85 -17.75 -45.30
N PRO C 101 5.22 -19.04 -45.34
CA PRO C 101 6.04 -19.64 -44.28
C PRO C 101 7.31 -18.84 -43.99
N GLU C 102 7.99 -18.39 -45.03
CA GLU C 102 9.23 -17.63 -44.87
C GLU C 102 9.00 -16.28 -44.19
N ASN C 103 7.74 -15.89 -44.04
CA ASN C 103 7.43 -14.63 -43.40
C ASN C 103 6.94 -14.79 -41.97
N THR C 104 7.02 -16.00 -41.45
CA THR C 104 6.62 -16.28 -40.08
C THR C 104 7.92 -16.54 -39.33
N HIS C 105 8.10 -15.87 -38.20
CA HIS C 105 9.33 -16.02 -37.45
C HIS C 105 9.08 -16.39 -36.01
N ILE C 106 9.73 -17.46 -35.58
CA ILE C 106 9.61 -17.93 -34.20
C ILE C 106 11.00 -18.26 -33.69
N LEU C 107 11.27 -17.88 -32.45
CA LEU C 107 12.57 -18.15 -31.85
C LEU C 107 12.88 -19.64 -31.85
N ASP C 108 14.13 -19.98 -32.14
CA ASP C 108 14.56 -21.38 -32.17
C ASP C 108 15.06 -21.83 -30.81
N GLY C 109 14.17 -22.50 -30.07
CA GLY C 109 14.52 -22.98 -28.74
C GLY C 109 15.55 -24.09 -28.72
N ASN C 110 15.91 -24.56 -29.90
CA ASN C 110 16.89 -25.64 -30.01
C ASN C 110 18.27 -25.16 -30.47
N ALA C 111 18.44 -23.84 -30.58
CA ALA C 111 19.73 -23.30 -30.98
C ALA C 111 20.77 -23.61 -29.90
N VAL C 112 22.03 -23.76 -30.30
CA VAL C 112 23.10 -24.04 -29.34
C VAL C 112 23.46 -22.78 -28.56
N ASP C 113 23.70 -21.68 -29.27
CA ASP C 113 24.02 -20.42 -28.63
C ASP C 113 22.70 -19.66 -28.53
N LEU C 114 22.04 -19.76 -27.39
CA LEU C 114 20.74 -19.13 -27.17
C LEU C 114 20.73 -17.61 -27.36
N GLN C 115 21.68 -16.91 -26.77
CA GLN C 115 21.69 -15.45 -26.93
C GLN C 115 21.93 -15.04 -28.37
N ALA C 116 22.73 -15.80 -29.11
CA ALA C 116 23.00 -15.49 -30.50
C ALA C 116 21.69 -15.60 -31.30
N GLU C 117 20.89 -16.60 -30.96
CA GLU C 117 19.61 -16.82 -31.62
C GLU C 117 18.69 -15.63 -31.34
N CYS C 118 18.69 -15.18 -30.08
CA CYS C 118 17.87 -14.05 -29.68
C CYS C 118 18.31 -12.76 -30.39
N ASP C 119 19.63 -12.56 -30.48
CA ASP C 119 20.12 -11.37 -31.14
C ASP C 119 19.74 -11.40 -32.62
N ALA C 120 19.76 -12.57 -33.22
CA ALA C 120 19.40 -12.72 -34.62
C ALA C 120 17.92 -12.37 -34.81
N PHE C 121 17.09 -12.75 -33.84
CA PHE C 121 15.67 -12.46 -33.89
C PHE C 121 15.46 -10.96 -33.92
N GLU C 122 16.19 -10.24 -33.08
CA GLU C 122 16.09 -8.78 -33.02
C GLU C 122 16.50 -8.17 -34.36
N GLU C 123 17.52 -8.76 -34.99
CA GLU C 123 17.98 -8.25 -36.28
C GLU C 123 16.90 -8.46 -37.34
N LYS C 124 16.19 -9.58 -37.24
CA LYS C 124 15.12 -9.86 -38.20
C LYS C 124 13.99 -8.86 -38.05
N ILE C 125 13.69 -8.49 -36.82
CA ILE C 125 12.64 -7.51 -36.57
C ILE C 125 13.05 -6.17 -37.17
N LYS C 126 14.31 -5.81 -36.97
CA LYS C 126 14.83 -4.56 -37.49
C LYS C 126 14.81 -4.57 -39.02
N ALA C 127 15.17 -5.71 -39.60
CA ALA C 127 15.20 -5.87 -41.05
C ALA C 127 13.80 -5.73 -41.65
N ALA C 128 12.79 -6.14 -40.89
CA ALA C 128 11.41 -6.05 -41.36
C ALA C 128 10.83 -4.66 -41.15
N GLY C 129 11.62 -3.77 -40.54
CA GLY C 129 11.16 -2.41 -40.31
C GLY C 129 10.46 -2.18 -38.98
N GLY C 130 10.63 -3.12 -38.05
CA GLY C 130 9.99 -2.98 -36.76
C GLY C 130 8.62 -3.64 -36.76
N ILE C 131 7.96 -3.65 -35.62
CA ILE C 131 6.63 -4.25 -35.48
C ILE C 131 5.54 -3.18 -35.52
N GLU C 132 4.57 -3.34 -36.41
CA GLU C 132 3.46 -2.40 -36.55
C GLU C 132 2.47 -2.58 -35.40
N LEU C 133 2.13 -3.84 -35.12
CA LEU C 133 1.19 -4.14 -34.06
C LEU C 133 1.63 -5.40 -33.33
N PHE C 134 1.88 -5.28 -32.03
CA PHE C 134 2.29 -6.43 -31.24
C PHE C 134 1.14 -6.86 -30.35
N VAL C 135 0.66 -8.08 -30.59
CA VAL C 135 -0.44 -8.62 -29.79
C VAL C 135 0.17 -9.48 -28.69
N GLY C 136 -0.34 -9.31 -27.47
CA GLY C 136 0.17 -10.10 -26.37
C GLY C 136 -0.89 -10.45 -25.35
N GLY C 137 -0.45 -10.99 -24.22
CA GLY C 137 -1.36 -11.34 -23.16
C GLY C 137 -0.69 -10.96 -21.85
N ILE C 138 -1.31 -11.31 -20.73
CA ILE C 138 -0.72 -11.01 -19.44
C ILE C 138 -0.77 -12.28 -18.62
N GLY C 139 0.32 -12.59 -17.93
CA GLY C 139 0.35 -13.78 -17.11
C GLY C 139 -0.31 -13.50 -15.78
N PRO C 140 -0.63 -14.53 -14.99
CA PRO C 140 -1.25 -14.29 -13.69
C PRO C 140 -0.30 -13.49 -12.79
N ASP C 141 0.98 -13.53 -13.14
CA ASP C 141 2.03 -12.81 -12.40
C ASP C 141 2.38 -11.49 -13.08
N GLY C 142 1.52 -11.08 -14.02
CA GLY C 142 1.70 -9.83 -14.73
C GLY C 142 2.72 -9.78 -15.86
N HIS C 143 3.28 -10.92 -16.24
CA HIS C 143 4.29 -10.90 -17.29
C HIS C 143 3.80 -10.68 -18.71
N ILE C 144 4.68 -10.14 -19.54
CA ILE C 144 4.44 -9.94 -20.96
C ILE C 144 5.46 -10.94 -21.54
N ALA C 145 5.01 -11.82 -22.42
CA ALA C 145 5.87 -12.86 -22.99
C ALA C 145 6.44 -13.64 -21.79
N PHE C 146 7.75 -13.87 -21.74
CA PHE C 146 8.31 -14.56 -20.59
C PHE C 146 9.19 -13.64 -19.75
N ASN C 147 8.81 -12.37 -19.72
CA ASN C 147 9.52 -11.39 -18.92
C ASN C 147 8.93 -11.51 -17.52
N GLU C 148 9.38 -12.53 -16.82
CA GLU C 148 8.94 -12.84 -15.47
C GLU C 148 9.20 -11.71 -14.48
N PRO C 149 8.50 -11.74 -13.33
CA PRO C 149 8.71 -10.68 -12.33
C PRO C 149 10.21 -10.46 -12.10
N GLY C 150 10.63 -9.20 -12.07
CA GLY C 150 12.03 -8.90 -11.86
C GLY C 150 12.84 -8.77 -13.13
N SER C 151 12.15 -8.62 -14.27
CA SER C 151 12.82 -8.47 -15.57
C SER C 151 13.00 -6.99 -15.88
N SER C 152 14.12 -6.65 -16.51
CA SER C 152 14.38 -5.27 -16.89
C SER C 152 13.24 -4.76 -17.76
N LEU C 153 12.76 -3.56 -17.49
CA LEU C 153 11.66 -3.01 -18.28
C LEU C 153 12.13 -2.48 -19.64
N VAL C 154 13.43 -2.55 -19.90
CA VAL C 154 13.98 -2.12 -21.18
C VAL C 154 14.75 -3.27 -21.81
N SER C 155 14.43 -4.48 -21.36
CA SER C 155 15.07 -5.69 -21.85
C SER C 155 14.84 -5.97 -23.33
N ARG C 156 15.78 -6.69 -23.93
CA ARG C 156 15.67 -7.08 -25.32
C ARG C 156 15.45 -8.60 -25.31
N THR C 157 15.43 -9.21 -26.48
CA THR C 157 15.23 -10.65 -26.59
C THR C 157 16.38 -11.40 -25.94
N ARG C 158 16.06 -12.38 -25.10
CA ARG C 158 17.08 -13.15 -24.39
C ARG C 158 16.47 -14.40 -23.78
N VAL C 159 17.29 -15.19 -23.08
CA VAL C 159 16.79 -16.39 -22.42
C VAL C 159 16.25 -15.99 -21.03
N LYS C 160 15.14 -16.60 -20.63
CA LYS C 160 14.59 -16.33 -19.31
C LYS C 160 14.19 -17.65 -18.68
N THR C 161 14.31 -17.72 -17.36
CA THR C 161 13.94 -18.93 -16.63
C THR C 161 12.52 -18.74 -16.14
N LEU C 162 11.66 -19.71 -16.42
CA LEU C 162 10.27 -19.61 -16.02
C LEU C 162 10.08 -19.58 -14.51
N ALA C 163 9.19 -18.70 -14.06
CA ALA C 163 8.91 -18.58 -12.63
C ALA C 163 7.93 -19.70 -12.26
N MET C 164 7.86 -20.02 -10.97
CA MET C 164 6.97 -21.08 -10.49
C MET C 164 5.54 -20.86 -11.01
N ASP C 165 5.11 -19.61 -11.00
CA ASP C 165 3.79 -19.21 -11.45
C ASP C 165 3.51 -19.75 -12.85
N THR C 166 4.43 -19.48 -13.77
CA THR C 166 4.30 -19.92 -15.15
C THR C 166 4.39 -21.44 -15.27
N ILE C 167 5.25 -22.04 -14.45
N ILE C 167 5.25 -22.05 -14.45
CA ILE C 167 5.41 -23.50 -14.47
CA ILE C 167 5.40 -23.50 -14.48
C ILE C 167 4.10 -24.16 -14.05
C ILE C 167 4.10 -24.16 -14.05
N LEU C 168 3.50 -23.64 -12.99
CA LEU C 168 2.23 -24.15 -12.48
C LEU C 168 1.14 -24.04 -13.52
N ALA C 169 1.05 -22.87 -14.15
CA ALA C 169 0.04 -22.61 -15.17
C ALA C 169 0.18 -23.45 -16.44
N ASN C 170 1.40 -23.83 -16.79
CA ASN C 170 1.60 -24.61 -18.01
C ASN C 170 1.75 -26.11 -17.81
N ALA C 171 1.77 -26.56 -16.56
CA ALA C 171 1.92 -27.98 -16.28
C ALA C 171 0.83 -28.82 -16.94
N ARG C 172 -0.33 -28.22 -17.15
N ARG C 172 -0.34 -28.24 -17.14
CA ARG C 172 -1.46 -28.93 -17.76
CA ARG C 172 -1.45 -28.95 -17.76
C ARG C 172 -1.19 -29.36 -19.19
C ARG C 172 -1.12 -29.44 -19.16
N PHE C 173 -0.15 -28.78 -19.79
CA PHE C 173 0.24 -29.13 -21.15
C PHE C 173 1.31 -30.22 -21.20
N PHE C 174 1.83 -30.58 -20.02
CA PHE C 174 2.86 -31.61 -19.95
C PHE C 174 2.47 -32.72 -18.98
N ASP C 175 1.35 -33.35 -19.29
CA ASP C 175 0.81 -34.46 -18.49
C ASP C 175 0.55 -34.06 -17.04
N GLY C 176 0.39 -32.76 -16.81
CA GLY C 176 0.12 -32.28 -15.47
C GLY C 176 1.29 -32.40 -14.51
N GLU C 177 2.48 -32.64 -15.05
CA GLU C 177 3.67 -32.77 -14.22
C GLU C 177 4.53 -31.50 -14.29
N LEU C 178 4.78 -30.90 -13.13
CA LEU C 178 5.59 -29.69 -13.06
C LEU C 178 7.00 -29.96 -13.58
N THR C 179 7.54 -31.11 -13.20
CA THR C 179 8.89 -31.50 -13.60
C THR C 179 9.08 -31.69 -15.10
N LYS C 180 7.99 -31.69 -15.85
CA LYS C 180 8.08 -31.88 -17.29
C LYS C 180 7.95 -30.60 -18.09
N VAL C 181 7.70 -29.48 -17.41
CA VAL C 181 7.59 -28.21 -18.10
C VAL C 181 9.00 -27.66 -18.34
N PRO C 182 9.30 -27.23 -19.57
CA PRO C 182 10.63 -26.69 -19.88
C PRO C 182 11.00 -25.62 -18.85
N THR C 183 12.26 -25.65 -18.40
CA THR C 183 12.73 -24.70 -17.39
C THR C 183 13.02 -23.30 -17.91
N MET C 184 13.38 -23.19 -19.19
CA MET C 184 13.70 -21.89 -19.78
C MET C 184 13.00 -21.65 -21.10
N ALA C 185 12.99 -20.40 -21.53
CA ALA C 185 12.38 -20.03 -22.79
C ALA C 185 13.15 -18.87 -23.40
N LEU C 186 13.03 -18.72 -24.72
CA LEU C 186 13.63 -17.60 -25.39
C LEU C 186 12.46 -16.65 -25.49
N THR C 187 12.67 -15.38 -25.20
CA THR C 187 11.56 -14.43 -25.22
C THR C 187 11.97 -13.02 -25.63
N VAL C 188 11.09 -12.34 -26.35
CA VAL C 188 11.35 -10.96 -26.71
C VAL C 188 11.36 -10.22 -25.38
N GLY C 189 12.04 -9.08 -25.35
CA GLY C 189 12.10 -8.31 -24.12
C GLY C 189 10.96 -7.34 -23.96
N VAL C 190 10.88 -6.72 -22.79
CA VAL C 190 9.84 -5.73 -22.52
C VAL C 190 10.13 -4.56 -23.48
N GLY C 191 11.40 -4.23 -23.65
CA GLY C 191 11.77 -3.15 -24.54
C GLY C 191 11.44 -3.49 -25.99
N THR C 192 11.61 -4.76 -26.35
CA THR C 192 11.32 -5.23 -27.70
C THR C 192 9.86 -4.96 -28.02
N VAL C 193 8.98 -5.34 -27.10
CA VAL C 193 7.56 -5.13 -27.32
C VAL C 193 7.22 -3.63 -27.30
N MET C 194 7.86 -2.88 -26.40
N MET C 194 7.86 -2.88 -26.40
CA MET C 194 7.62 -1.45 -26.30
CA MET C 194 7.58 -1.46 -26.32
C MET C 194 7.99 -0.71 -27.58
C MET C 194 7.97 -0.72 -27.59
N ASP C 195 8.89 -1.29 -28.36
CA ASP C 195 9.32 -0.67 -29.61
C ASP C 195 8.24 -0.77 -30.70
N ALA C 196 7.25 -1.62 -30.49
CA ALA C 196 6.17 -1.78 -31.47
C ALA C 196 5.42 -0.46 -31.60
N ARG C 197 4.92 -0.17 -32.79
CA ARG C 197 4.19 1.06 -33.00
C ARG C 197 2.88 1.07 -32.20
N GLU C 198 2.29 -0.12 -32.05
CA GLU C 198 1.06 -0.26 -31.27
C GLU C 198 1.11 -1.59 -30.53
N VAL C 199 0.55 -1.63 -29.33
CA VAL C 199 0.54 -2.86 -28.54
C VAL C 199 -0.89 -3.16 -28.12
N MET C 200 -1.32 -4.40 -28.33
CA MET C 200 -2.67 -4.79 -27.91
C MET C 200 -2.54 -6.00 -26.99
N ILE C 201 -2.97 -5.84 -25.75
CA ILE C 201 -2.90 -6.94 -24.79
C ILE C 201 -4.30 -7.49 -24.57
N LEU C 202 -4.48 -8.79 -24.82
N LEU C 202 -4.47 -8.79 -24.79
CA LEU C 202 -5.77 -9.44 -24.65
CA LEU C 202 -5.76 -9.44 -24.60
C LEU C 202 -5.76 -10.13 -23.29
C LEU C 202 -5.75 -10.09 -23.22
N ILE C 203 -6.75 -9.82 -22.46
N ILE C 203 -6.76 -9.80 -22.41
CA ILE C 203 -6.84 -10.38 -21.12
CA ILE C 203 -6.85 -10.35 -21.06
C ILE C 203 -8.25 -10.87 -20.82
C ILE C 203 -8.26 -10.86 -20.76
N THR C 204 -8.38 -12.14 -20.46
CA THR C 204 -9.69 -12.70 -20.16
C THR C 204 -9.68 -13.60 -18.92
N GLY C 205 -10.76 -13.56 -18.16
CA GLY C 205 -10.87 -14.42 -17.00
C GLY C 205 -10.51 -13.82 -15.66
N ALA C 206 -11.21 -14.29 -14.63
CA ALA C 206 -11.00 -13.82 -13.28
C ALA C 206 -9.59 -14.11 -12.78
N HIS C 207 -8.96 -15.15 -13.31
CA HIS C 207 -7.62 -15.51 -12.90
C HIS C 207 -6.57 -14.48 -13.34
N LYS C 208 -6.96 -13.54 -14.19
CA LYS C 208 -6.04 -12.52 -14.67
C LYS C 208 -6.38 -11.16 -14.08
N ALA C 209 -7.46 -11.09 -13.30
CA ALA C 209 -7.92 -9.83 -12.72
C ALA C 209 -6.90 -9.13 -11.82
N PHE C 210 -6.26 -9.86 -10.93
CA PHE C 210 -5.29 -9.22 -10.05
C PHE C 210 -4.11 -8.68 -10.86
N ALA C 211 -3.62 -9.47 -11.81
CA ALA C 211 -2.50 -9.03 -12.64
C ALA C 211 -2.86 -7.77 -13.44
N LEU C 212 -4.09 -7.72 -13.94
CA LEU C 212 -4.53 -6.55 -14.71
C LEU C 212 -4.53 -5.34 -13.78
N TYR C 213 -5.05 -5.52 -12.57
CA TYR C 213 -5.09 -4.44 -11.59
C TYR C 213 -3.67 -3.93 -11.34
N LYS C 214 -2.73 -4.87 -11.15
CA LYS C 214 -1.35 -4.47 -10.90
C LYS C 214 -0.75 -3.71 -12.08
N ALA C 215 -1.09 -4.14 -13.30
CA ALA C 215 -0.54 -3.51 -14.49
C ALA C 215 -1.10 -2.14 -14.83
N ILE C 216 -2.35 -1.86 -14.48
CA ILE C 216 -2.91 -0.56 -14.82
C ILE C 216 -3.36 0.34 -13.67
N GLU C 217 -3.55 -0.21 -12.48
CA GLU C 217 -3.96 0.63 -11.34
C GLU C 217 -2.74 0.99 -10.48
N GLU C 218 -1.76 0.10 -10.41
CA GLU C 218 -0.55 0.39 -9.66
C GLU C 218 0.46 0.91 -10.67
N GLY C 219 1.61 1.40 -10.20
CA GLY C 219 2.58 1.99 -11.12
C GLY C 219 3.58 1.12 -11.85
N VAL C 220 4.45 1.77 -12.61
CA VAL C 220 5.49 1.10 -13.37
C VAL C 220 6.36 0.31 -12.38
N ASN C 221 6.43 -1.01 -12.56
CA ASN C 221 7.13 -1.89 -11.63
C ASN C 221 7.62 -3.14 -12.39
N HIS C 222 8.91 -3.46 -12.29
CA HIS C 222 9.42 -4.63 -13.01
C HIS C 222 8.93 -5.97 -12.47
N MET C 223 8.16 -5.94 -11.38
CA MET C 223 7.62 -7.18 -10.83
C MET C 223 6.33 -7.56 -11.57
N TRP C 224 5.76 -6.60 -12.27
CA TRP C 224 4.53 -6.82 -13.06
C TRP C 224 4.86 -6.13 -14.39
N THR C 225 5.57 -6.85 -15.25
CA THR C 225 6.06 -6.26 -16.48
C THR C 225 5.10 -5.63 -17.47
N VAL C 226 3.84 -6.02 -17.46
CA VAL C 226 2.89 -5.38 -18.38
C VAL C 226 2.68 -3.92 -17.95
N SER C 227 3.07 -3.60 -16.71
CA SER C 227 2.93 -2.23 -16.24
C SER C 227 3.83 -1.29 -17.05
N ALA C 228 4.81 -1.85 -17.74
CA ALA C 228 5.72 -1.04 -18.54
C ALA C 228 4.98 -0.26 -19.63
N PHE C 229 3.84 -0.78 -20.08
CA PHE C 229 3.14 -0.10 -21.15
C PHE C 229 2.47 1.21 -20.76
N GLN C 230 2.58 1.57 -19.48
CA GLN C 230 2.03 2.85 -19.03
C GLN C 230 2.87 3.94 -19.68
N GLN C 231 4.04 3.56 -20.18
CA GLN C 231 4.92 4.51 -20.84
C GLN C 231 5.05 4.24 -22.34
N HIS C 232 4.03 3.59 -22.90
CA HIS C 232 3.99 3.33 -24.34
C HIS C 232 2.94 4.29 -24.91
N PRO C 233 3.21 4.88 -26.08
CA PRO C 233 2.26 5.83 -26.66
C PRO C 233 0.93 5.31 -27.18
N ARG C 234 0.87 4.02 -27.49
CA ARG C 234 -0.35 3.47 -28.08
C ARG C 234 -0.60 2.02 -27.68
N THR C 235 -1.15 1.83 -26.49
CA THR C 235 -1.44 0.49 -26.02
C THR C 235 -2.93 0.32 -25.84
N VAL C 236 -3.44 -0.83 -26.26
CA VAL C 236 -4.85 -1.15 -26.15
C VAL C 236 -4.99 -2.43 -25.35
N PHE C 237 -5.78 -2.38 -24.29
CA PHE C 237 -6.03 -3.56 -23.46
C PHE C 237 -7.45 -4.01 -23.81
N VAL C 238 -7.61 -5.27 -24.18
CA VAL C 238 -8.93 -5.82 -24.52
C VAL C 238 -9.22 -6.92 -23.52
N CYS C 239 -10.31 -6.78 -22.75
N CYS C 239 -10.30 -6.76 -22.74
CA CYS C 239 -10.65 -7.77 -21.74
CA CYS C 239 -10.65 -7.73 -21.70
C CYS C 239 -12.13 -8.09 -21.68
C CYS C 239 -12.14 -8.06 -21.65
N ASP C 240 -12.47 -9.07 -20.86
CA ASP C 240 -13.86 -9.44 -20.69
C ASP C 240 -14.22 -8.97 -19.28
N GLU C 241 -15.49 -9.05 -18.90
CA GLU C 241 -15.93 -8.60 -17.59
C GLU C 241 -15.17 -9.20 -16.40
N ASP C 242 -14.95 -10.51 -16.43
CA ASP C 242 -14.27 -11.18 -15.34
C ASP C 242 -12.86 -10.66 -15.10
N ALA C 243 -12.21 -10.16 -16.14
CA ALA C 243 -10.85 -9.65 -15.99
C ALA C 243 -10.79 -8.30 -15.26
N THR C 244 -11.94 -7.64 -15.12
CA THR C 244 -11.98 -6.33 -14.47
C THR C 244 -12.31 -6.36 -12.97
N LEU C 245 -12.52 -7.55 -12.43
CA LEU C 245 -12.92 -7.72 -11.03
C LEU C 245 -12.10 -7.01 -9.94
N GLU C 246 -10.80 -6.84 -10.19
CA GLU C 246 -9.94 -6.19 -9.19
C GLU C 246 -9.75 -4.69 -9.39
N LEU C 247 -10.31 -4.15 -10.47
CA LEU C 247 -10.18 -2.72 -10.76
C LEU C 247 -11.16 -1.89 -9.94
N LYS C 248 -10.91 -0.58 -9.87
CA LYS C 248 -11.82 0.30 -9.15
C LYS C 248 -13.03 0.56 -10.03
N VAL C 249 -14.19 0.69 -9.40
CA VAL C 249 -15.42 0.97 -10.12
C VAL C 249 -15.23 2.19 -11.04
N LYS C 250 -14.56 3.21 -10.53
CA LYS C 250 -14.31 4.44 -11.28
C LYS C 250 -13.61 4.18 -12.61
N THR C 251 -12.60 3.31 -12.58
CA THR C 251 -11.84 2.97 -13.77
C THR C 251 -12.71 2.31 -14.84
N VAL C 252 -13.49 1.32 -14.41
CA VAL C 252 -14.36 0.61 -15.34
C VAL C 252 -15.45 1.53 -15.90
N LYS C 253 -16.03 2.37 -15.05
CA LYS C 253 -17.06 3.31 -15.50
C LYS C 253 -16.49 4.23 -16.58
N TYR C 254 -15.29 4.74 -16.34
CA TYR C 254 -14.66 5.63 -17.31
C TYR C 254 -14.49 4.96 -18.66
N PHE C 255 -13.89 3.78 -18.67
CA PHE C 255 -13.68 3.12 -19.96
C PHE C 255 -14.93 2.55 -20.60
N LYS C 256 -15.92 2.16 -19.80
CA LYS C 256 -17.16 1.67 -20.41
C LYS C 256 -17.85 2.84 -21.11
N GLY C 257 -17.63 4.04 -20.58
CA GLY C 257 -18.23 5.23 -21.16
C GLY C 257 -17.58 5.57 -22.50
N LEU C 258 -16.38 5.04 -22.73
CA LEU C 258 -15.66 5.27 -23.97
C LEU C 258 -15.84 4.15 -24.99
N MET C 259 -16.66 3.16 -24.67
CA MET C 259 -16.85 2.06 -25.60
C MET C 259 -17.49 2.47 -26.92
N LEU C 260 -18.37 3.47 -26.89
CA LEU C 260 -19.00 3.92 -28.12
C LEU C 260 -17.90 4.47 -29.03
N VAL C 261 -17.04 5.31 -28.47
CA VAL C 261 -15.94 5.89 -29.23
C VAL C 261 -14.97 4.82 -29.71
N HIS C 262 -14.61 3.89 -28.83
CA HIS C 262 -13.67 2.84 -29.20
C HIS C 262 -14.21 1.77 -30.14
N ASN C 263 -15.53 1.59 -30.16
CA ASN C 263 -16.07 0.58 -31.06
C ASN C 263 -15.95 1.06 -32.50
N LYS C 264 -15.63 2.33 -32.70
CA LYS C 264 -15.45 2.86 -34.05
C LYS C 264 -14.18 2.25 -34.65
N LEU C 265 -13.35 1.65 -33.79
CA LEU C 265 -12.12 1.03 -34.25
C LEU C 265 -12.42 -0.29 -34.95
N VAL C 266 -13.58 -0.88 -34.66
CA VAL C 266 -13.95 -2.16 -35.26
C VAL C 266 -15.25 -2.11 -36.05
N ASP C 267 -15.90 -0.96 -36.06
CA ASP C 267 -17.15 -0.79 -36.80
C ASP C 267 -17.16 0.60 -37.41
N PRO C 268 -17.18 0.70 -38.75
CA PRO C 268 -17.24 -0.36 -39.77
C PRO C 268 -16.13 -1.42 -39.74
N LEU C 269 -16.47 -2.62 -40.18
CA LEU C 269 -15.51 -3.70 -40.26
C LEU C 269 -15.21 -3.78 -41.75
N TYR C 270 -13.96 -3.50 -42.12
CA TYR C 270 -13.58 -3.50 -43.53
C TYR C 270 -13.34 -4.89 -44.10
N SER C 271 -13.28 -4.96 -45.44
CA SER C 271 -13.05 -6.21 -46.14
C SER C 271 -12.23 -5.96 -47.40
N ILE C 272 -11.41 -6.92 -47.78
CA ILE C 272 -10.58 -6.77 -48.97
C ILE C 272 -11.44 -6.97 -50.22
N LYS C 273 -12.70 -7.35 -50.03
CA LYS C 273 -13.58 -7.57 -51.16
C LYS C 273 -13.94 -6.30 -51.93
N GLU C 274 -13.43 -5.16 -51.49
CA GLU C 274 -13.67 -3.86 -52.14
C GLU C 274 -13.37 -2.70 -51.21
N MET D 1 -6.38 8.39 20.52
CA MET D 1 -5.07 8.47 21.23
C MET D 1 -4.68 9.93 21.42
N LYS D 2 -3.72 10.16 22.31
CA LYS D 2 -3.18 11.48 22.53
C LYS D 2 -1.73 11.32 22.06
N LEU D 3 -1.32 12.12 21.09
CA LEU D 3 0.05 12.06 20.59
C LEU D 3 0.73 13.35 21.04
N ILE D 4 1.72 13.21 21.91
CA ILE D 4 2.46 14.35 22.45
C ILE D 4 3.78 14.47 21.72
N ILE D 5 4.07 15.64 21.17
CA ILE D 5 5.30 15.83 20.41
C ILE D 5 6.21 16.91 21.00
N LEU D 6 7.42 16.51 21.38
CA LEU D 6 8.41 17.43 21.93
C LEU D 6 9.56 17.57 20.94
N GLU D 7 10.39 18.59 21.12
CA GLU D 7 11.50 18.83 20.20
C GLU D 7 12.62 17.78 20.23
N HIS D 8 13.22 17.58 21.40
CA HIS D 8 14.32 16.63 21.52
C HIS D 8 14.04 15.52 22.53
N TYR D 9 14.94 14.55 22.56
CA TYR D 9 14.85 13.42 23.48
C TYR D 9 14.69 13.89 24.92
N SER D 10 15.51 14.85 25.32
CA SER D 10 15.47 15.36 26.69
C SER D 10 14.09 15.91 27.04
N GLN D 11 13.48 16.64 26.12
CA GLN D 11 12.16 17.22 26.36
C GLN D 11 11.07 16.15 26.43
N ALA D 12 11.18 15.13 25.59
CA ALA D 12 10.19 14.05 25.61
C ALA D 12 10.31 13.30 26.91
N SER D 13 11.56 13.01 27.30
CA SER D 13 11.85 12.30 28.55
C SER D 13 11.23 13.05 29.72
N GLU D 14 11.44 14.35 29.75
CA GLU D 14 10.93 15.21 30.82
C GLU D 14 9.40 15.23 30.86
N TRP D 15 8.76 15.31 29.70
CA TRP D 15 7.31 15.35 29.66
C TRP D 15 6.75 14.07 30.28
N ALA D 16 7.30 12.92 29.88
CA ALA D 16 6.86 11.64 30.41
C ALA D 16 7.04 11.58 31.93
N ALA D 17 8.20 12.05 32.39
CA ALA D 17 8.50 12.05 33.82
C ALA D 17 7.53 12.94 34.58
N LYS D 18 7.24 14.12 34.03
CA LYS D 18 6.32 15.04 34.67
C LYS D 18 4.92 14.43 34.74
N TYR D 19 4.53 13.72 33.68
CA TYR D 19 3.21 13.11 33.64
C TYR D 19 3.09 12.01 34.69
N ILE D 20 4.13 11.17 34.79
CA ILE D 20 4.15 10.09 35.77
C ILE D 20 4.09 10.72 37.16
N ARG D 21 4.86 11.79 37.34
CA ARG D 21 4.90 12.49 38.63
C ARG D 21 3.51 13.01 39.00
N ASN D 22 2.87 13.72 38.08
CA ASN D 22 1.54 14.26 38.34
C ASN D 22 0.50 13.17 38.58
N ARG D 23 0.57 12.07 37.84
CA ARG D 23 -0.39 11.00 38.00
C ARG D 23 -0.26 10.32 39.37
N ILE D 24 0.96 10.10 39.83
CA ILE D 24 1.15 9.48 41.13
C ILE D 24 0.71 10.41 42.26
N ILE D 25 1.15 11.66 42.20
CA ILE D 25 0.81 12.64 43.23
C ILE D 25 -0.70 12.87 43.33
N GLN D 26 -1.38 13.07 42.20
CA GLN D 26 -2.81 13.29 42.22
C GLN D 26 -3.58 12.03 42.60
N PHE D 27 -2.99 10.86 42.32
CA PHE D 27 -3.60 9.59 42.67
C PHE D 27 -3.54 9.53 44.20
N ASN D 28 -2.46 10.09 44.74
CA ASN D 28 -2.23 10.13 46.17
C ASN D 28 -2.30 8.74 46.81
N PRO D 29 -1.37 7.84 46.41
CA PRO D 29 -1.31 6.47 46.91
C PRO D 29 -1.01 6.38 48.41
N GLY D 30 -1.47 5.31 49.03
CA GLY D 30 -1.24 5.12 50.46
C GLY D 30 -1.11 3.65 50.81
N PRO D 31 -0.86 3.33 52.09
CA PRO D 31 -0.71 1.95 52.56
C PRO D 31 -1.84 1.00 52.19
N GLU D 32 -3.01 1.54 51.90
CA GLU D 32 -4.15 0.70 51.53
C GLU D 32 -4.64 1.02 50.13
N LYS D 33 -3.85 1.80 49.39
CA LYS D 33 -4.21 2.19 48.03
C LYS D 33 -2.95 2.52 47.24
N TYR D 34 -2.27 1.49 46.77
CA TYR D 34 -1.04 1.69 46.00
C TYR D 34 -1.31 2.09 44.56
N PHE D 35 -0.30 2.74 43.96
CA PHE D 35 -0.36 3.16 42.57
C PHE D 35 0.46 2.10 41.84
N THR D 36 -0.17 1.36 40.93
CA THR D 36 0.52 0.31 40.17
C THR D 36 1.06 0.87 38.87
N LEU D 37 2.36 0.73 38.66
CA LEU D 37 3.03 1.26 37.48
C LEU D 37 3.77 0.20 36.66
N GLY D 38 3.35 0.02 35.41
CA GLY D 38 4.01 -0.93 34.52
C GLY D 38 5.21 -0.22 33.94
N LEU D 39 6.36 -0.88 33.87
CA LEU D 39 7.58 -0.24 33.39
C LEU D 39 8.40 -0.95 32.32
N PRO D 40 9.13 -0.18 31.51
CA PRO D 40 9.98 -0.70 30.44
C PRO D 40 11.47 -0.51 30.75
N THR D 41 12.34 -1.13 29.96
CA THR D 41 13.78 -0.92 30.13
C THR D 41 14.28 -0.43 28.77
N GLY D 42 15.59 -0.29 28.61
CA GLY D 42 16.11 0.18 27.34
C GLY D 42 16.62 1.59 27.47
N SER D 43 17.29 2.08 26.43
N SER D 43 17.29 2.07 26.42
CA SER D 43 17.84 3.42 26.42
CA SER D 43 17.84 3.42 26.42
C SER D 43 16.74 4.49 26.39
C SER D 43 16.74 4.49 26.39
N THR D 44 15.62 4.18 25.75
CA THR D 44 14.52 5.13 25.64
C THR D 44 13.99 5.70 26.96
N PRO D 45 13.61 4.86 27.92
CA PRO D 45 13.10 5.38 29.18
C PRO D 45 14.17 5.88 30.16
N LEU D 46 15.42 5.73 29.79
CA LEU D 46 16.53 6.14 30.65
C LEU D 46 16.41 7.60 31.08
N GLY D 47 16.15 8.49 30.13
CA GLY D 47 16.02 9.90 30.44
C GLY D 47 14.86 10.17 31.40
N CYS D 48 13.79 9.41 31.23
CA CYS D 48 12.61 9.55 32.09
C CYS D 48 12.97 9.14 33.52
N TYR D 49 13.63 8.00 33.67
CA TYR D 49 14.02 7.52 35.00
C TYR D 49 14.92 8.52 35.71
N LYS D 50 15.85 9.10 34.96
CA LYS D 50 16.76 10.09 35.53
C LYS D 50 16.01 11.29 36.08
N LYS D 51 14.98 11.72 35.36
CA LYS D 51 14.19 12.85 35.82
C LYS D 51 13.38 12.47 37.06
N LEU D 52 12.77 11.29 37.03
CA LEU D 52 11.98 10.83 38.17
C LEU D 52 12.84 10.76 39.42
N ILE D 53 14.09 10.36 39.26
CA ILE D 53 15.02 10.28 40.39
C ILE D 53 15.27 11.70 40.90
N GLU D 54 15.49 12.64 39.99
CA GLU D 54 15.72 14.04 40.38
C GLU D 54 14.55 14.55 41.20
N TYR D 55 13.33 14.25 40.73
CA TYR D 55 12.12 14.67 41.43
C TYR D 55 12.08 14.12 42.84
N TYR D 56 12.51 12.86 42.99
CA TYR D 56 12.53 12.23 44.30
C TYR D 56 13.57 12.87 45.21
N LYS D 57 14.79 13.01 44.70
CA LYS D 57 15.88 13.60 45.47
C LYS D 57 15.56 15.03 45.91
N ASN D 58 14.66 15.68 45.17
CA ASN D 58 14.28 17.06 45.47
C ASN D 58 13.12 17.10 46.45
N GLY D 59 12.63 15.93 46.85
CA GLY D 59 11.53 15.85 47.80
C GLY D 59 10.18 16.19 47.20
N ASP D 60 10.08 16.11 45.88
CA ASP D 60 8.84 16.44 45.18
C ASP D 60 7.99 15.22 44.86
N LEU D 61 8.61 14.04 44.86
CA LEU D 61 7.89 12.81 44.52
C LEU D 61 8.36 11.60 45.33
N SER D 62 7.41 10.78 45.76
CA SER D 62 7.71 9.57 46.52
C SER D 62 7.11 8.33 45.86
N PHE D 63 7.89 7.25 45.85
CA PHE D 63 7.46 5.97 45.28
C PHE D 63 7.19 4.96 46.38
N LYS D 64 7.08 5.45 47.61
CA LYS D 64 6.84 4.59 48.77
C LYS D 64 5.60 3.71 48.62
N TYR D 65 4.54 4.25 48.04
CA TYR D 65 3.32 3.48 47.87
C TYR D 65 3.04 3.20 46.41
N VAL D 66 4.10 2.84 45.71
CA VAL D 66 4.01 2.50 44.29
C VAL D 66 4.49 1.07 44.12
N LYS D 67 3.75 0.31 43.32
CA LYS D 67 4.12 -1.06 43.02
C LYS D 67 4.43 -1.04 41.54
N THR D 68 5.51 -1.69 41.14
CA THR D 68 5.89 -1.71 39.73
C THR D 68 5.92 -3.13 39.16
N PHE D 69 5.58 -3.22 37.88
CA PHE D 69 5.62 -4.49 37.16
C PHE D 69 6.33 -4.21 35.84
N ASN D 70 7.47 -4.86 35.63
CA ASN D 70 8.20 -4.66 34.40
C ASN D 70 7.59 -5.53 33.31
N MET D 71 7.59 -5.05 32.08
CA MET D 71 6.98 -5.81 31.02
C MET D 71 7.70 -7.10 30.62
N ASP D 72 9.00 -7.20 30.85
CA ASP D 72 9.73 -8.41 30.46
C ASP D 72 11.09 -8.63 31.10
N GLU D 73 11.73 -9.73 30.72
CA GLU D 73 13.04 -10.11 31.21
C GLU D 73 13.57 -11.25 30.33
N TYR D 74 14.88 -11.28 30.14
CA TYR D 74 15.50 -12.32 29.33
C TYR D 74 15.47 -13.67 30.02
N VAL D 75 15.24 -14.72 29.25
CA VAL D 75 15.24 -16.07 29.81
C VAL D 75 16.69 -16.54 29.85
N GLY D 76 17.07 -17.19 30.94
CA GLY D 76 18.42 -17.71 31.04
C GLY D 76 19.53 -16.82 31.57
N LEU D 77 19.37 -15.51 31.48
CA LEU D 77 20.42 -14.62 31.99
C LEU D 77 20.43 -14.60 33.50
N PRO D 78 21.60 -14.80 34.13
CA PRO D 78 21.61 -14.78 35.58
C PRO D 78 21.01 -13.45 36.04
N ARG D 79 20.12 -13.49 37.03
CA ARG D 79 19.48 -12.28 37.53
C ARG D 79 20.47 -11.16 37.83
N ASP D 80 21.64 -11.52 38.36
CA ASP D 80 22.65 -10.53 38.70
C ASP D 80 23.56 -10.16 37.53
N HIS D 81 23.30 -10.75 36.36
CA HIS D 81 24.09 -10.44 35.18
C HIS D 81 23.84 -8.94 34.94
N PRO D 82 24.90 -8.19 34.61
N PRO D 82 24.90 -8.19 34.61
CA PRO D 82 24.79 -6.75 34.36
CA PRO D 82 24.81 -6.75 34.34
C PRO D 82 23.79 -6.35 33.27
C PRO D 82 23.79 -6.36 33.29
N GLU D 83 23.48 -7.28 32.38
CA GLU D 83 22.53 -7.00 31.30
C GLU D 83 21.10 -7.48 31.54
N SER D 84 20.82 -8.07 32.70
CA SER D 84 19.47 -8.53 32.95
C SER D 84 18.62 -7.29 33.19
N TYR D 85 17.31 -7.41 32.99
CA TYR D 85 16.45 -6.27 33.19
C TYR D 85 16.29 -6.03 34.70
N HIS D 86 16.54 -7.07 35.49
CA HIS D 86 16.49 -6.94 36.95
C HIS D 86 17.59 -5.94 37.30
N SER D 87 18.77 -6.15 36.73
N SER D 87 18.79 -6.15 36.74
CA SER D 87 19.92 -5.30 36.97
CA SER D 87 19.92 -5.27 36.99
C SER D 87 19.69 -3.88 36.44
C SER D 87 19.69 -3.86 36.45
N PHE D 88 19.13 -3.78 35.24
CA PHE D 88 18.86 -2.49 34.64
C PHE D 88 17.95 -1.63 35.54
N MET D 89 16.88 -2.24 36.02
CA MET D 89 15.94 -1.52 36.87
C MET D 89 16.55 -1.15 38.22
N TRP D 90 17.31 -2.06 38.80
CA TRP D 90 17.93 -1.80 40.10
C TRP D 90 18.93 -0.66 40.04
N ASN D 91 19.87 -0.76 39.10
CA ASN D 91 20.91 0.25 38.98
C ASN D 91 20.50 1.58 38.37
N ASN D 92 19.53 1.58 37.47
CA ASN D 92 19.10 2.82 36.85
C ASN D 92 17.88 3.46 37.49
N PHE D 93 17.25 2.79 38.45
CA PHE D 93 16.06 3.38 39.04
C PHE D 93 15.77 3.02 40.50
N PHE D 94 15.47 1.75 40.76
CA PHE D 94 15.11 1.30 42.11
C PHE D 94 16.05 1.67 43.25
N LYS D 95 17.36 1.51 43.07
CA LYS D 95 18.28 1.82 44.16
C LYS D 95 18.42 3.32 44.42
N HIS D 96 17.83 4.13 43.55
CA HIS D 96 17.91 5.58 43.69
C HIS D 96 16.64 6.21 44.24
N ILE D 97 15.61 5.42 44.45
CA ILE D 97 14.34 5.93 44.96
C ILE D 97 13.89 5.21 46.21
N ASP D 98 12.78 5.69 46.79
CA ASP D 98 12.24 5.12 48.02
C ASP D 98 11.16 4.05 47.84
N ILE D 99 11.22 3.31 46.73
CA ILE D 99 10.23 2.26 46.50
C ILE D 99 10.65 1.02 47.29
N HIS D 100 9.68 0.30 47.84
CA HIS D 100 9.96 -0.91 48.63
C HIS D 100 10.32 -2.05 47.67
N PRO D 101 11.42 -2.77 47.97
CA PRO D 101 11.86 -3.89 47.13
C PRO D 101 10.75 -4.91 46.88
N GLU D 102 10.01 -5.24 47.93
CA GLU D 102 8.94 -6.23 47.84
C GLU D 102 7.80 -5.76 46.94
N ASN D 103 7.80 -4.49 46.57
CA ASN D 103 6.74 -3.97 45.72
C ASN D 103 7.17 -3.79 44.26
N THR D 104 8.37 -4.26 43.94
CA THR D 104 8.85 -4.18 42.56
C THR D 104 8.79 -5.60 42.04
N HIS D 105 8.16 -5.78 40.89
CA HIS D 105 8.01 -7.11 40.32
C HIS D 105 8.57 -7.21 38.91
N ILE D 106 9.46 -8.18 38.72
CA ILE D 106 10.09 -8.42 37.43
C ILE D 106 10.04 -9.93 37.19
N LEU D 107 9.70 -10.32 35.98
CA LEU D 107 9.62 -11.75 35.64
C LEU D 107 10.95 -12.44 35.90
N ASP D 108 10.90 -13.64 36.47
CA ASP D 108 12.12 -14.41 36.76
C ASP D 108 12.51 -15.25 35.55
N GLY D 109 13.47 -14.75 34.77
CA GLY D 109 13.92 -15.46 33.59
C GLY D 109 14.70 -16.73 33.87
N ASN D 110 15.00 -16.98 35.15
CA ASN D 110 15.74 -18.18 35.52
C ASN D 110 14.88 -19.24 36.16
N ALA D 111 13.57 -19.06 36.07
CA ALA D 111 12.63 -20.03 36.63
C ALA D 111 12.73 -21.29 35.79
N VAL D 112 12.47 -22.45 36.40
CA VAL D 112 12.52 -23.71 35.67
C VAL D 112 11.26 -23.85 34.83
N ASP D 113 10.10 -23.56 35.41
CA ASP D 113 8.85 -23.65 34.69
C ASP D 113 8.49 -22.24 34.24
N LEU D 114 8.85 -21.91 33.00
CA LEU D 114 8.62 -20.58 32.45
C LEU D 114 7.15 -20.14 32.41
N GLN D 115 6.25 -20.99 31.94
CA GLN D 115 4.85 -20.61 31.88
C GLN D 115 4.26 -20.41 33.27
N ALA D 116 4.71 -21.21 34.24
CA ALA D 116 4.21 -21.07 35.60
C ALA D 116 4.62 -19.70 36.15
N GLU D 117 5.84 -19.29 35.84
CA GLU D 117 6.35 -17.99 36.28
C GLU D 117 5.52 -16.89 35.65
N CYS D 118 5.16 -17.06 34.38
CA CYS D 118 4.36 -16.08 33.68
C CYS D 118 2.95 -16.01 34.26
N ASP D 119 2.36 -17.17 34.54
CA ASP D 119 1.01 -17.19 35.10
C ASP D 119 0.99 -16.57 36.49
N ALA D 120 2.08 -16.73 37.24
CA ALA D 120 2.20 -16.16 38.57
C ALA D 120 2.28 -14.64 38.49
N PHE D 121 2.94 -14.16 37.45
CA PHE D 121 3.10 -12.72 37.25
C PHE D 121 1.74 -12.10 37.02
N GLU D 122 0.90 -12.77 36.21
CA GLU D 122 -0.44 -12.28 35.92
C GLU D 122 -1.26 -12.28 37.20
N GLU D 123 -1.08 -13.29 38.05
CA GLU D 123 -1.83 -13.34 39.30
C GLU D 123 -1.44 -12.17 40.21
N LYS D 124 -0.15 -11.83 40.21
N LYS D 124 -0.16 -11.82 40.21
CA LYS D 124 0.33 -10.72 41.04
CA LYS D 124 0.33 -10.72 41.04
C LYS D 124 -0.25 -9.39 40.57
C LYS D 124 -0.25 -9.38 40.57
N ILE D 125 -0.37 -9.21 39.27
CA ILE D 125 -0.93 -7.97 38.73
C ILE D 125 -2.38 -7.89 39.19
N LYS D 126 -3.09 -9.00 39.09
CA LYS D 126 -4.49 -9.06 39.50
C LYS D 126 -4.64 -8.81 40.99
N ALA D 127 -3.76 -9.41 41.78
CA ALA D 127 -3.80 -9.25 43.23
C ALA D 127 -3.56 -7.80 43.62
N ALA D 128 -2.80 -7.08 42.80
CA ALA D 128 -2.50 -5.68 43.06
C ALA D 128 -3.60 -4.75 42.56
N GLY D 129 -4.64 -5.34 41.97
CA GLY D 129 -5.77 -4.56 41.47
C GLY D 129 -5.62 -4.06 40.04
N GLY D 130 -4.69 -4.66 39.29
CA GLY D 130 -4.48 -4.24 37.91
C GLY D 130 -3.44 -3.13 37.83
N ILE D 131 -3.13 -2.71 36.61
CA ILE D 131 -2.15 -1.65 36.38
C ILE D 131 -2.82 -0.30 36.12
N GLU D 132 -2.47 0.71 36.91
CA GLU D 132 -3.03 2.05 36.76
C GLU D 132 -2.47 2.73 35.53
N LEU D 133 -1.14 2.69 35.40
CA LEU D 133 -0.45 3.30 34.26
C LEU D 133 0.66 2.38 33.78
N PHE D 134 0.57 1.95 32.52
CA PHE D 134 1.62 1.08 31.99
C PHE D 134 2.45 1.89 31.01
N VAL D 135 3.73 2.06 31.34
CA VAL D 135 4.66 2.80 30.49
C VAL D 135 5.41 1.81 29.62
N GLY D 136 5.48 2.09 28.32
CA GLY D 136 6.18 1.19 27.44
C GLY D 136 6.93 1.92 26.35
N GLY D 137 7.46 1.16 25.40
CA GLY D 137 8.18 1.75 24.29
C GLY D 137 7.76 0.99 23.06
N ILE D 138 8.38 1.29 21.92
CA ILE D 138 8.07 0.60 20.69
C ILE D 138 9.38 0.11 20.08
N GLY D 139 9.37 -1.12 19.57
CA GLY D 139 10.57 -1.66 18.95
C GLY D 139 10.66 -1.22 17.52
N PRO D 140 11.82 -1.39 16.86
CA PRO D 140 11.99 -0.99 15.46
C PRO D 140 11.00 -1.76 14.60
N ASP D 141 10.55 -2.89 15.12
CA ASP D 141 9.59 -3.77 14.44
C ASP D 141 8.18 -3.57 14.98
N GLY D 142 7.98 -2.47 15.69
CA GLY D 142 6.67 -2.14 16.25
C GLY D 142 6.22 -2.92 17.48
N HIS D 143 7.10 -3.69 18.09
CA HIS D 143 6.66 -4.47 19.24
C HIS D 143 6.42 -3.71 20.55
N ILE D 144 5.53 -4.26 21.37
CA ILE D 144 5.27 -3.73 22.70
C ILE D 144 5.86 -4.88 23.52
N ALA D 145 6.73 -4.56 24.48
CA ALA D 145 7.41 -5.58 25.29
C ALA D 145 8.10 -6.51 24.30
N PHE D 146 7.95 -7.82 24.44
CA PHE D 146 8.57 -8.72 23.48
C PHE D 146 7.53 -9.46 22.66
N ASN D 147 6.41 -8.76 22.41
CA ASN D 147 5.35 -9.31 21.58
C ASN D 147 5.79 -9.03 20.15
N GLU D 148 6.70 -9.86 19.68
CA GLU D 148 7.28 -9.77 18.35
C GLU D 148 6.24 -9.87 17.23
N PRO D 149 6.60 -9.44 16.02
CA PRO D 149 5.65 -9.51 14.90
C PRO D 149 5.05 -10.91 14.81
N GLY D 150 3.73 -10.97 14.69
CA GLY D 150 3.06 -12.26 14.60
C GLY D 150 2.53 -12.73 15.94
N SER D 151 2.52 -11.85 16.93
CA SER D 151 2.02 -12.19 18.27
C SER D 151 0.52 -11.91 18.38
N SER D 152 -0.20 -12.79 19.07
CA SER D 152 -1.63 -12.59 19.26
C SER D 152 -1.85 -11.23 19.91
N LEU D 153 -2.81 -10.48 19.40
CA LEU D 153 -3.09 -9.15 19.96
C LEU D 153 -3.86 -9.21 21.28
N VAL D 154 -4.23 -10.41 21.72
CA VAL D 154 -4.95 -10.58 22.99
C VAL D 154 -4.15 -11.54 23.88
N SER D 155 -2.86 -11.66 23.57
CA SER D 155 -1.97 -12.54 24.32
C SER D 155 -1.76 -12.12 25.78
N ARG D 156 -1.43 -13.09 26.62
CA ARG D 156 -1.16 -12.85 28.02
C ARG D 156 0.33 -13.06 28.22
N THR D 157 0.81 -12.94 29.45
CA THR D 157 2.22 -13.12 29.74
C THR D 157 2.67 -14.53 29.38
N ARG D 158 3.77 -14.64 28.64
CA ARG D 158 4.27 -15.94 28.19
C ARG D 158 5.70 -15.85 27.70
N VAL D 159 6.22 -16.97 27.22
CA VAL D 159 7.58 -17.00 26.69
C VAL D 159 7.52 -16.63 25.22
N LYS D 160 8.49 -15.84 24.77
CA LYS D 160 8.55 -15.45 23.37
C LYS D 160 10.00 -15.52 22.90
N THR D 161 10.18 -15.93 21.65
CA THR D 161 11.51 -16.01 21.07
C THR D 161 11.76 -14.71 20.34
N LEU D 162 12.87 -14.05 20.66
CA LEU D 162 13.19 -12.77 20.04
C LEU D 162 13.34 -12.86 18.54
N ALA D 163 12.85 -11.85 17.83
CA ALA D 163 12.96 -11.80 16.37
C ALA D 163 14.29 -11.14 16.01
N MET D 164 14.63 -11.20 14.72
CA MET D 164 15.89 -10.64 14.23
C MET D 164 16.15 -9.19 14.64
N ASP D 165 15.17 -8.33 14.39
CA ASP D 165 15.27 -6.91 14.72
C ASP D 165 15.68 -6.66 16.17
N THR D 166 15.03 -7.39 17.08
CA THR D 166 15.30 -7.25 18.50
C THR D 166 16.72 -7.67 18.84
N ILE D 167 17.16 -8.78 18.26
N ILE D 167 17.16 -8.78 18.26
CA ILE D 167 18.50 -9.30 18.49
CA ILE D 167 18.50 -9.29 18.51
C ILE D 167 19.54 -8.27 18.03
C ILE D 167 19.54 -8.27 18.04
N LEU D 168 19.36 -7.78 16.81
CA LEU D 168 20.27 -6.80 16.25
C LEU D 168 20.33 -5.52 17.07
N ALA D 169 19.16 -5.05 17.50
CA ALA D 169 19.09 -3.83 18.28
C ALA D 169 19.69 -3.95 19.68
N ASN D 170 19.56 -5.12 20.29
CA ASN D 170 20.07 -5.34 21.64
C ASN D 170 21.50 -5.86 21.71
N ALA D 171 22.06 -6.22 20.55
CA ALA D 171 23.43 -6.74 20.51
C ALA D 171 24.42 -5.75 21.11
N ARG D 172 24.11 -4.46 21.02
CA ARG D 172 25.01 -3.44 21.55
C ARG D 172 25.23 -3.61 23.04
N PHE D 173 24.27 -4.23 23.71
CA PHE D 173 24.36 -4.45 25.15
C PHE D 173 25.14 -5.72 25.49
N PHE D 174 25.49 -6.48 24.46
CA PHE D 174 26.25 -7.72 24.65
C PHE D 174 27.52 -7.76 23.80
N ASP D 175 28.36 -6.76 23.98
CA ASP D 175 29.63 -6.66 23.25
C ASP D 175 29.43 -6.58 21.75
N GLY D 176 28.27 -6.10 21.31
CA GLY D 176 27.98 -5.99 19.90
C GLY D 176 27.91 -7.32 19.19
N GLU D 177 27.81 -8.40 19.96
CA GLU D 177 27.73 -9.74 19.39
C GLU D 177 26.29 -10.25 19.40
N LEU D 178 25.74 -10.46 18.21
CA LEU D 178 24.38 -10.95 18.08
C LEU D 178 24.19 -12.29 18.78
N THR D 179 25.18 -13.16 18.67
CA THR D 179 25.13 -14.48 19.27
C THR D 179 25.12 -14.49 20.79
N LYS D 180 25.30 -13.32 21.40
CA LYS D 180 25.30 -13.24 22.85
C LYS D 180 23.96 -12.79 23.42
N VAL D 181 23.08 -12.30 22.56
CA VAL D 181 21.77 -11.84 23.03
C VAL D 181 20.91 -13.06 23.35
N PRO D 182 20.30 -13.09 24.54
CA PRO D 182 19.45 -14.23 24.90
C PRO D 182 18.39 -14.48 23.83
N THR D 183 18.16 -15.74 23.52
CA THR D 183 17.21 -16.20 22.50
C THR D 183 15.73 -16.02 22.86
N MET D 184 15.41 -16.14 24.13
CA MET D 184 14.02 -16.02 24.56
C MET D 184 13.86 -15.04 25.71
N ALA D 185 12.61 -14.66 25.94
CA ALA D 185 12.29 -13.75 27.02
C ALA D 185 10.90 -14.03 27.54
N LEU D 186 10.67 -13.64 28.79
CA LEU D 186 9.36 -13.79 29.38
C LEU D 186 8.80 -12.39 29.18
N THR D 187 7.58 -12.30 28.68
CA THR D 187 7.00 -10.99 28.42
C THR D 187 5.51 -10.91 28.67
N VAL D 188 5.05 -9.77 29.18
CA VAL D 188 3.63 -9.58 29.40
C VAL D 188 3.04 -9.60 27.98
N GLY D 189 1.78 -9.95 27.87
CA GLY D 189 1.15 -10.02 26.56
C GLY D 189 0.60 -8.68 26.10
N VAL D 190 0.11 -8.65 24.86
CA VAL D 190 -0.47 -7.42 24.34
C VAL D 190 -1.73 -7.19 25.16
N GLY D 191 -2.46 -8.27 25.44
CA GLY D 191 -3.68 -8.16 26.23
C GLY D 191 -3.37 -7.70 27.64
N THR D 192 -2.23 -8.16 28.17
CA THR D 192 -1.83 -7.76 29.52
C THR D 192 -1.71 -6.25 29.61
N VAL D 193 -0.99 -5.67 28.64
CA VAL D 193 -0.80 -4.23 28.63
C VAL D 193 -2.11 -3.51 28.33
N MET D 194 -2.92 -4.07 27.43
CA MET D 194 -4.21 -3.46 27.09
C MET D 194 -5.14 -3.38 28.30
N ASP D 195 -4.92 -4.26 29.29
CA ASP D 195 -5.76 -4.25 30.48
C ASP D 195 -5.43 -3.09 31.42
N ALA D 196 -4.33 -2.40 31.18
CA ALA D 196 -3.95 -1.27 32.03
C ALA D 196 -4.98 -0.17 31.87
N ARG D 197 -5.25 0.56 32.93
CA ARG D 197 -6.22 1.65 32.86
C ARG D 197 -5.75 2.75 31.91
N GLU D 198 -4.44 2.96 31.85
CA GLU D 198 -3.86 3.94 30.94
C GLU D 198 -2.53 3.41 30.43
N VAL D 199 -2.22 3.70 29.18
CA VAL D 199 -0.97 3.26 28.56
C VAL D 199 -0.23 4.45 27.98
N MET D 200 1.05 4.59 28.33
CA MET D 200 1.87 5.67 27.80
C MET D 200 3.07 5.07 27.09
N ILE D 201 3.16 5.28 25.78
CA ILE D 201 4.27 4.76 25.00
C ILE D 201 5.25 5.87 24.69
N LEU D 202 6.51 5.68 25.08
N LEU D 202 6.51 5.67 25.07
CA LEU D 202 7.55 6.67 24.84
CA LEU D 202 7.55 6.66 24.83
C LEU D 202 8.33 6.26 23.58
C LEU D 202 8.30 6.26 23.57
N ILE D 203 8.40 7.18 22.62
CA ILE D 203 9.10 6.89 21.36
C ILE D 203 10.04 8.02 21.00
N THR D 204 11.32 7.71 20.84
CA THR D 204 12.29 8.73 20.48
C THR D 204 13.30 8.25 19.44
N GLY D 205 13.68 9.16 18.53
CA GLY D 205 14.66 8.80 17.52
C GLY D 205 14.08 8.46 16.16
N ALA D 206 14.85 8.79 15.13
CA ALA D 206 14.45 8.54 13.75
C ALA D 206 14.37 7.04 13.48
N HIS D 207 15.11 6.25 14.25
CA HIS D 207 15.12 4.81 14.05
C HIS D 207 13.80 4.16 14.47
N LYS D 208 12.92 4.92 15.10
CA LYS D 208 11.62 4.40 15.51
C LYS D 208 10.50 5.02 14.68
N ALA D 209 10.85 5.96 13.80
CA ALA D 209 9.84 6.64 13.00
C ALA D 209 8.95 5.72 12.17
N PHE D 210 9.54 4.77 11.47
CA PHE D 210 8.75 3.88 10.64
C PHE D 210 7.80 3.02 11.48
N ALA D 211 8.29 2.51 12.60
CA ALA D 211 7.46 1.70 13.48
C ALA D 211 6.29 2.50 14.04
N LEU D 212 6.53 3.76 14.38
CA LEU D 212 5.45 4.60 14.92
C LEU D 212 4.41 4.79 13.82
N TYR D 213 4.88 5.05 12.60
CA TYR D 213 3.99 5.23 11.47
C TYR D 213 3.11 3.97 11.32
N LYS D 214 3.74 2.81 11.37
CA LYS D 214 3.01 1.56 11.25
C LYS D 214 1.99 1.41 12.38
N ALA D 215 2.39 1.77 13.58
CA ALA D 215 1.51 1.63 14.74
C ALA D 215 0.33 2.58 14.82
N ILE D 216 0.48 3.80 14.32
CA ILE D 216 -0.64 4.75 14.40
C ILE D 216 -1.24 5.26 13.09
N GLU D 217 -0.54 5.10 11.97
CA GLU D 217 -1.12 5.56 10.70
C GLU D 217 -1.72 4.38 9.94
N GLU D 218 -1.14 3.20 10.11
CA GLU D 218 -1.70 2.01 9.47
C GLU D 218 -2.61 1.35 10.52
N GLY D 219 -3.35 0.32 10.13
CA GLY D 219 -4.30 -0.30 11.06
C GLY D 219 -3.84 -1.35 12.04
N VAL D 220 -4.81 -1.89 12.77
CA VAL D 220 -4.58 -2.93 13.77
C VAL D 220 -4.00 -4.14 13.03
N ASN D 221 -2.78 -4.52 13.41
CA ASN D 221 -2.07 -5.59 12.73
C ASN D 221 -1.11 -6.27 13.71
N HIS D 222 -1.18 -7.59 13.84
CA HIS D 222 -0.30 -8.29 14.78
C HIS D 222 1.17 -8.27 14.37
N MET D 223 1.47 -7.71 13.20
CA MET D 223 2.85 -7.63 12.73
C MET D 223 3.54 -6.44 13.42
N TRP D 224 2.74 -5.49 13.90
CA TRP D 224 3.24 -4.29 14.59
C TRP D 224 2.34 -4.18 15.80
N THR D 225 2.68 -4.92 16.86
CA THR D 225 1.81 -4.99 18.03
C THR D 225 1.40 -3.71 18.76
N VAL D 226 2.17 -2.63 18.65
CA VAL D 226 1.75 -1.40 19.32
C VAL D 226 0.48 -0.87 18.64
N SER D 227 0.19 -1.39 17.45
CA SER D 227 -1.02 -0.96 16.73
C SER D 227 -2.26 -1.39 17.50
N ALA D 228 -2.10 -2.36 18.41
CA ALA D 228 -3.23 -2.85 19.18
C ALA D 228 -3.89 -1.76 20.02
N PHE D 229 -3.09 -0.77 20.43
CA PHE D 229 -3.64 0.29 21.28
C PHE D 229 -4.63 1.22 20.60
N GLN D 230 -4.87 0.99 19.31
CA GLN D 230 -5.86 1.78 18.59
C GLN D 230 -7.22 1.41 19.16
N GLN D 231 -7.26 0.27 19.87
CA GLN D 231 -8.50 -0.19 20.48
C GLN D 231 -8.45 -0.12 22.01
N HIS D 232 -7.60 0.76 22.52
CA HIS D 232 -7.48 0.97 23.96
C HIS D 232 -8.14 2.33 24.20
N PRO D 233 -8.89 2.46 25.31
CA PRO D 233 -9.56 3.73 25.59
C PRO D 233 -8.73 4.90 26.09
N ARG D 234 -7.52 4.64 26.57
CA ARG D 234 -6.69 5.71 27.11
C ARG D 234 -5.20 5.50 26.91
N THR D 235 -4.74 5.73 25.69
CA THR D 235 -3.34 5.57 25.39
C THR D 235 -2.71 6.90 25.02
N VAL D 236 -1.50 7.13 25.51
CA VAL D 236 -0.78 8.36 25.24
C VAL D 236 0.58 8.03 24.64
N PHE D 237 0.88 8.65 23.50
CA PHE D 237 2.15 8.46 22.84
C PHE D 237 2.97 9.72 23.05
N VAL D 238 4.17 9.58 23.60
CA VAL D 238 5.05 10.72 23.84
C VAL D 238 6.30 10.50 22.99
N CYS D 239 6.58 11.44 22.10
N CYS D 239 6.57 11.43 22.08
CA CYS D 239 7.73 11.32 21.22
CA CYS D 239 7.74 11.30 21.22
C CYS D 239 8.43 12.65 20.97
C CYS D 239 8.41 12.64 20.95
N ASP D 240 9.56 12.58 20.28
CA ASP D 240 10.31 13.77 19.93
C ASP D 240 10.14 13.95 18.42
N GLU D 241 10.57 15.09 17.90
CA GLU D 241 10.44 15.38 16.48
C GLU D 241 10.91 14.26 15.55
N ASP D 242 12.11 13.73 15.81
CA ASP D 242 12.68 12.69 14.98
C ASP D 242 11.81 11.44 14.87
N ALA D 243 11.05 11.14 15.91
CA ALA D 243 10.19 9.96 15.88
C ALA D 243 8.96 10.15 14.98
N THR D 244 8.68 11.38 14.58
CA THR D 244 7.51 11.66 13.75
C THR D 244 7.82 11.77 12.25
N LEU D 245 9.07 11.54 11.87
CA LEU D 245 9.49 11.67 10.47
C LEU D 245 8.69 10.92 9.39
N GLU D 246 8.07 9.80 9.75
CA GLU D 246 7.32 9.03 8.77
C GLU D 246 5.81 9.30 8.78
N LEU D 247 5.36 10.12 9.71
CA LEU D 247 3.94 10.45 9.81
C LEU D 247 3.55 11.49 8.77
N LYS D 248 2.25 11.59 8.50
CA LYS D 248 1.77 12.59 7.55
C LYS D 248 1.79 13.94 8.25
N VAL D 249 2.05 14.99 7.48
CA VAL D 249 2.07 16.34 8.02
C VAL D 249 0.75 16.64 8.74
N LYS D 250 -0.36 16.22 8.14
CA LYS D 250 -1.68 16.45 8.70
C LYS D 250 -1.80 15.92 10.13
N THR D 251 -1.28 14.72 10.36
CA THR D 251 -1.34 14.10 11.68
C THR D 251 -0.56 14.89 12.72
N VAL D 252 0.67 15.28 12.38
CA VAL D 252 1.50 16.03 13.30
C VAL D 252 0.92 17.41 13.57
N LYS D 253 0.40 18.06 12.53
CA LYS D 253 -0.17 19.38 12.73
C LYS D 253 -1.37 19.32 13.67
N TYR D 254 -2.21 18.29 13.49
CA TYR D 254 -3.38 18.14 14.34
C TYR D 254 -2.98 18.01 15.81
N PHE D 255 -2.00 17.16 16.08
CA PHE D 255 -1.59 16.97 17.46
C PHE D 255 -0.74 18.09 18.03
N LYS D 256 0.01 18.79 17.17
CA LYS D 256 0.78 19.91 17.68
C LYS D 256 -0.22 20.99 18.07
N GLY D 257 -1.35 21.02 17.37
CA GLY D 257 -2.38 22.00 17.67
C GLY D 257 -3.07 21.70 18.98
N LEU D 258 -2.90 20.48 19.47
CA LEU D 258 -3.50 20.06 20.72
C LEU D 258 -2.50 20.10 21.89
N MET D 259 -1.27 20.52 21.61
CA MET D 259 -0.26 20.58 22.66
C MET D 259 -0.60 21.59 23.76
N LEU D 260 -1.32 22.64 23.42
CA LEU D 260 -1.68 23.64 24.43
C LEU D 260 -2.59 22.97 25.44
N VAL D 261 -3.52 22.16 24.95
CA VAL D 261 -4.46 21.44 25.81
C VAL D 261 -3.76 20.32 26.57
N HIS D 262 -2.98 19.52 25.86
CA HIS D 262 -2.29 18.40 26.48
C HIS D 262 -1.23 18.79 27.49
N ASN D 263 -0.63 19.97 27.35
CA ASN D 263 0.39 20.38 28.30
C ASN D 263 -0.20 20.66 29.68
N LYS D 264 -1.54 20.71 29.77
CA LYS D 264 -2.20 20.94 31.04
C LYS D 264 -2.06 19.68 31.89
N LEU D 265 -1.57 18.62 31.27
CA LEU D 265 -1.37 17.34 31.95
C LEU D 265 -0.10 17.38 32.78
N VAL D 266 0.82 18.27 32.43
CA VAL D 266 2.08 18.38 33.14
C VAL D 266 2.32 19.78 33.69
N ASP D 267 1.40 20.70 33.39
CA ASP D 267 1.49 22.07 33.87
C ASP D 267 0.10 22.45 34.37
N PRO D 268 -0.02 22.78 35.67
CA PRO D 268 1.03 22.81 36.69
C PRO D 268 1.63 21.46 37.06
N LEU D 269 2.84 21.50 37.60
CA LEU D 269 3.55 20.30 38.03
C LEU D 269 3.39 20.24 39.54
N TYR D 270 2.70 19.20 40.04
CA TYR D 270 2.47 19.06 41.46
C TYR D 270 3.68 18.55 42.23
N SER D 271 3.62 18.67 43.55
CA SER D 271 4.70 18.23 44.43
C SER D 271 4.11 17.74 45.75
N ILE D 272 4.82 16.82 46.40
CA ILE D 272 4.35 16.29 47.68
C ILE D 272 4.70 17.24 48.81
N LYS D 273 5.61 18.17 48.55
CA LYS D 273 6.02 19.14 49.56
C LYS D 273 4.81 19.93 50.05
N GLU D 274 4.62 19.96 51.36
CA GLU D 274 3.51 20.68 51.96
C GLU D 274 4.03 21.61 53.06
N MET E 1 -21.10 -7.29 6.87
CA MET E 1 -21.91 -6.06 6.68
C MET E 1 -22.88 -6.24 5.51
N LYS E 2 -23.84 -5.33 5.42
N LYS E 2 -23.84 -5.33 5.42
CA LYS E 2 -24.80 -5.33 4.32
CA LYS E 2 -24.80 -5.34 4.33
C LYS E 2 -24.55 -4.02 3.60
C LYS E 2 -24.55 -4.02 3.60
N LEU E 3 -24.10 -4.10 2.35
CA LEU E 3 -23.84 -2.90 1.57
C LEU E 3 -24.99 -2.76 0.57
N ILE E 4 -25.78 -1.71 0.75
CA ILE E 4 -26.93 -1.46 -0.12
C ILE E 4 -26.55 -0.37 -1.10
N ILE E 5 -26.76 -0.62 -2.39
CA ILE E 5 -26.39 0.34 -3.41
C ILE E 5 -27.56 0.77 -4.28
N LEU E 6 -27.87 2.06 -4.25
CA LEU E 6 -28.96 2.64 -5.04
C LEU E 6 -28.32 3.53 -6.10
N GLU E 7 -29.05 3.83 -7.16
CA GLU E 7 -28.49 4.65 -8.23
C GLU E 7 -28.25 6.11 -7.88
N HIS E 8 -29.22 6.76 -7.25
CA HIS E 8 -29.08 8.17 -6.92
C HIS E 8 -29.32 8.50 -5.45
N TYR E 9 -28.96 9.73 -5.08
CA TYR E 9 -29.15 10.21 -3.72
C TYR E 9 -30.59 10.00 -3.24
N SER E 10 -31.55 10.40 -4.06
N SER E 10 -31.55 10.40 -4.06
CA SER E 10 -32.95 10.27 -3.69
CA SER E 10 -32.95 10.27 -3.70
C SER E 10 -33.34 8.82 -3.38
C SER E 10 -33.34 8.83 -3.40
N GLN E 11 -32.86 7.89 -4.21
CA GLN E 11 -33.16 6.49 -4.01
C GLN E 11 -32.52 5.95 -2.73
N ALA E 12 -31.27 6.34 -2.48
CA ALA E 12 -30.58 5.88 -1.27
C ALA E 12 -31.30 6.43 -0.04
N SER E 13 -31.69 7.71 -0.12
CA SER E 13 -32.40 8.37 0.98
C SER E 13 -33.69 7.62 1.28
N GLU E 14 -34.43 7.31 0.23
CA GLU E 14 -35.70 6.62 0.34
C GLU E 14 -35.53 5.24 0.95
N TRP E 15 -34.54 4.50 0.48
CA TRP E 15 -34.29 3.15 1.01
C TRP E 15 -34.05 3.26 2.51
N ALA E 16 -33.22 4.21 2.91
CA ALA E 16 -32.91 4.40 4.33
C ALA E 16 -34.17 4.73 5.13
N ALA E 17 -34.99 5.64 4.61
CA ALA E 17 -36.22 6.02 5.29
C ALA E 17 -37.19 4.84 5.39
N LYS E 18 -37.29 4.06 4.31
CA LYS E 18 -38.19 2.90 4.30
C LYS E 18 -37.74 1.88 5.34
N TYR E 19 -36.43 1.68 5.46
CA TYR E 19 -35.89 0.72 6.41
C TYR E 19 -36.18 1.14 7.85
N ILE E 20 -35.98 2.41 8.16
CA ILE E 20 -36.24 2.93 9.49
C ILE E 20 -37.72 2.77 9.78
N ARG E 21 -38.54 3.06 8.77
CA ARG E 21 -39.99 2.95 8.90
C ARG E 21 -40.38 1.53 9.28
N ASN E 22 -39.92 0.55 8.51
CA ASN E 22 -40.24 -0.85 8.80
C ASN E 22 -39.72 -1.31 10.15
N ARG E 23 -38.52 -0.88 10.50
CA ARG E 23 -37.93 -1.27 11.78
C ARG E 23 -38.78 -0.77 12.96
N ILE E 24 -39.21 0.48 12.89
CA ILE E 24 -40.02 1.06 13.95
C ILE E 24 -41.36 0.33 14.07
N ILE E 25 -42.07 0.25 12.95
CA ILE E 25 -43.38 -0.40 12.93
C ILE E 25 -43.32 -1.83 13.43
N GLN E 26 -42.45 -2.65 12.86
CA GLN E 26 -42.36 -4.04 13.28
C GLN E 26 -41.89 -4.18 14.72
N PHE E 27 -41.15 -3.18 15.20
CA PHE E 27 -40.67 -3.19 16.59
C PHE E 27 -41.92 -2.94 17.43
N ASN E 28 -42.85 -2.17 16.88
CA ASN E 28 -44.11 -1.84 17.53
C ASN E 28 -43.89 -1.28 18.93
N PRO E 29 -43.28 -0.09 19.03
CA PRO E 29 -42.99 0.54 20.32
C PRO E 29 -44.23 0.97 21.11
N GLY E 30 -44.10 0.97 22.43
CA GLY E 30 -45.20 1.36 23.30
C GLY E 30 -44.68 2.14 24.50
N PRO E 31 -45.56 2.58 25.41
CA PRO E 31 -45.13 3.34 26.58
C PRO E 31 -44.14 2.60 27.48
N GLU E 32 -44.13 1.27 27.40
CA GLU E 32 -43.22 0.47 28.20
C GLU E 32 -42.13 -0.16 27.34
N LYS E 33 -42.14 0.17 26.06
CA LYS E 33 -41.15 -0.36 25.12
C LYS E 33 -40.89 0.63 24.00
N TYR E 34 -40.07 1.64 24.28
CA TYR E 34 -39.75 2.66 23.29
C TYR E 34 -38.73 2.17 22.26
N PHE E 35 -38.66 2.86 21.13
CA PHE E 35 -37.71 2.55 20.07
C PHE E 35 -36.64 3.62 20.16
N THR E 36 -35.41 3.23 20.49
CA THR E 36 -34.32 4.18 20.59
C THR E 36 -33.58 4.30 19.28
N LEU E 37 -33.57 5.53 18.74
CA LEU E 37 -32.94 5.81 17.46
C LEU E 37 -31.79 6.82 17.56
N GLY E 38 -30.61 6.40 17.11
CA GLY E 38 -29.46 7.29 17.11
C GLY E 38 -29.50 8.03 15.78
N LEU E 39 -29.20 9.33 15.80
CA LEU E 39 -29.26 10.11 14.57
C LEU E 39 -28.10 11.04 14.27
N PRO E 40 -27.89 11.35 12.99
CA PRO E 40 -26.84 12.24 12.48
C PRO E 40 -27.45 13.53 11.93
N THR E 41 -26.59 14.49 11.61
CA THR E 41 -27.05 15.74 11.02
C THR E 41 -26.31 15.87 9.70
N GLY E 42 -26.35 17.04 9.08
CA GLY E 42 -25.66 17.22 7.81
C GLY E 42 -26.60 17.05 6.64
N SER E 43 -26.10 17.30 5.44
CA SER E 43 -26.90 17.19 4.23
C SER E 43 -27.19 15.74 3.81
N THR E 44 -26.30 14.83 4.15
CA THR E 44 -26.49 13.44 3.77
C THR E 44 -27.84 12.86 4.19
N PRO E 45 -28.20 12.97 5.49
CA PRO E 45 -29.47 12.43 5.95
C PRO E 45 -30.73 13.25 5.65
N LEU E 46 -30.55 14.44 5.07
CA LEU E 46 -31.67 15.31 4.76
C LEU E 46 -32.79 14.62 3.98
N GLY E 47 -32.42 13.91 2.92
CA GLY E 47 -33.40 13.21 2.11
C GLY E 47 -34.16 12.17 2.91
N CYS E 48 -33.46 11.47 3.79
CA CYS E 48 -34.06 10.46 4.63
C CYS E 48 -35.09 11.10 5.55
N TYR E 49 -34.70 12.18 6.21
CA TYR E 49 -35.60 12.89 7.12
C TYR E 49 -36.86 13.35 6.38
N LYS E 50 -36.68 13.87 5.17
CA LYS E 50 -37.83 14.33 4.38
C LYS E 50 -38.82 13.20 4.11
N LYS E 51 -38.30 12.02 3.80
CA LYS E 51 -39.17 10.88 3.54
C LYS E 51 -39.89 10.41 4.80
N LEU E 52 -39.17 10.38 5.92
CA LEU E 52 -39.76 9.96 7.18
C LEU E 52 -40.93 10.88 7.50
N ILE E 53 -40.74 12.18 7.26
CA ILE E 53 -41.78 13.17 7.51
C ILE E 53 -43.00 12.91 6.62
N GLU E 54 -42.74 12.56 5.36
CA GLU E 54 -43.82 12.27 4.43
C GLU E 54 -44.63 11.08 4.95
N TYR E 55 -43.90 10.06 5.41
CA TYR E 55 -44.53 8.86 5.95
C TYR E 55 -45.41 9.18 7.14
N TYR E 56 -44.94 10.10 7.98
CA TYR E 56 -45.68 10.52 9.15
C TYR E 56 -46.94 11.28 8.75
N LYS E 57 -46.79 12.27 7.86
CA LYS E 57 -47.92 13.06 7.41
C LYS E 57 -48.99 12.23 6.73
N ASN E 58 -48.58 11.16 6.07
CA ASN E 58 -49.51 10.28 5.38
C ASN E 58 -50.20 9.32 6.35
N GLY E 59 -49.83 9.41 7.63
CA GLY E 59 -50.42 8.55 8.64
C GLY E 59 -49.94 7.11 8.62
N ASP E 60 -48.77 6.88 8.05
CA ASP E 60 -48.22 5.53 7.97
C ASP E 60 -47.16 5.22 9.02
N LEU E 61 -46.62 6.26 9.64
CA LEU E 61 -45.57 6.09 10.64
C LEU E 61 -45.69 7.07 11.81
N SER E 62 -45.49 6.56 13.02
CA SER E 62 -45.58 7.39 14.22
C SER E 62 -44.31 7.34 15.05
N PHE E 63 -43.90 8.49 15.57
CA PHE E 63 -42.70 8.61 16.39
C PHE E 63 -43.05 8.89 17.85
N LYS E 64 -44.32 8.66 18.19
CA LYS E 64 -44.80 8.89 19.55
C LYS E 64 -44.01 8.11 20.59
N TYR E 65 -43.68 6.86 20.28
CA TYR E 65 -42.93 6.04 21.22
C TYR E 65 -41.49 5.79 20.78
N VAL E 66 -40.89 6.84 20.22
CA VAL E 66 -39.52 6.78 19.75
C VAL E 66 -38.70 7.80 20.55
N LYS E 67 -37.50 7.38 20.96
CA LYS E 67 -36.59 8.24 21.69
C LYS E 67 -35.38 8.39 20.79
N THR E 68 -34.86 9.61 20.66
CA THR E 68 -33.71 9.83 19.81
C THR E 68 -32.50 10.36 20.55
N PHE E 69 -31.32 10.00 20.06
CA PHE E 69 -30.07 10.46 20.64
C PHE E 69 -29.19 10.85 19.47
N ASN E 70 -28.83 12.12 19.38
CA ASN E 70 -27.96 12.55 18.29
C ASN E 70 -26.52 12.23 18.63
N MET E 71 -25.70 12.04 17.61
N MET E 71 -25.70 12.05 17.61
CA MET E 71 -24.30 11.68 17.82
CA MET E 71 -24.29 11.71 17.80
C MET E 71 -23.40 12.82 18.31
C MET E 71 -23.43 12.82 18.37
N ASP E 72 -23.72 14.06 17.98
CA ASP E 72 -22.90 15.17 18.43
C ASP E 72 -23.54 16.56 18.44
N GLU E 73 -22.71 17.55 18.77
CA GLU E 73 -23.12 18.94 18.84
C GLU E 73 -21.88 19.79 19.10
N TYR E 74 -21.84 20.98 18.50
CA TYR E 74 -20.71 21.88 18.66
C TYR E 74 -20.60 22.43 20.08
N VAL E 75 -19.37 22.74 20.48
CA VAL E 75 -19.10 23.31 21.79
C VAL E 75 -18.98 24.83 21.65
N GLY E 76 -19.59 25.56 22.58
CA GLY E 76 -19.51 27.01 22.53
C GLY E 76 -20.51 27.69 21.62
N LEU E 77 -21.37 26.92 20.96
CA LEU E 77 -22.38 27.50 20.08
C LEU E 77 -23.72 27.62 20.79
N PRO E 78 -24.41 28.75 20.61
CA PRO E 78 -25.71 28.94 21.27
C PRO E 78 -26.67 27.83 20.85
N ARG E 79 -27.28 27.19 21.83
CA ARG E 79 -28.22 26.10 21.56
C ARG E 79 -29.22 26.42 20.46
N ASP E 80 -29.73 27.65 20.46
CA ASP E 80 -30.70 28.06 19.45
C ASP E 80 -30.05 28.73 18.25
N HIS E 81 -28.74 28.54 18.09
CA HIS E 81 -28.01 29.11 16.96
C HIS E 81 -28.45 28.32 15.72
N PRO E 82 -28.63 28.99 14.57
CA PRO E 82 -29.04 28.33 13.34
C PRO E 82 -28.15 27.20 12.86
N GLU E 83 -26.86 27.26 13.19
CA GLU E 83 -25.93 26.23 12.77
C GLU E 83 -25.71 25.14 13.83
N SER E 84 -26.39 25.25 14.95
CA SER E 84 -26.25 24.24 16.00
C SER E 84 -26.97 22.99 15.52
N TYR E 85 -26.59 21.83 16.04
CA TYR E 85 -27.24 20.59 15.65
C TYR E 85 -28.59 20.48 16.34
N HIS E 86 -28.75 21.24 17.43
CA HIS E 86 -30.03 21.27 18.14
C HIS E 86 -31.04 21.83 17.15
N SER E 87 -30.64 22.92 16.49
CA SER E 87 -31.50 23.60 15.51
C SER E 87 -31.74 22.76 14.26
N PHE E 88 -30.70 22.09 13.78
CA PHE E 88 -30.84 21.26 12.58
C PHE E 88 -31.91 20.20 12.81
N MET E 89 -31.85 19.52 13.95
CA MET E 89 -32.80 18.47 14.26
C MET E 89 -34.23 18.96 14.45
N TRP E 90 -34.38 20.09 15.15
CA TRP E 90 -35.72 20.63 15.38
C TRP E 90 -36.37 21.07 14.07
N ASN E 91 -35.62 21.80 13.26
CA ASN E 91 -36.13 22.31 11.99
C ASN E 91 -36.33 21.27 10.90
N ASN E 92 -35.35 20.38 10.75
CA ASN E 92 -35.42 19.37 9.71
C ASN E 92 -36.13 18.08 10.09
N PHE E 93 -36.51 17.92 11.35
CA PHE E 93 -37.16 16.68 11.74
C PHE E 93 -38.21 16.77 12.86
N PHE E 94 -37.75 17.07 14.07
CA PHE E 94 -38.63 17.13 15.24
C PHE E 94 -39.92 17.92 15.12
N LYS E 95 -39.85 19.16 14.63
CA LYS E 95 -41.05 19.98 14.53
C LYS E 95 -42.07 19.48 13.51
N HIS E 96 -41.64 18.59 12.63
CA HIS E 96 -42.52 18.05 11.61
C HIS E 96 -43.16 16.72 11.98
N ILE E 97 -42.81 16.17 13.15
CA ILE E 97 -43.35 14.88 13.56
C ILE E 97 -43.98 14.85 14.95
N ASP E 98 -44.54 13.70 15.30
CA ASP E 98 -45.21 13.51 16.59
C ASP E 98 -44.36 12.96 17.73
N ILE E 99 -43.05 13.15 17.64
CA ILE E 99 -42.16 12.69 18.69
C ILE E 99 -42.27 13.70 19.83
N HIS E 100 -42.08 13.25 21.07
CA HIS E 100 -42.16 14.16 22.21
C HIS E 100 -40.80 14.75 22.54
N PRO E 101 -40.74 16.08 22.74
CA PRO E 101 -39.50 16.79 23.06
C PRO E 101 -38.70 16.16 24.19
N GLU E 102 -39.40 15.68 25.21
CA GLU E 102 -38.75 15.05 26.35
C GLU E 102 -38.03 13.77 25.94
N ASN E 103 -38.36 13.26 24.76
CA ASN E 103 -37.74 12.04 24.29
C ASN E 103 -36.66 12.24 23.23
N THR E 104 -36.31 13.49 22.95
CA THR E 104 -35.25 13.79 21.99
C THR E 104 -34.05 14.18 22.83
N HIS E 105 -32.90 13.61 22.56
CA HIS E 105 -31.70 13.91 23.33
C HIS E 105 -30.53 14.34 22.48
N ILE E 106 -30.00 15.52 22.76
CA ILE E 106 -28.86 16.07 22.04
C ILE E 106 -27.88 16.65 23.05
N LEU E 107 -26.59 16.39 22.84
CA LEU E 107 -25.54 16.88 23.71
C LEU E 107 -25.57 18.41 23.84
N ASP E 108 -25.46 18.89 25.06
CA ASP E 108 -25.46 20.33 25.31
C ASP E 108 -24.03 20.83 25.35
N GLY E 109 -23.58 21.41 24.24
CA GLY E 109 -22.23 21.91 24.14
C GLY E 109 -21.94 23.15 24.96
N ASN E 110 -22.94 23.62 25.71
CA ASN E 110 -22.75 24.80 26.54
C ASN E 110 -22.83 24.48 28.03
N ALA E 111 -22.80 23.20 28.36
CA ALA E 111 -22.84 22.78 29.76
C ALA E 111 -21.62 23.32 30.48
N VAL E 112 -21.78 23.61 31.77
CA VAL E 112 -20.69 24.13 32.59
C VAL E 112 -19.56 23.11 32.65
N ASP E 113 -19.94 21.84 32.82
CA ASP E 113 -18.98 20.75 32.89
C ASP E 113 -19.21 19.84 31.68
N LEU E 114 -18.52 20.13 30.58
CA LEU E 114 -18.65 19.37 29.36
C LEU E 114 -18.49 17.86 29.52
N GLN E 115 -17.48 17.44 30.28
CA GLN E 115 -17.27 16.01 30.49
C GLN E 115 -18.44 15.39 31.24
N ALA E 116 -18.98 16.13 32.19
CA ALA E 116 -20.12 15.64 32.96
C ALA E 116 -21.32 15.47 32.04
N GLU E 117 -21.46 16.40 31.11
CA GLU E 117 -22.55 16.37 30.13
C GLU E 117 -22.44 15.11 29.27
N CYS E 118 -21.22 14.77 28.87
CA CYS E 118 -20.98 13.59 28.06
C CYS E 118 -21.30 12.33 28.83
N ASP E 119 -20.87 12.28 30.09
CA ASP E 119 -21.12 11.12 30.93
C ASP E 119 -22.63 10.97 31.15
N ALA E 120 -23.31 12.10 31.33
CA ALA E 120 -24.75 12.11 31.54
C ALA E 120 -25.47 11.57 30.32
N PHE E 121 -24.93 11.90 29.14
CA PHE E 121 -25.52 11.45 27.89
C PHE E 121 -25.45 9.92 27.81
N GLU E 122 -24.31 9.36 28.23
CA GLU E 122 -24.14 7.91 28.22
C GLU E 122 -25.14 7.26 29.19
N GLU E 123 -25.36 7.90 30.34
CA GLU E 123 -26.30 7.39 31.33
C GLU E 123 -27.71 7.34 30.77
N LYS E 124 -28.10 8.39 30.04
CA LYS E 124 -29.42 8.46 29.43
C LYS E 124 -29.62 7.33 28.44
N ILE E 125 -28.58 7.06 27.64
CA ILE E 125 -28.67 5.99 26.66
C ILE E 125 -28.89 4.67 27.39
N LYS E 126 -28.13 4.45 28.45
CA LYS E 126 -28.26 3.23 29.22
C LYS E 126 -29.63 3.16 29.89
N ALA E 127 -30.09 4.30 30.41
CA ALA E 127 -31.39 4.36 31.08
C ALA E 127 -32.51 4.04 30.09
N ALA E 128 -32.27 4.35 28.82
CA ALA E 128 -33.25 4.09 27.76
C ALA E 128 -33.16 2.67 27.25
N GLY E 129 -32.23 1.89 27.81
CA GLY E 129 -32.07 0.50 27.39
C GLY E 129 -31.15 0.31 26.20
N GLY E 130 -30.32 1.30 25.91
CA GLY E 130 -29.41 1.20 24.79
C GLY E 130 -30.05 1.71 23.51
N ILE E 131 -29.27 1.75 22.44
CA ILE E 131 -29.73 2.22 21.14
C ILE E 131 -30.12 1.03 20.27
N GLU E 132 -31.36 1.02 19.77
CA GLU E 132 -31.85 -0.07 18.92
C GLU E 132 -31.25 0.04 17.51
N LEU E 133 -31.27 1.25 16.96
CA LEU E 133 -30.74 1.51 15.63
C LEU E 133 -30.04 2.86 15.63
N PHE E 134 -28.76 2.85 15.30
CA PHE E 134 -28.01 4.10 15.25
C PHE E 134 -27.71 4.43 13.79
N VAL E 135 -28.24 5.55 13.34
CA VAL E 135 -28.03 6.00 11.96
C VAL E 135 -26.88 6.99 11.97
N GLY E 136 -25.96 6.83 11.03
CA GLY E 136 -24.83 7.73 10.97
C GLY E 136 -24.38 8.07 9.56
N GLY E 137 -23.23 8.72 9.47
CA GLY E 137 -22.69 9.08 8.17
C GLY E 137 -21.20 8.84 8.23
N ILE E 138 -20.49 9.27 7.20
CA ILE E 138 -19.04 9.12 7.17
C ILE E 138 -18.43 10.42 6.66
N GLY E 139 -17.42 10.91 7.35
CA GLY E 139 -16.77 12.14 6.93
C GLY E 139 -15.76 11.87 5.83
N PRO E 140 -15.22 12.92 5.19
CA PRO E 140 -14.24 12.73 4.12
C PRO E 140 -12.99 12.06 4.68
N ASP E 141 -12.85 12.16 6.01
CA ASP E 141 -11.72 11.58 6.74
C ASP E 141 -12.12 10.24 7.36
N GLY E 142 -13.26 9.72 6.93
CA GLY E 142 -13.75 8.45 7.43
C GLY E 142 -14.34 8.45 8.83
N HIS E 143 -14.56 9.63 9.41
CA HIS E 143 -15.08 9.65 10.77
C HIS E 143 -16.54 9.28 10.98
N ILE E 144 -16.83 8.76 12.16
CA ILE E 144 -18.19 8.45 12.59
C ILE E 144 -18.37 9.54 13.65
N ALA E 145 -19.44 10.32 13.56
CA ALA E 145 -19.69 11.42 14.49
C ALA E 145 -18.47 12.34 14.39
N PHE E 146 -17.90 12.74 15.53
CA PHE E 146 -16.72 13.59 15.50
C PHE E 146 -15.49 12.84 16.02
N ASN E 147 -15.46 11.54 15.75
CA ASN E 147 -14.34 10.71 16.13
C ASN E 147 -13.34 10.84 15.01
N GLU E 148 -12.61 11.95 15.07
CA GLU E 148 -11.60 12.30 14.07
C GLU E 148 -10.49 11.27 13.97
N PRO E 149 -9.70 11.34 12.88
CA PRO E 149 -8.61 10.37 12.71
C PRO E 149 -7.74 10.33 13.97
N GLY E 150 -7.42 9.13 14.44
CA GLY E 150 -6.61 9.00 15.63
C GLY E 150 -7.43 8.92 16.91
N SER E 151 -8.72 8.61 16.77
CA SER E 151 -9.59 8.48 17.93
C SER E 151 -9.64 7.02 18.36
N SER E 152 -9.69 6.78 19.66
CA SER E 152 -9.76 5.42 20.16
C SER E 152 -10.98 4.73 19.58
N LEU E 153 -10.79 3.51 19.06
CA LEU E 153 -11.90 2.77 18.49
C LEU E 153 -12.85 2.23 19.54
N VAL E 154 -12.53 2.42 20.82
CA VAL E 154 -13.41 1.98 21.91
C VAL E 154 -13.80 3.19 22.76
N SER E 155 -13.64 4.38 22.20
CA SER E 155 -13.96 5.61 22.90
C SER E 155 -15.42 5.75 23.28
N ARG E 156 -15.67 6.55 24.32
CA ARG E 156 -17.01 6.83 24.80
C ARG E 156 -17.31 8.30 24.48
N THR E 157 -18.49 8.78 24.88
CA THR E 157 -18.86 10.16 24.60
C THR E 157 -17.89 11.10 25.31
N ARG E 158 -17.38 12.08 24.57
CA ARG E 158 -16.41 13.00 25.14
C ARG E 158 -16.22 14.24 24.25
N VAL E 159 -15.29 15.09 24.67
CA VAL E 159 -14.97 16.30 23.92
C VAL E 159 -13.93 15.95 22.87
N LYS E 160 -14.09 16.48 21.67
CA LYS E 160 -13.13 16.23 20.60
C LYS E 160 -12.88 17.51 19.83
N THR E 161 -11.63 17.70 19.43
CA THR E 161 -11.24 18.87 18.66
C THR E 161 -11.35 18.51 17.19
N LEU E 162 -12.12 19.29 16.44
CA LEU E 162 -12.30 19.03 15.02
C LEU E 162 -11.01 19.06 14.23
N ALA E 163 -10.87 18.12 13.29
CA ALA E 163 -9.68 18.03 12.47
C ALA E 163 -9.83 18.89 11.21
N MET E 164 -8.73 19.05 10.49
CA MET E 164 -8.67 19.84 9.26
C MET E 164 -9.80 19.54 8.29
N ASP E 165 -9.91 18.27 7.89
CA ASP E 165 -10.95 17.86 6.94
C ASP E 165 -12.36 18.28 7.36
N THR E 166 -12.69 18.06 8.62
CA THR E 166 -14.02 18.41 9.13
C THR E 166 -14.23 19.92 9.10
N ILE E 167 -13.19 20.67 9.47
CA ILE E 167 -13.26 22.12 9.48
C ILE E 167 -13.51 22.66 8.07
N LEU E 168 -12.70 22.20 7.13
CA LEU E 168 -12.84 22.64 5.73
C LEU E 168 -14.18 22.25 5.13
N ALA E 169 -14.79 21.18 5.65
CA ALA E 169 -16.06 20.71 5.13
C ALA E 169 -17.28 21.45 5.70
N ASN E 170 -17.11 22.06 6.88
CA ASN E 170 -18.19 22.79 7.53
C ASN E 170 -18.01 24.31 7.50
N ALA E 171 -16.87 24.75 6.97
CA ALA E 171 -16.56 26.17 6.92
C ALA E 171 -17.64 27.00 6.19
N ARG E 172 -18.27 26.40 5.20
N ARG E 172 -18.28 26.40 5.19
CA ARG E 172 -19.30 27.07 4.43
CA ARG E 172 -19.29 27.12 4.43
C ARG E 172 -20.56 27.36 5.25
C ARG E 172 -20.65 27.21 5.14
N PHE E 173 -20.72 26.62 6.34
CA PHE E 173 -21.92 26.74 7.16
C PHE E 173 -21.69 27.89 8.14
N PHE E 174 -20.47 28.43 8.08
CA PHE E 174 -20.08 29.55 8.94
C PHE E 174 -19.41 30.65 8.12
N ASP E 175 -20.09 31.10 7.08
CA ASP E 175 -19.60 32.16 6.20
C ASP E 175 -18.37 31.76 5.41
N GLY E 176 -18.24 30.46 5.13
CA GLY E 176 -17.10 29.97 4.36
C GLY E 176 -15.76 30.24 5.01
N GLU E 177 -15.77 30.86 6.18
CA GLU E 177 -14.53 31.18 6.89
C GLU E 177 -14.18 30.09 7.91
N LEU E 178 -12.95 29.59 7.83
CA LEU E 178 -12.46 28.51 8.68
C LEU E 178 -12.39 28.72 10.20
N THR E 179 -11.90 29.86 10.65
CA THR E 179 -11.79 30.09 12.09
C THR E 179 -13.14 30.24 12.78
N LYS E 180 -14.18 30.50 12.00
CA LYS E 180 -15.52 30.67 12.56
C LYS E 180 -16.12 29.34 12.99
N VAL E 181 -15.68 28.26 12.35
CA VAL E 181 -16.18 26.93 12.68
C VAL E 181 -15.78 26.60 14.11
N PRO E 182 -16.73 26.09 14.92
CA PRO E 182 -16.42 25.74 16.31
C PRO E 182 -15.22 24.81 16.39
N THR E 183 -14.28 25.15 17.26
CA THR E 183 -13.06 24.35 17.43
C THR E 183 -13.32 22.96 17.99
N MET E 184 -14.26 22.85 18.92
CA MET E 184 -14.56 21.57 19.54
C MET E 184 -16.01 21.15 19.42
N ALA E 185 -16.28 19.92 19.83
CA ALA E 185 -17.64 19.39 19.80
C ALA E 185 -17.78 18.24 20.77
N LEU E 186 -19.01 18.00 21.22
CA LEU E 186 -19.27 16.89 22.11
C LEU E 186 -19.72 15.79 21.16
N THR E 187 -19.17 14.60 21.33
CA THR E 187 -19.52 13.53 20.43
C THR E 187 -19.57 12.15 21.09
N VAL E 188 -20.49 11.31 20.63
CA VAL E 188 -20.57 9.96 21.16
C VAL E 188 -19.26 9.34 20.67
N GLY E 189 -18.80 8.31 21.34
CA GLY E 189 -17.56 7.67 20.93
C GLY E 189 -17.81 6.56 19.94
N VAL E 190 -16.74 5.98 19.44
CA VAL E 190 -16.85 4.88 18.49
C VAL E 190 -17.46 3.71 19.24
N GLY E 191 -17.02 3.52 20.49
CA GLY E 191 -17.56 2.45 21.31
C GLY E 191 -19.04 2.68 21.57
N THR E 192 -19.42 3.94 21.77
CA THR E 192 -20.81 4.30 22.02
C THR E 192 -21.69 3.79 20.87
N VAL E 193 -21.31 4.14 19.65
CA VAL E 193 -22.09 3.71 18.49
C VAL E 193 -22.02 2.21 18.29
N MET E 194 -20.85 1.61 18.55
CA MET E 194 -20.68 0.17 18.41
C MET E 194 -21.62 -0.59 19.34
N ASP E 195 -22.04 0.04 20.44
CA ASP E 195 -22.93 -0.62 21.38
C ASP E 195 -24.37 -0.69 20.89
N ALA E 196 -24.68 -0.02 19.78
CA ALA E 196 -26.04 -0.06 19.25
C ALA E 196 -26.31 -1.48 18.75
N ARG E 197 -27.57 -1.91 18.81
CA ARG E 197 -27.89 -3.25 18.35
C ARG E 197 -27.78 -3.35 16.83
N GLU E 198 -27.96 -2.22 16.16
CA GLU E 198 -27.79 -2.17 14.71
C GLU E 198 -27.31 -0.78 14.33
N VAL E 199 -26.41 -0.72 13.35
CA VAL E 199 -25.87 0.55 12.88
C VAL E 199 -26.11 0.69 11.38
N MET E 200 -26.63 1.83 10.96
CA MET E 200 -26.85 2.05 9.53
C MET E 200 -26.10 3.32 9.13
N ILE E 201 -25.11 3.17 8.25
CA ILE E 201 -24.32 4.30 7.80
C ILE E 201 -24.78 4.72 6.40
N LEU E 202 -25.18 5.98 6.27
N LEU E 202 -25.13 5.99 6.23
CA LEU E 202 -25.65 6.51 5.00
CA LEU E 202 -25.55 6.49 4.92
C LEU E 202 -24.53 7.28 4.33
C LEU E 202 -24.35 7.17 4.27
N ILE E 203 -24.19 6.88 3.12
N ILE E 203 -24.09 6.85 3.01
CA ILE E 203 -23.12 7.53 2.38
CA ILE E 203 -22.97 7.46 2.29
C ILE E 203 -23.55 7.86 0.95
C ILE E 203 -23.40 7.83 0.88
N THR E 204 -23.39 9.12 0.57
CA THR E 204 -23.78 9.55 -0.78
C THR E 204 -22.78 10.54 -1.37
N GLY E 205 -22.54 10.43 -2.67
CA GLY E 205 -21.65 11.35 -3.33
C GLY E 205 -20.23 10.87 -3.56
N ALA E 206 -19.65 11.29 -4.66
CA ALA E 206 -18.29 10.92 -5.03
C ALA E 206 -17.25 11.46 -4.07
N HIS E 207 -17.59 12.52 -3.34
CA HIS E 207 -16.62 13.10 -2.40
C HIS E 207 -16.44 12.21 -1.17
N LYS E 208 -17.27 11.18 -1.05
CA LYS E 208 -17.18 10.24 0.07
C LYS E 208 -16.63 8.88 -0.36
N ALA E 209 -16.43 8.71 -1.66
CA ALA E 209 -15.94 7.44 -2.21
C ALA E 209 -14.63 6.96 -1.61
N PHE E 210 -13.66 7.85 -1.46
CA PHE E 210 -12.38 7.44 -0.91
C PHE E 210 -12.52 7.01 0.54
N ALA E 211 -13.28 7.78 1.32
CA ALA E 211 -13.51 7.45 2.72
C ALA E 211 -14.21 6.10 2.85
N LEU E 212 -15.19 5.84 1.99
CA LEU E 212 -15.92 4.57 2.05
C LEU E 212 -14.92 3.43 1.80
N TYR E 213 -14.10 3.60 0.77
CA TYR E 213 -13.08 2.61 0.43
C TYR E 213 -12.18 2.36 1.64
N LYS E 214 -11.72 3.43 2.26
CA LYS E 214 -10.86 3.26 3.43
C LYS E 214 -11.60 2.51 4.54
N ALA E 215 -12.87 2.85 4.74
CA ALA E 215 -13.66 2.25 5.80
C ALA E 215 -14.07 0.78 5.62
N ILE E 216 -14.32 0.34 4.38
CA ILE E 216 -14.73 -1.04 4.20
C ILE E 216 -13.85 -1.91 3.31
N GLU E 217 -12.91 -1.30 2.58
CA GLU E 217 -12.02 -2.11 1.76
C GLU E 217 -10.69 -2.31 2.48
N GLU E 218 -10.24 -1.30 3.22
CA GLU E 218 -9.01 -1.46 4.00
C GLU E 218 -9.48 -1.94 5.38
N GLY E 219 -8.55 -2.28 6.25
CA GLY E 219 -8.92 -2.81 7.56
C GLY E 219 -9.23 -1.87 8.71
N VAL E 220 -9.43 -2.44 9.89
CA VAL E 220 -9.73 -1.67 11.08
C VAL E 220 -8.56 -0.72 11.35
N ASN E 221 -8.84 0.58 11.39
CA ASN E 221 -7.80 1.58 11.56
C ASN E 221 -8.41 2.81 12.25
N HIS E 222 -7.82 3.26 13.36
CA HIS E 222 -8.37 4.41 14.05
C HIS E 222 -8.23 5.72 13.25
N MET E 223 -7.58 5.64 12.10
CA MET E 223 -7.42 6.82 11.24
C MET E 223 -8.70 7.06 10.41
N TRP E 224 -9.52 6.02 10.28
CA TRP E 224 -10.78 6.08 9.53
C TRP E 224 -11.75 5.32 10.44
N THR E 225 -12.27 6.02 11.44
CA THR E 225 -13.11 5.38 12.44
C THR E 225 -14.34 4.59 12.04
N VAL E 226 -14.91 4.85 10.86
CA VAL E 226 -16.06 4.04 10.45
C VAL E 226 -15.59 2.60 10.19
N SER E 227 -14.29 2.40 10.03
CA SER E 227 -13.74 1.06 9.81
C SER E 227 -14.00 0.17 11.02
N ALA E 228 -14.27 0.80 12.16
CA ALA E 228 -14.53 0.04 13.38
C ALA E 228 -15.70 -0.92 13.24
N PHE E 229 -16.68 -0.57 12.42
CA PHE E 229 -17.85 -1.41 12.28
C PHE E 229 -17.64 -2.74 11.57
N GLN E 230 -16.40 -2.99 11.16
CA GLN E 230 -16.08 -4.26 10.54
C GLN E 230 -16.20 -5.30 11.65
N GLN E 231 -16.14 -4.84 12.90
CA GLN E 231 -16.26 -5.74 14.04
C GLN E 231 -17.59 -5.58 14.78
N HIS E 232 -18.58 -5.04 14.09
CA HIS E 232 -19.92 -4.88 14.66
C HIS E 232 -20.75 -6.01 14.06
N PRO E 233 -21.61 -6.64 14.87
CA PRO E 233 -22.43 -7.76 14.38
C PRO E 233 -23.52 -7.44 13.36
N ARG E 234 -24.01 -6.21 13.35
CA ARG E 234 -25.11 -5.87 12.45
C ARG E 234 -25.04 -4.45 11.90
N THR E 235 -24.25 -4.26 10.86
CA THR E 235 -24.12 -2.94 10.26
C THR E 235 -24.60 -2.95 8.82
N VAL E 236 -25.28 -1.87 8.45
CA VAL E 236 -25.80 -1.71 7.11
C VAL E 236 -25.28 -0.39 6.55
N PHE E 237 -24.69 -0.47 5.36
CA PHE E 237 -24.16 0.71 4.67
C PHE E 237 -25.08 0.96 3.48
N VAL E 238 -25.68 2.14 3.42
CA VAL E 238 -26.58 2.50 2.33
C VAL E 238 -25.93 3.63 1.56
N CYS E 239 -25.67 3.42 0.28
N CYS E 239 -25.63 3.39 0.29
CA CYS E 239 -25.03 4.43 -0.54
CA CYS E 239 -24.97 4.40 -0.55
C CYS E 239 -25.62 4.52 -1.94
C CYS E 239 -25.59 4.49 -1.94
N ASP E 240 -25.17 5.50 -2.69
CA ASP E 240 -25.63 5.69 -4.05
C ASP E 240 -24.43 5.30 -4.91
N GLU E 241 -24.64 5.15 -6.21
CA GLU E 241 -23.57 4.75 -7.12
C GLU E 241 -22.27 5.55 -6.96
N ASP E 242 -22.37 6.87 -6.91
CA ASP E 242 -21.19 7.72 -6.79
C ASP E 242 -20.34 7.45 -5.56
N ALA E 243 -20.95 7.00 -4.48
CA ALA E 243 -20.19 6.72 -3.27
C ALA E 243 -19.34 5.45 -3.42
N THR E 244 -19.63 4.63 -4.42
CA THR E 244 -18.90 3.37 -4.62
C THR E 244 -17.73 3.44 -5.61
N LEU E 245 -17.46 4.62 -6.16
CA LEU E 245 -16.41 4.78 -7.16
C LEU E 245 -15.01 4.25 -6.83
N GLU E 246 -14.61 4.25 -5.56
CA GLU E 246 -13.28 3.76 -5.19
C GLU E 246 -13.20 2.29 -4.79
N LEU E 247 -14.35 1.62 -4.75
CA LEU E 247 -14.39 0.21 -4.38
C LEU E 247 -14.02 -0.70 -5.54
N LYS E 248 -13.62 -1.93 -5.21
CA LYS E 248 -13.27 -2.88 -6.26
C LYS E 248 -14.54 -3.37 -6.95
N VAL E 249 -14.43 -3.63 -8.24
CA VAL E 249 -15.57 -4.11 -9.03
C VAL E 249 -16.20 -5.34 -8.40
N LYS E 250 -15.35 -6.27 -7.95
CA LYS E 250 -15.83 -7.51 -7.35
C LYS E 250 -16.75 -7.26 -6.16
N THR E 251 -16.37 -6.31 -5.31
CA THR E 251 -17.16 -5.98 -4.13
C THR E 251 -18.54 -5.45 -4.50
N VAL E 252 -18.58 -4.50 -5.43
CA VAL E 252 -19.85 -3.92 -5.84
C VAL E 252 -20.71 -4.96 -6.55
N LYS E 253 -20.10 -5.84 -7.35
CA LYS E 253 -20.87 -6.88 -8.03
C LYS E 253 -21.50 -7.82 -7.02
N TYR E 254 -20.75 -8.18 -6.00
CA TYR E 254 -21.25 -9.08 -4.96
C TYR E 254 -22.49 -8.51 -4.26
N PHE E 255 -22.40 -7.26 -3.83
CA PHE E 255 -23.52 -6.66 -3.14
C PHE E 255 -24.69 -6.25 -4.02
N LYS E 256 -24.42 -5.90 -5.27
CA LYS E 256 -25.52 -5.55 -6.15
C LYS E 256 -26.29 -6.85 -6.38
N GLY E 257 -25.57 -7.97 -6.34
CA GLY E 257 -26.20 -9.27 -6.52
C GLY E 257 -27.10 -9.64 -5.36
N LEU E 258 -26.87 -9.01 -4.21
CA LEU E 258 -27.67 -9.28 -3.02
C LEU E 258 -28.81 -8.27 -2.85
N MET E 259 -28.95 -7.35 -3.80
CA MET E 259 -29.99 -6.34 -3.65
C MET E 259 -31.41 -6.89 -3.65
N LEU E 260 -31.66 -7.96 -4.39
CA LEU E 260 -33.01 -8.53 -4.38
C LEU E 260 -33.30 -9.08 -2.99
N VAL E 261 -32.29 -9.70 -2.37
CA VAL E 261 -32.46 -10.24 -1.03
C VAL E 261 -32.65 -9.11 -0.03
N HIS E 262 -31.79 -8.10 -0.12
CA HIS E 262 -31.87 -6.98 0.81
C HIS E 262 -33.07 -6.07 0.62
N ASN E 263 -33.68 -6.08 -0.57
CA ASN E 263 -34.85 -5.25 -0.78
C ASN E 263 -36.04 -5.78 0.01
N LYS E 264 -35.95 -7.02 0.47
CA LYS E 264 -37.02 -7.61 1.27
C LYS E 264 -37.12 -6.88 2.60
N LEU E 265 -36.08 -6.11 2.92
CA LEU E 265 -36.03 -5.35 4.16
C LEU E 265 -36.91 -4.11 4.08
N VAL E 266 -37.19 -3.66 2.86
CA VAL E 266 -38.01 -2.47 2.66
C VAL E 266 -39.26 -2.75 1.82
N ASP E 267 -39.38 -3.99 1.37
CA ASP E 267 -40.53 -4.40 0.57
C ASP E 267 -40.92 -5.81 0.98
N PRO E 268 -42.15 -6.00 1.47
CA PRO E 268 -43.20 -5.00 1.67
C PRO E 268 -42.88 -3.88 2.65
N LEU E 269 -43.52 -2.74 2.46
CA LEU E 269 -43.35 -1.59 3.32
C LEU E 269 -44.56 -1.59 4.24
N TYR E 270 -44.32 -1.62 5.55
CA TYR E 270 -45.43 -1.64 6.49
C TYR E 270 -45.99 -0.27 6.83
N SER E 271 -47.17 -0.28 7.46
CA SER E 271 -47.86 0.93 7.85
C SER E 271 -48.61 0.68 9.16
N ILE E 272 -48.78 1.73 9.96
CA ILE E 272 -49.49 1.58 11.23
C ILE E 272 -51.00 1.59 11.01
N LYS E 273 -51.43 1.88 9.80
CA LYS E 273 -52.85 1.90 9.47
C LYS E 273 -53.50 0.52 9.55
N GLU E 274 -54.74 0.48 10.01
CA GLU E 274 -55.49 -0.76 10.15
C GLU E 274 -55.80 -1.37 8.79
N MET F 1 0.45 -15.76 16.92
CA MET F 1 0.12 -17.02 16.19
C MET F 1 1.34 -17.92 16.09
N LYS F 2 1.09 -19.19 15.78
CA LYS F 2 2.15 -20.16 15.55
C LYS F 2 1.99 -20.51 14.08
N LEU F 3 3.05 -20.33 13.29
CA LEU F 3 3.01 -20.66 11.88
C LEU F 3 3.93 -21.85 11.69
N ILE F 4 3.34 -22.98 11.32
CA ILE F 4 4.08 -24.22 11.10
C ILE F 4 4.26 -24.40 9.60
N ILE F 5 5.50 -24.61 9.17
CA ILE F 5 5.79 -24.76 7.75
C ILE F 5 6.43 -26.10 7.41
N LEU F 6 5.75 -26.87 6.57
CA LEU F 6 6.25 -28.17 6.13
C LEU F 6 6.59 -28.10 4.65
N GLU F 7 7.34 -29.09 4.16
CA GLU F 7 7.76 -29.10 2.78
C GLU F 7 6.65 -29.22 1.73
N HIS F 8 5.85 -30.28 1.82
CA HIS F 8 4.77 -30.46 0.85
C HIS F 8 3.43 -30.74 1.52
N TYR F 9 2.40 -30.86 0.69
CA TYR F 9 1.04 -31.12 1.15
C TYR F 9 0.94 -32.31 2.11
N SER F 10 1.56 -33.42 1.73
N SER F 10 1.56 -33.42 1.74
CA SER F 10 1.52 -34.63 2.55
CA SER F 10 1.51 -34.62 2.55
C SER F 10 2.07 -34.38 3.96
C SER F 10 2.07 -34.38 3.96
N GLN F 11 3.21 -33.69 4.04
CA GLN F 11 3.82 -33.40 5.33
C GLN F 11 2.95 -32.46 6.18
N ALA F 12 2.37 -31.45 5.54
CA ALA F 12 1.51 -30.52 6.26
C ALA F 12 0.28 -31.27 6.79
N SER F 13 -0.29 -32.12 5.95
CA SER F 13 -1.46 -32.91 6.32
C SER F 13 -1.16 -33.79 7.53
N GLU F 14 0.00 -34.44 7.50
CA GLU F 14 0.41 -35.33 8.57
C GLU F 14 0.64 -34.59 9.89
N TRP F 15 1.27 -33.41 9.81
CA TRP F 15 1.53 -32.63 11.02
C TRP F 15 0.21 -32.32 11.70
N ALA F 16 -0.76 -31.86 10.91
CA ALA F 16 -2.08 -31.53 11.42
C ALA F 16 -2.75 -32.74 12.05
N ALA F 17 -2.65 -33.89 11.38
CA ALA F 17 -3.25 -35.12 11.90
C ALA F 17 -2.57 -35.53 13.21
N LYS F 18 -1.24 -35.41 13.26
CA LYS F 18 -0.51 -35.76 14.48
C LYS F 18 -0.94 -34.85 15.62
N TYR F 19 -1.11 -33.57 15.33
CA TYR F 19 -1.49 -32.62 16.37
C TYR F 19 -2.89 -32.91 16.93
N ILE F 20 -3.84 -33.18 16.03
CA ILE F 20 -5.20 -33.48 16.47
C ILE F 20 -5.16 -34.74 17.33
N ARG F 21 -4.36 -35.70 16.89
CA ARG F 21 -4.20 -36.96 17.61
C ARG F 21 -3.67 -36.72 19.03
N ASN F 22 -2.55 -36.01 19.13
CA ASN F 22 -1.98 -35.72 20.44
C ASN F 22 -2.95 -34.95 21.34
N ARG F 23 -3.61 -33.94 20.78
CA ARG F 23 -4.55 -33.14 21.56
C ARG F 23 -5.69 -33.96 22.13
N ILE F 24 -6.24 -34.88 21.33
CA ILE F 24 -7.34 -35.71 21.79
C ILE F 24 -6.84 -36.68 22.88
N ILE F 25 -5.73 -37.35 22.60
CA ILE F 25 -5.17 -38.31 23.54
C ILE F 25 -4.81 -37.68 24.88
N GLN F 26 -4.09 -36.57 24.85
CA GLN F 26 -3.71 -35.92 26.10
C GLN F 26 -4.91 -35.29 26.80
N PHE F 27 -5.95 -34.96 26.05
CA PHE F 27 -7.16 -34.38 26.63
C PHE F 27 -7.83 -35.50 27.44
N ASN F 28 -7.71 -36.72 26.93
CA ASN F 28 -8.27 -37.90 27.59
C ASN F 28 -9.78 -37.78 27.79
N PRO F 29 -10.54 -37.62 26.70
CA PRO F 29 -11.99 -37.49 26.79
C PRO F 29 -12.70 -38.72 27.33
N GLY F 30 -13.85 -38.51 27.97
CA GLY F 30 -14.61 -39.61 28.53
C GLY F 30 -16.10 -39.32 28.52
N PRO F 31 -16.91 -40.21 29.14
CA PRO F 31 -18.37 -40.08 29.20
C PRO F 31 -18.89 -38.71 29.68
N GLU F 32 -18.18 -38.09 30.61
CA GLU F 32 -18.58 -36.80 31.14
C GLU F 32 -17.61 -35.70 30.75
N LYS F 33 -16.77 -35.97 29.75
CA LYS F 33 -15.80 -34.99 29.30
C LYS F 33 -15.43 -35.25 27.85
N TYR F 34 -16.28 -34.80 26.93
CA TYR F 34 -16.04 -34.99 25.51
C TYR F 34 -15.07 -33.97 24.95
N PHE F 35 -14.39 -34.35 23.87
CA PHE F 35 -13.46 -33.47 23.19
C PHE F 35 -14.27 -32.92 22.02
N THR F 36 -14.47 -31.61 21.99
CA THR F 36 -15.23 -30.99 20.91
C THR F 36 -14.30 -30.51 19.80
N LEU F 37 -14.56 -30.98 18.59
CA LEU F 37 -13.74 -30.67 17.43
C LEU F 37 -14.51 -30.02 16.28
N GLY F 38 -14.08 -28.82 15.89
CA GLY F 38 -14.72 -28.13 14.78
C GLY F 38 -14.00 -28.60 13.52
N LEU F 39 -14.75 -28.91 12.47
CA LEU F 39 -14.14 -29.44 11.24
C LEU F 39 -14.57 -28.77 9.94
N PRO F 40 -13.68 -28.78 8.94
CA PRO F 40 -13.92 -28.21 7.62
C PRO F 40 -14.01 -29.31 6.56
N THR F 41 -14.41 -28.95 5.35
CA THR F 41 -14.48 -29.92 4.25
C THR F 41 -13.58 -29.37 3.16
N GLY F 42 -13.51 -30.08 2.04
CA GLY F 42 -12.65 -29.62 0.96
C GLY F 42 -11.45 -30.52 0.78
N SER F 43 -10.70 -30.30 -0.30
CA SER F 43 -9.54 -31.13 -0.57
C SER F 43 -8.39 -30.85 0.39
N THR F 44 -8.31 -29.64 0.92
CA THR F 44 -7.22 -29.33 1.84
C THR F 44 -7.16 -30.29 3.04
N PRO F 45 -8.27 -30.45 3.79
CA PRO F 45 -8.25 -31.36 4.94
C PRO F 45 -8.30 -32.85 4.63
N LEU F 46 -8.55 -33.21 3.38
CA LEU F 46 -8.65 -34.61 3.00
C LEU F 46 -7.45 -35.44 3.48
N GLY F 47 -6.24 -34.96 3.19
CA GLY F 47 -5.04 -35.66 3.61
C GLY F 47 -5.00 -35.88 5.12
N CYS F 48 -5.44 -34.88 5.87
CA CYS F 48 -5.45 -34.96 7.33
C CYS F 48 -6.42 -36.04 7.77
N TYR F 49 -7.62 -36.04 7.20
CA TYR F 49 -8.63 -37.04 7.53
C TYR F 49 -8.11 -38.44 7.23
N LYS F 50 -7.41 -38.60 6.10
CA LYS F 50 -6.87 -39.89 5.72
C LYS F 50 -5.89 -40.39 6.79
N LYS F 51 -5.04 -39.51 7.28
CA LYS F 51 -4.08 -39.88 8.31
C LYS F 51 -4.76 -40.22 9.63
N LEU F 52 -5.79 -39.46 10.00
CA LEU F 52 -6.50 -39.72 11.23
C LEU F 52 -7.14 -41.11 11.16
N ILE F 53 -7.63 -41.47 9.99
CA ILE F 53 -8.24 -42.79 9.79
C ILE F 53 -7.18 -43.86 10.02
N GLU F 54 -5.99 -43.66 9.46
CA GLU F 54 -4.88 -44.59 9.63
C GLU F 54 -4.60 -44.82 11.11
N TYR F 55 -4.50 -43.72 11.86
CA TYR F 55 -4.23 -43.79 13.29
C TYR F 55 -5.31 -44.59 14.00
N TYR F 56 -6.55 -44.42 13.55
CA TYR F 56 -7.66 -45.15 14.14
C TYR F 56 -7.53 -46.64 13.83
N LYS F 57 -7.39 -46.96 12.55
CA LYS F 57 -7.25 -48.34 12.12
C LYS F 57 -6.10 -49.05 12.82
N ASN F 58 -5.02 -48.33 13.08
CA ASN F 58 -3.85 -48.91 13.75
C ASN F 58 -4.10 -49.07 15.25
N GLY F 59 -5.24 -48.57 15.71
CA GLY F 59 -5.58 -48.68 17.12
C GLY F 59 -4.86 -47.71 18.03
N ASP F 60 -4.43 -46.57 17.49
CA ASP F 60 -3.71 -45.57 18.27
C ASP F 60 -4.55 -44.37 18.68
N LEU F 61 -5.71 -44.20 18.04
CA LEU F 61 -6.58 -43.06 18.33
C LEU F 61 -8.04 -43.45 18.28
N SER F 62 -8.83 -42.96 19.24
CA SER F 62 -10.25 -43.26 19.28
C SER F 62 -11.08 -41.98 19.31
N PHE F 63 -12.19 -41.98 18.58
CA PHE F 63 -13.08 -40.83 18.50
C PHE F 63 -14.37 -41.13 19.25
N LYS F 64 -14.35 -42.19 20.06
CA LYS F 64 -15.52 -42.59 20.82
C LYS F 64 -16.10 -41.44 21.64
N TYR F 65 -15.24 -40.67 22.28
CA TYR F 65 -15.70 -39.55 23.10
C TYR F 65 -15.34 -38.21 22.50
N VAL F 66 -15.54 -38.09 21.20
CA VAL F 66 -15.28 -36.86 20.47
C VAL F 66 -16.58 -36.41 19.82
N LYS F 67 -16.87 -35.13 19.91
CA LYS F 67 -18.06 -34.56 19.30
C LYS F 67 -17.53 -33.63 18.23
N THR F 68 -18.20 -33.58 17.09
CA THR F 68 -17.76 -32.73 16.00
C THR F 68 -18.82 -31.75 15.54
N PHE F 69 -18.37 -30.60 15.08
CA PHE F 69 -19.25 -29.57 14.56
C PHE F 69 -18.62 -29.06 13.29
N ASN F 70 -19.28 -29.30 12.15
CA ASN F 70 -18.75 -28.83 10.89
C ASN F 70 -19.05 -27.36 10.71
N MET F 71 -18.13 -26.63 10.11
CA MET F 71 -18.33 -25.20 9.94
C MET F 71 -19.43 -24.76 8.99
N ASP F 72 -19.78 -25.57 8.00
CA ASP F 72 -20.81 -25.16 7.05
C ASP F 72 -21.48 -26.27 6.26
N GLU F 73 -22.41 -25.86 5.40
CA GLU F 73 -23.16 -26.77 4.55
C GLU F 73 -23.92 -25.98 3.49
N TYR F 74 -24.11 -26.58 2.33
CA TYR F 74 -24.83 -25.93 1.24
C TYR F 74 -26.33 -25.84 1.50
N VAL F 75 -26.93 -24.72 1.15
CA VAL F 75 -28.37 -24.53 1.31
C VAL F 75 -29.07 -25.02 0.05
N GLY F 76 -30.17 -25.75 0.22
CA GLY F 76 -30.93 -26.23 -0.92
C GLY F 76 -30.46 -27.49 -1.63
N LEU F 77 -29.24 -27.95 -1.33
CA LEU F 77 -28.73 -29.16 -1.97
C LEU F 77 -29.17 -30.38 -1.18
N PRO F 78 -29.67 -31.42 -1.86
CA PRO F 78 -30.09 -32.62 -1.15
C PRO F 78 -28.94 -33.17 -0.31
N ARG F 79 -29.23 -33.56 0.93
N ARG F 79 -29.24 -33.55 0.93
CA ARG F 79 -28.20 -34.08 1.81
CA ARG F 79 -28.21 -34.08 1.81
C ARG F 79 -27.54 -35.32 1.20
C ARG F 79 -27.56 -35.32 1.21
N ASP F 80 -28.34 -36.07 0.44
CA ASP F 80 -27.85 -37.29 -0.22
C ASP F 80 -26.93 -36.99 -1.39
N HIS F 81 -26.91 -35.74 -1.84
CA HIS F 81 -26.05 -35.38 -2.96
C HIS F 81 -24.60 -35.65 -2.60
N PRO F 82 -23.84 -36.28 -3.50
CA PRO F 82 -22.43 -36.60 -3.28
C PRO F 82 -21.53 -35.44 -2.90
N GLU F 83 -21.92 -34.22 -3.27
CA GLU F 83 -21.10 -33.06 -2.95
C GLU F 83 -21.58 -32.26 -1.75
N SER F 84 -22.62 -32.73 -1.07
CA SER F 84 -23.09 -32.04 0.12
C SER F 84 -21.97 -32.25 1.13
N TYR F 85 -21.84 -31.36 2.10
CA TYR F 85 -20.78 -31.53 3.08
C TYR F 85 -21.09 -32.67 4.04
N HIS F 86 -22.36 -33.04 4.15
CA HIS F 86 -22.76 -34.16 4.99
C HIS F 86 -22.17 -35.41 4.33
N SER F 87 -22.33 -35.51 3.00
CA SER F 87 -21.80 -36.65 2.26
C SER F 87 -20.26 -36.66 2.31
N PHE F 88 -19.67 -35.49 2.18
CA PHE F 88 -18.20 -35.38 2.22
C PHE F 88 -17.66 -35.93 3.53
N MET F 89 -18.22 -35.47 4.64
CA MET F 89 -17.76 -35.88 5.96
C MET F 89 -18.00 -37.35 6.25
N TRP F 90 -19.16 -37.88 5.89
CA TRP F 90 -19.43 -39.28 6.15
C TRP F 90 -18.65 -40.23 5.27
N ASN F 91 -18.52 -39.91 3.99
CA ASN F 91 -17.79 -40.79 3.09
C ASN F 91 -16.27 -40.67 3.25
N ASN F 92 -15.79 -39.49 3.59
CA ASN F 92 -14.36 -39.29 3.74
C ASN F 92 -13.81 -39.41 5.16
N PHE F 93 -14.69 -39.45 6.16
CA PHE F 93 -14.19 -39.54 7.52
C PHE F 93 -15.01 -40.35 8.53
N PHE F 94 -16.17 -39.84 8.90
CA PHE F 94 -17.03 -40.48 9.88
C PHE F 94 -17.35 -41.97 9.74
N LYS F 95 -17.64 -42.43 8.53
CA LYS F 95 -17.96 -43.84 8.35
C LYS F 95 -16.75 -44.75 8.54
N HIS F 96 -15.57 -44.14 8.59
CA HIS F 96 -14.32 -44.89 8.74
C HIS F 96 -13.76 -44.90 10.15
N ILE F 97 -14.37 -44.17 11.06
CA ILE F 97 -13.89 -44.11 12.44
C ILE F 97 -14.93 -44.56 13.45
N ASP F 98 -14.54 -44.63 14.72
CA ASP F 98 -15.45 -45.08 15.77
C ASP F 98 -16.17 -43.95 16.51
N ILE F 99 -16.51 -42.88 15.79
CA ILE F 99 -17.21 -41.76 16.40
C ILE F 99 -18.71 -42.09 16.37
N HIS F 100 -19.45 -41.70 17.40
CA HIS F 100 -20.87 -41.97 17.43
C HIS F 100 -21.61 -40.94 16.58
N PRO F 101 -22.47 -41.41 15.66
CA PRO F 101 -23.25 -40.54 14.78
C PRO F 101 -23.96 -39.40 15.49
N GLU F 102 -24.59 -39.71 16.62
CA GLU F 102 -25.31 -38.70 17.38
C GLU F 102 -24.40 -37.59 17.88
N ASN F 103 -23.09 -37.84 17.85
CA ASN F 103 -22.14 -36.83 18.30
C ASN F 103 -21.51 -36.03 17.18
N THR F 104 -21.98 -36.27 15.95
CA THR F 104 -21.49 -35.53 14.79
C THR F 104 -22.59 -34.53 14.48
N HIS F 105 -22.21 -33.27 14.24
CA HIS F 105 -23.18 -32.23 13.97
C HIS F 105 -22.83 -31.43 12.73
N ILE F 106 -23.76 -31.40 11.78
CA ILE F 106 -23.59 -30.68 10.54
C ILE F 106 -24.87 -29.91 10.26
N LEU F 107 -24.72 -28.65 9.87
CA LEU F 107 -25.87 -27.81 9.58
C LEU F 107 -26.79 -28.41 8.52
N ASP F 108 -28.10 -28.26 8.74
CA ASP F 108 -29.10 -28.78 7.80
C ASP F 108 -29.45 -27.68 6.81
N GLY F 109 -28.86 -27.74 5.63
CA GLY F 109 -29.12 -26.75 4.60
C GLY F 109 -30.51 -26.81 3.99
N ASN F 110 -31.32 -27.76 4.45
CA ASN F 110 -32.68 -27.90 3.92
C ASN F 110 -33.73 -27.70 5.01
N ALA F 111 -33.33 -27.10 6.12
CA ALA F 111 -34.24 -26.84 7.22
C ALA F 111 -35.30 -25.83 6.77
N VAL F 112 -36.50 -25.94 7.33
CA VAL F 112 -37.59 -25.04 6.98
C VAL F 112 -37.24 -23.59 7.32
N ASP F 113 -36.72 -23.38 8.52
CA ASP F 113 -36.33 -22.05 8.97
C ASP F 113 -34.81 -22.07 9.07
N LEU F 114 -34.14 -21.54 8.05
CA LEU F 114 -32.68 -21.54 8.03
C LEU F 114 -32.03 -20.84 9.22
N GLN F 115 -32.52 -19.67 9.60
CA GLN F 115 -31.92 -18.96 10.73
C GLN F 115 -32.14 -19.74 12.02
N ALA F 116 -33.31 -20.37 12.16
CA ALA F 116 -33.59 -21.15 13.36
C ALA F 116 -32.62 -22.32 13.44
N GLU F 117 -32.33 -22.93 12.30
CA GLU F 117 -31.39 -24.05 12.22
C GLU F 117 -30.01 -23.55 12.65
N CYS F 118 -29.68 -22.33 12.23
CA CYS F 118 -28.39 -21.74 12.59
C CYS F 118 -28.31 -21.44 14.08
N ASP F 119 -29.37 -20.85 14.63
CA ASP F 119 -29.39 -20.54 16.05
C ASP F 119 -29.30 -21.83 16.85
N ALA F 120 -29.97 -22.87 16.38
CA ALA F 120 -29.95 -24.15 17.06
C ALA F 120 -28.55 -24.74 17.06
N PHE F 121 -27.78 -24.47 16.00
CA PHE F 121 -26.42 -24.99 15.91
C PHE F 121 -25.55 -24.34 16.99
N GLU F 122 -25.73 -23.04 17.19
CA GLU F 122 -24.98 -22.32 18.20
C GLU F 122 -25.32 -22.89 19.58
N GLU F 123 -26.60 -23.20 19.80
CA GLU F 123 -27.02 -23.75 21.08
C GLU F 123 -26.40 -25.11 21.34
N LYS F 124 -26.27 -25.91 20.28
N LYS F 124 -26.27 -25.91 20.28
CA LYS F 124 -25.68 -27.25 20.42
CA LYS F 124 -25.68 -27.25 20.42
C LYS F 124 -24.21 -27.13 20.79
C LYS F 124 -24.21 -27.13 20.79
N ILE F 125 -23.52 -26.12 20.24
CA ILE F 125 -22.11 -25.92 20.54
C ILE F 125 -21.99 -25.53 22.01
N LYS F 126 -22.87 -24.65 22.46
CA LYS F 126 -22.87 -24.20 23.86
C LYS F 126 -23.18 -25.35 24.81
N ALA F 127 -24.17 -26.15 24.45
CA ALA F 127 -24.57 -27.30 25.26
C ALA F 127 -23.41 -28.29 25.38
N ALA F 128 -22.56 -28.31 24.36
CA ALA F 128 -21.41 -29.21 24.33
C ALA F 128 -20.23 -28.64 25.10
N GLY F 129 -20.39 -27.44 25.63
CA GLY F 129 -19.32 -26.82 26.39
C GLY F 129 -18.36 -26.02 25.55
N GLY F 130 -18.75 -25.73 24.31
CA GLY F 130 -17.88 -24.97 23.44
C GLY F 130 -16.94 -25.85 22.65
N ILE F 131 -16.18 -25.24 21.74
CA ILE F 131 -15.23 -25.98 20.90
C ILE F 131 -13.82 -25.96 21.47
N GLU F 132 -13.23 -27.15 21.66
CA GLU F 132 -11.88 -27.28 22.19
C GLU F 132 -10.86 -26.92 21.11
N LEU F 133 -11.04 -27.49 19.93
CA LEU F 133 -10.14 -27.23 18.80
C LEU F 133 -10.97 -27.10 17.53
N PHE F 134 -10.87 -25.95 16.87
CA PHE F 134 -11.62 -25.76 15.64
C PHE F 134 -10.63 -25.78 14.48
N VAL F 135 -10.79 -26.76 13.60
CA VAL F 135 -9.91 -26.90 12.44
C VAL F 135 -10.58 -26.26 11.24
N GLY F 136 -9.82 -25.45 10.50
CA GLY F 136 -10.40 -24.80 9.34
C GLY F 136 -9.42 -24.68 8.20
N GLY F 137 -9.82 -23.93 7.18
CA GLY F 137 -8.97 -23.71 6.02
C GLY F 137 -9.11 -22.25 5.66
N ILE F 138 -8.55 -21.87 4.53
CA ILE F 138 -8.66 -20.48 4.08
C ILE F 138 -9.02 -20.50 2.60
N GLY F 139 -9.94 -19.63 2.21
CA GLY F 139 -10.33 -19.57 0.82
C GLY F 139 -9.38 -18.68 0.04
N PRO F 140 -9.45 -18.69 -1.30
CA PRO F 140 -8.55 -17.85 -2.10
C PRO F 140 -8.81 -16.38 -1.76
N ASP F 141 -10.01 -16.12 -1.24
CA ASP F 141 -10.42 -14.77 -0.86
C ASP F 141 -10.22 -14.53 0.63
N GLY F 142 -9.47 -15.42 1.28
CA GLY F 142 -9.18 -15.31 2.70
C GLY F 142 -10.30 -15.66 3.67
N HIS F 143 -11.35 -16.30 3.20
CA HIS F 143 -12.47 -16.61 4.09
C HIS F 143 -12.23 -17.78 5.05
N ILE F 144 -12.93 -17.72 6.18
CA ILE F 144 -12.92 -18.78 7.17
C ILE F 144 -14.37 -19.27 7.03
N ALA F 145 -14.56 -20.57 6.82
CA ALA F 145 -15.90 -21.12 6.62
C ALA F 145 -16.45 -20.39 5.39
N PHE F 146 -17.70 -19.96 5.44
CA PHE F 146 -18.25 -19.21 4.32
C PHE F 146 -18.44 -17.75 4.68
N ASN F 147 -17.54 -17.24 5.54
CA ASN F 147 -17.60 -15.85 5.93
C ASN F 147 -16.86 -15.10 4.83
N GLU F 148 -17.56 -14.90 3.73
CA GLU F 148 -17.03 -14.24 2.54
C GLU F 148 -16.56 -12.82 2.82
N PRO F 149 -15.75 -12.25 1.89
CA PRO F 149 -15.26 -10.88 2.06
C PRO F 149 -16.40 -9.94 2.41
N GLY F 150 -16.20 -9.11 3.43
CA GLY F 150 -17.23 -8.16 3.84
C GLY F 150 -18.17 -8.76 4.87
N SER F 151 -17.69 -9.77 5.60
CA SER F 151 -18.48 -10.41 6.66
C SER F 151 -18.09 -9.82 8.00
N SER F 152 -19.06 -9.63 8.88
CA SER F 152 -18.77 -9.09 10.21
C SER F 152 -17.74 -10.00 10.88
N LEU F 153 -16.73 -9.41 11.49
CA LEU F 153 -15.70 -10.20 12.15
C LEU F 153 -16.17 -10.76 13.51
N VAL F 154 -17.40 -10.44 13.91
CA VAL F 154 -17.93 -10.97 15.17
C VAL F 154 -19.25 -11.69 14.89
N SER F 155 -19.44 -12.09 13.64
CA SER F 155 -20.64 -12.78 13.21
C SER F 155 -20.84 -14.15 13.86
N ARG F 156 -22.10 -14.58 13.93
CA ARG F 156 -22.44 -15.87 14.48
C ARG F 156 -22.91 -16.73 13.30
N THR F 157 -23.39 -17.93 13.57
CA THR F 157 -23.85 -18.82 12.51
C THR F 157 -25.06 -18.23 11.79
N ARG F 158 -25.01 -18.18 10.46
CA ARG F 158 -26.10 -17.61 9.67
C ARG F 158 -26.01 -18.04 8.21
N VAL F 159 -26.93 -17.54 7.40
CA VAL F 159 -26.95 -17.85 5.98
C VAL F 159 -26.01 -16.87 5.27
N LYS F 160 -25.20 -17.37 4.35
CA LYS F 160 -24.32 -16.49 3.59
C LYS F 160 -24.38 -16.87 2.12
N THR F 161 -24.25 -15.86 1.26
CA THR F 161 -24.27 -16.07 -0.18
C THR F 161 -22.82 -16.16 -0.61
N LEU F 162 -22.48 -17.23 -1.33
CA LEU F 162 -21.11 -17.45 -1.77
C LEU F 162 -20.62 -16.36 -2.73
N ALA F 163 -19.37 -15.97 -2.57
CA ALA F 163 -18.77 -14.95 -3.41
C ALA F 163 -18.20 -15.61 -4.66
N MET F 164 -17.85 -14.80 -5.67
CA MET F 164 -17.34 -15.34 -6.92
C MET F 164 -16.13 -16.27 -6.76
N ASP F 165 -15.21 -15.93 -5.88
CA ASP F 165 -14.03 -16.77 -5.66
C ASP F 165 -14.40 -18.18 -5.21
N THR F 166 -15.29 -18.26 -4.22
CA THR F 166 -15.74 -19.55 -3.71
C THR F 166 -16.44 -20.34 -4.80
N ILE F 167 -17.27 -19.65 -5.58
N ILE F 167 -17.27 -19.66 -5.58
CA ILE F 167 -17.99 -20.29 -6.67
CA ILE F 167 -18.01 -20.32 -6.67
C ILE F 167 -17.02 -20.89 -7.68
C ILE F 167 -17.03 -20.89 -7.69
N LEU F 168 -16.07 -20.06 -8.11
CA LEU F 168 -15.08 -20.50 -9.08
C LEU F 168 -14.25 -21.66 -8.53
N ALA F 169 -13.91 -21.60 -7.25
CA ALA F 169 -13.10 -22.64 -6.63
C ALA F 169 -13.84 -23.95 -6.40
N ASN F 170 -15.12 -23.87 -6.07
CA ASN F 170 -15.91 -25.07 -5.80
C ASN F 170 -16.57 -25.68 -7.03
N ALA F 171 -16.52 -24.97 -8.16
CA ALA F 171 -17.13 -25.47 -9.39
C ALA F 171 -16.55 -26.79 -9.84
N ARG F 172 -15.31 -27.06 -9.44
CA ARG F 172 -14.64 -28.31 -9.83
C ARG F 172 -15.35 -29.54 -9.26
N PHE F 173 -16.20 -29.34 -8.26
CA PHE F 173 -16.92 -30.45 -7.66
C PHE F 173 -18.31 -30.60 -8.24
N PHE F 174 -18.65 -29.69 -9.15
CA PHE F 174 -19.94 -29.72 -9.80
C PHE F 174 -19.76 -29.73 -11.33
N ASP F 175 -18.89 -30.64 -11.78
CA ASP F 175 -18.61 -30.81 -13.20
C ASP F 175 -18.03 -29.56 -13.85
N GLY F 176 -17.54 -28.64 -13.02
CA GLY F 176 -16.96 -27.42 -13.56
C GLY F 176 -17.99 -26.37 -13.93
N GLU F 177 -19.24 -26.61 -13.57
CA GLU F 177 -20.32 -25.68 -13.87
C GLU F 177 -20.50 -24.70 -12.73
N LEU F 178 -20.07 -23.46 -12.94
CA LEU F 178 -20.20 -22.42 -11.92
C LEU F 178 -21.62 -22.31 -11.39
N THR F 179 -22.59 -22.20 -12.30
CA THR F 179 -23.99 -22.06 -11.93
C THR F 179 -24.56 -23.28 -11.21
N LYS F 180 -23.79 -24.35 -11.13
CA LYS F 180 -24.24 -25.57 -10.46
C LYS F 180 -23.86 -25.53 -8.98
N VAL F 181 -22.91 -24.66 -8.63
CA VAL F 181 -22.52 -24.54 -7.23
C VAL F 181 -23.66 -23.84 -6.49
N PRO F 182 -24.09 -24.40 -5.35
CA PRO F 182 -25.18 -23.78 -4.59
C PRO F 182 -24.91 -22.30 -4.32
N THR F 183 -25.95 -21.50 -4.43
CA THR F 183 -25.87 -20.05 -4.22
C THR F 183 -25.58 -19.63 -2.78
N MET F 184 -26.17 -20.34 -1.84
CA MET F 184 -26.00 -20.00 -0.43
C MET F 184 -25.57 -21.19 0.40
N ALA F 185 -25.19 -20.91 1.64
CA ALA F 185 -24.76 -21.94 2.56
C ALA F 185 -25.03 -21.46 3.97
N LEU F 186 -25.10 -22.40 4.90
CA LEU F 186 -25.26 -22.05 6.30
C LEU F 186 -23.82 -22.15 6.77
N THR F 187 -23.38 -21.18 7.56
CA THR F 187 -22.00 -21.19 8.00
C THR F 187 -21.81 -20.59 9.38
N VAL F 188 -20.92 -21.20 10.17
CA VAL F 188 -20.63 -20.67 11.49
C VAL F 188 -20.04 -19.30 11.21
N GLY F 189 -20.12 -18.39 12.17
CA GLY F 189 -19.58 -17.07 11.96
C GLY F 189 -18.12 -16.97 12.36
N VAL F 190 -17.54 -15.80 12.08
CA VAL F 190 -16.15 -15.55 12.46
C VAL F 190 -16.08 -15.59 13.98
N GLY F 191 -17.11 -15.02 14.63
CA GLY F 191 -17.15 -15.02 16.08
C GLY F 191 -17.30 -16.42 16.64
N THR F 192 -18.08 -17.25 15.95
CA THR F 192 -18.29 -18.63 16.38
C THR F 192 -16.95 -19.36 16.43
N VAL F 193 -16.14 -19.18 15.40
CA VAL F 193 -14.84 -19.86 15.37
C VAL F 193 -13.89 -19.21 16.36
N MET F 194 -13.97 -17.89 16.50
CA MET F 194 -13.11 -17.17 17.43
C MET F 194 -13.36 -17.63 18.87
N ASP F 195 -14.55 -18.16 19.12
CA ASP F 195 -14.89 -18.64 20.46
C ASP F 195 -14.23 -19.98 20.81
N ALA F 196 -13.64 -20.64 19.83
CA ALA F 196 -12.96 -21.92 20.09
C ALA F 196 -11.75 -21.68 20.98
N ARG F 197 -11.43 -22.64 21.83
CA ARG F 197 -10.28 -22.48 22.72
C ARG F 197 -8.98 -22.47 21.91
N GLU F 198 -8.96 -23.19 20.80
CA GLU F 198 -7.80 -23.21 19.92
C GLU F 198 -8.29 -23.33 18.48
N VAL F 199 -7.59 -22.67 17.57
CA VAL F 199 -7.97 -22.69 16.17
C VAL F 199 -6.76 -23.12 15.34
N MET F 200 -6.96 -24.09 14.46
CA MET F 200 -5.87 -24.55 13.59
C MET F 200 -6.33 -24.41 12.15
N ILE F 201 -5.63 -23.57 11.40
CA ILE F 201 -5.96 -23.34 10.00
C ILE F 201 -4.95 -24.05 9.11
N LEU F 202 -5.44 -24.93 8.25
CA LEU F 202 -4.58 -25.69 7.32
C LEU F 202 -4.57 -24.95 5.99
N ILE F 203 -3.38 -24.63 5.49
CA ILE F 203 -3.26 -23.91 4.23
C ILE F 203 -2.21 -24.56 3.35
N THR F 204 -2.61 -25.06 2.19
CA THR F 204 -1.65 -25.68 1.31
C THR F 204 -1.77 -25.20 -0.13
N GLY F 205 -0.64 -25.04 -0.81
CA GLY F 205 -0.68 -24.63 -2.20
C GLY F 205 -0.44 -23.17 -2.49
N ALA F 206 0.16 -22.92 -3.66
CA ALA F 206 0.46 -21.56 -4.09
C ALA F 206 -0.78 -20.72 -4.35
N HIS F 207 -1.90 -21.38 -4.66
CA HIS F 207 -3.14 -20.65 -4.92
C HIS F 207 -3.70 -20.02 -3.66
N LYS F 208 -3.12 -20.38 -2.50
CA LYS F 208 -3.58 -19.82 -1.23
C LYS F 208 -2.56 -18.84 -0.66
N ALA F 209 -1.41 -18.71 -1.31
CA ALA F 209 -0.36 -17.82 -0.82
C ALA F 209 -0.76 -16.37 -0.62
N PHE F 210 -1.48 -15.80 -1.59
CA PHE F 210 -1.90 -14.41 -1.46
C PHE F 210 -2.87 -14.22 -0.30
N ALA F 211 -3.82 -15.15 -0.17
CA ALA F 211 -4.79 -15.06 0.92
C ALA F 211 -4.09 -15.18 2.28
N LEU F 212 -3.10 -16.05 2.38
CA LEU F 212 -2.38 -16.21 3.63
C LEU F 212 -1.66 -14.91 3.95
N TYR F 213 -1.02 -14.33 2.93
CA TYR F 213 -0.32 -13.06 3.09
C TYR F 213 -1.29 -12.00 3.62
N LYS F 214 -2.48 -11.93 3.03
CA LYS F 214 -3.48 -10.96 3.45
C LYS F 214 -3.92 -11.23 4.88
N ALA F 215 -4.09 -12.52 5.21
CA ALA F 215 -4.54 -12.91 6.54
C ALA F 215 -3.55 -12.73 7.69
N ILE F 216 -2.26 -12.85 7.42
CA ILE F 216 -1.31 -12.72 8.52
C ILE F 216 -0.25 -11.62 8.37
N GLU F 217 -0.09 -11.04 7.19
CA GLU F 217 0.90 -9.98 7.05
C GLU F 217 0.23 -8.60 7.01
N GLU F 218 -0.99 -8.53 6.49
CA GLU F 218 -1.72 -7.27 6.50
C GLU F 218 -2.58 -7.35 7.76
N GLY F 219 -3.26 -6.26 8.10
CA GLY F 219 -4.04 -6.23 9.33
C GLY F 219 -5.45 -6.81 9.36
N VAL F 220 -6.10 -6.67 10.51
CA VAL F 220 -7.46 -7.16 10.72
C VAL F 220 -8.36 -6.45 9.70
N ASN F 221 -9.02 -7.22 8.85
CA ASN F 221 -9.85 -6.64 7.78
C ASN F 221 -10.98 -7.62 7.45
N HIS F 222 -12.22 -7.14 7.44
CA HIS F 222 -13.34 -8.02 7.13
C HIS F 222 -13.38 -8.49 5.67
N MET F 223 -12.44 -8.03 4.85
CA MET F 223 -12.40 -8.48 3.46
C MET F 223 -11.64 -9.80 3.37
N TRP F 224 -10.84 -10.11 4.40
CA TRP F 224 -10.06 -11.35 4.45
C TRP F 224 -10.30 -11.84 5.87
N THR F 225 -11.42 -12.54 6.06
CA THR F 225 -11.83 -12.96 7.40
C THR F 225 -10.91 -13.81 8.27
N VAL F 226 -9.95 -14.52 7.68
CA VAL F 226 -9.04 -15.29 8.52
C VAL F 226 -8.13 -14.33 9.29
N SER F 227 -8.08 -13.07 8.85
N SER F 227 -8.08 -13.07 8.85
CA SER F 227 -7.26 -12.07 9.51
CA SER F 227 -7.26 -12.06 9.52
C SER F 227 -7.81 -11.79 10.91
C SER F 227 -7.79 -11.81 10.93
N ALA F 228 -9.04 -12.22 11.17
CA ALA F 228 -9.65 -12.02 12.47
C ALA F 228 -8.89 -12.74 13.58
N PHE F 229 -8.25 -13.85 13.24
CA PHE F 229 -7.53 -14.61 14.24
C PHE F 229 -6.28 -13.95 14.79
N GLN F 230 -5.97 -12.76 14.29
CA GLN F 230 -4.84 -12.01 14.82
C GLN F 230 -5.21 -11.60 16.23
N GLN F 231 -6.50 -11.63 16.54
CA GLN F 231 -6.99 -11.27 17.86
C GLN F 231 -7.54 -12.46 18.62
N HIS F 232 -7.05 -13.64 18.28
CA HIS F 232 -7.42 -14.87 18.96
C HIS F 232 -6.19 -15.25 19.79
N PRO F 233 -6.39 -15.74 21.02
CA PRO F 233 -5.24 -16.09 21.86
C PRO F 233 -4.45 -17.34 21.51
N ARG F 234 -5.04 -18.24 20.73
CA ARG F 234 -4.35 -19.49 20.41
C ARG F 234 -4.66 -20.03 19.03
N THR F 235 -4.02 -19.46 18.02
CA THR F 235 -4.24 -19.91 16.65
C THR F 235 -2.96 -20.51 16.07
N VAL F 236 -3.14 -21.61 15.35
CA VAL F 236 -2.02 -22.31 14.72
C VAL F 236 -2.28 -22.43 13.23
N PHE F 237 -1.34 -21.92 12.44
CA PHE F 237 -1.43 -21.99 10.98
C PHE F 237 -0.48 -23.09 10.52
N VAL F 238 -1.02 -24.11 9.83
CA VAL F 238 -0.19 -25.20 9.35
C VAL F 238 -0.20 -25.14 7.82
N CYS F 239 0.96 -24.91 7.22
N CYS F 239 0.95 -24.87 7.22
CA CYS F 239 1.04 -24.79 5.77
CA CYS F 239 1.03 -24.77 5.77
C CYS F 239 2.25 -25.49 5.18
C CYS F 239 2.25 -25.46 5.18
N ASP F 240 2.28 -25.54 3.85
CA ASP F 240 3.40 -26.14 3.15
C ASP F 240 4.17 -24.99 2.50
N GLU F 241 5.35 -25.29 1.97
CA GLU F 241 6.19 -24.26 1.35
C GLU F 241 5.48 -23.35 0.36
N ASP F 242 4.74 -23.94 -0.56
CA ASP F 242 4.04 -23.17 -1.59
C ASP F 242 3.07 -22.13 -1.04
N ALA F 243 2.49 -22.39 0.12
CA ALA F 243 1.54 -21.45 0.70
C ALA F 243 2.22 -20.21 1.29
N THR F 244 3.54 -20.25 1.44
CA THR F 244 4.29 -19.13 2.03
C THR F 244 4.94 -18.19 1.01
N LEU F 245 4.69 -18.41 -0.27
CA LEU F 245 5.32 -17.61 -1.33
C LEU F 245 5.12 -16.09 -1.28
N GLU F 246 4.01 -15.63 -0.74
CA GLU F 246 3.74 -14.20 -0.70
C GLU F 246 4.15 -13.53 0.61
N LEU F 247 4.63 -14.31 1.56
CA LEU F 247 5.06 -13.76 2.85
C LEU F 247 6.47 -13.16 2.75
N LYS F 248 6.81 -12.32 3.73
CA LYS F 248 8.14 -11.72 3.77
C LYS F 248 9.13 -12.78 4.24
N VAL F 249 10.34 -12.73 3.70
CA VAL F 249 11.39 -13.68 4.08
C VAL F 249 11.58 -13.68 5.60
N LYS F 250 11.58 -12.49 6.19
CA LYS F 250 11.78 -12.33 7.63
C LYS F 250 10.79 -13.16 8.45
N THR F 251 9.54 -13.17 8.01
CA THR F 251 8.48 -13.90 8.69
C THR F 251 8.71 -15.41 8.61
N VAL F 252 9.02 -15.90 7.42
CA VAL F 252 9.26 -17.32 7.24
C VAL F 252 10.51 -17.75 7.99
N LYS F 253 11.55 -16.93 7.99
CA LYS F 253 12.76 -17.29 8.71
C LYS F 253 12.50 -17.38 10.21
N TYR F 254 11.69 -16.47 10.73
CA TYR F 254 11.38 -16.48 12.15
C TYR F 254 10.66 -17.78 12.53
N PHE F 255 9.66 -18.17 11.75
CA PHE F 255 8.92 -19.37 12.08
C PHE F 255 9.63 -20.68 11.76
N LYS F 256 10.50 -20.69 10.74
CA LYS F 256 11.24 -21.91 10.46
C LYS F 256 12.23 -22.09 11.60
N GLY F 257 12.64 -20.97 12.19
CA GLY F 257 13.58 -21.02 13.29
C GLY F 257 12.92 -21.61 14.52
N LEU F 258 11.59 -21.58 14.55
CA LEU F 258 10.81 -22.10 15.67
C LEU F 258 10.24 -23.49 15.42
N MET F 259 10.57 -24.10 14.27
CA MET F 259 10.03 -25.42 13.97
C MET F 259 10.44 -26.52 14.94
N LEU F 260 11.68 -26.48 15.45
CA LEU F 260 12.09 -27.52 16.40
C LEU F 260 11.23 -27.39 17.64
N VAL F 261 10.97 -26.16 18.05
CA VAL F 261 10.15 -25.88 19.23
C VAL F 261 8.72 -26.38 18.99
N HIS F 262 8.15 -26.03 17.84
CA HIS F 262 6.80 -26.43 17.53
C HIS F 262 6.59 -27.91 17.20
N ASN F 263 7.65 -28.58 16.76
CA ASN F 263 7.52 -30.00 16.47
C ASN F 263 7.33 -30.78 17.77
N LYS F 264 7.61 -30.13 18.89
CA LYS F 264 7.44 -30.78 20.19
C LYS F 264 5.95 -30.99 20.45
N LEU F 265 5.13 -30.36 19.61
CA LEU F 265 3.68 -30.49 19.74
C LEU F 265 3.22 -31.82 19.13
N VAL F 266 4.05 -32.40 18.28
CA VAL F 266 3.71 -33.66 17.63
C VAL F 266 4.77 -34.73 17.85
N ASP F 267 5.82 -34.38 18.58
CA ASP F 267 6.91 -35.31 18.87
C ASP F 267 7.33 -35.12 20.32
N PRO F 268 7.17 -36.18 21.14
CA PRO F 268 6.63 -37.49 20.81
C PRO F 268 5.16 -37.53 20.42
N LEU F 269 4.80 -38.58 19.68
CA LEU F 269 3.43 -38.79 19.25
C LEU F 269 2.84 -39.82 20.22
N TYR F 270 1.72 -39.51 20.84
CA TYR F 270 1.11 -40.42 21.80
C TYR F 270 0.13 -41.41 21.17
N SER F 271 -0.24 -42.42 21.94
CA SER F 271 -1.15 -43.46 21.50
C SER F 271 -2.04 -43.91 22.66
N ILE F 272 -3.23 -44.39 22.34
CA ILE F 272 -4.15 -44.87 23.38
C ILE F 272 -3.72 -46.23 23.90
N LYS F 273 -2.91 -46.93 23.12
CA LYS F 273 -2.44 -48.25 23.51
C LYS F 273 -1.65 -48.16 24.82
N GLU F 274 -1.97 -49.06 25.75
CA GLU F 274 -1.29 -49.09 27.04
C GLU F 274 -0.05 -49.98 26.98
C1 GLC G . 20.62 32.67 -18.70
C2 GLC G . 21.96 33.32 -18.47
C3 GLC G . 22.67 32.49 -17.34
C4 GLC G . 21.77 32.27 -16.04
C5 GLC G . 20.26 31.95 -16.39
C6 GLC G . 19.29 32.18 -15.26
O1 GLC G . 20.27 31.23 -19.12
O2 GLC G . 22.34 33.37 -19.82
O3 GLC G . 23.74 32.99 -17.01
O4 GLC G . 22.30 31.23 -15.25
O5 GLC G . 19.79 32.76 -17.51
O6 GLC G . 18.13 31.74 -15.34
C1 GLC G . 18.96 31.26 -19.95
C2 GLC G . 18.77 29.77 -20.25
C3 GLC G . 19.83 29.27 -21.28
C4 GLC G . 19.85 30.13 -22.59
C5 GLC G . 19.85 31.67 -22.26
C6 GLC G . 19.51 32.56 -23.42
O2 GLC G . 18.82 29.19 -19.16
O3 GLC G . 19.64 27.92 -21.62
O4 GLC G . 20.96 29.80 -23.40
O5 GLC G . 18.88 31.99 -21.21
O6 GLC G . 19.72 33.78 -23.34
C1 GLC H . 34.37 -9.98 -23.70
C2 GLC H . 34.67 -11.12 -24.66
C3 GLC H . 33.39 -12.03 -24.68
C4 GLC H . 32.91 -12.47 -23.24
C5 GLC H . 32.93 -11.28 -22.20
C6 GLC H . 32.87 -11.69 -20.76
O1 GLC H . 33.28 -8.92 -23.74
O2 GLC H . 35.15 -10.31 -25.69
O3 GLC H . 33.55 -13.02 -25.39
O4 GLC H . 31.61 -13.02 -23.29
O5 GLC H . 34.14 -10.48 -22.35
O6 GLC H . 32.46 -10.90 -19.91
C1 GLC H . 33.79 -7.66 -23.03
C2 GLC H . 32.58 -6.71 -23.14
C3 GLC H . 32.40 -6.23 -24.62
C4 GLC H . 33.71 -5.60 -25.23
C5 GLC H . 34.97 -6.51 -24.93
C6 GLC H . 36.29 -5.82 -25.13
O2 GLC H . 31.61 -7.34 -22.70
O3 GLC H . 31.35 -5.29 -24.73
O4 GLC H . 33.59 -5.42 -26.63
O5 GLC H . 34.97 -6.94 -23.52
O6 GLC H . 37.33 -6.49 -25.15
C1 GLC I . -3.81 3.92 -42.56
C2 GLC I . -4.54 4.93 -43.42
C3 GLC I . -5.19 5.95 -42.41
C4 GLC I . -6.05 5.28 -41.26
C5 GLC I . -5.35 3.99 -40.67
C6 GLC I . -6.27 3.06 -39.92
O1 GLC I . -2.67 4.14 -41.55
O2 GLC I . -3.46 5.17 -44.29
O3 GLC I . -5.89 6.79 -43.01
O4 GLC I . -6.28 6.19 -40.21
O5 GLC I . -4.73 3.19 -41.72
O6 GLC I . -5.78 2.24 -39.14
C1 GLC I . -1.85 2.82 -41.46
C2 GLC I . -0.78 3.18 -40.42
C3 GLC I . 0.24 4.20 -41.00
C4 GLC I . 0.86 3.74 -42.37
C5 GLC I . -0.23 3.17 -43.34
C6 GLC I . 0.31 2.36 -44.49
O2 GLC I . -1.40 3.60 -39.43
O3 GLC I . 1.27 4.47 -40.08
O4 GLC I . 1.53 4.83 -42.99
O5 GLC I . -1.16 2.29 -42.64
O6 GLC I . -0.29 2.33 -45.56
C1 GLC J . -7.39 11.68 40.83
C2 GLC J . -8.20 12.80 41.47
C3 GLC J . -8.90 13.57 40.30
C4 GLC J . -7.94 13.99 39.11
C5 GLC J . -6.88 12.87 38.75
C6 GLC J . -5.67 13.36 38.01
O1 GLC J . -7.87 10.51 39.95
O2 GLC J . -8.81 11.99 42.45
O3 GLC J . -9.49 14.58 40.72
O4 GLC J . -8.68 14.28 37.95
O5 GLC J . -6.37 12.22 39.97
O6 GLC J . -4.95 12.54 37.42
C1 GLC J . -6.88 9.31 40.16
C2 GLC J . -7.46 8.25 39.21
C3 GLC J . -8.80 7.68 39.76
C4 GLC J . -8.68 7.16 41.24
C5 GLC J . -7.91 8.18 42.16
C6 GLC J . -7.42 7.60 43.45
O2 GLC J . -7.57 8.79 38.10
O3 GLC J . -9.29 6.64 38.95
O4 GLC J . -9.97 6.91 41.79
O5 GLC J . -6.72 8.69 41.48
O6 GLC J . -6.99 8.36 44.33
C1 GLC K . -39.63 -7.62 15.58
C2 GLC K . -40.62 -8.76 15.43
C3 GLC K . -39.94 -9.82 14.49
C4 GLC K . -39.39 -9.22 13.13
C5 GLC K . -38.64 -7.85 13.34
C6 GLC K . -38.46 -7.02 12.09
O1 GLC K . -38.21 -7.61 16.16
O2 GLC K . -40.88 -8.88 16.80
O3 GLC K . -40.72 -10.75 14.24
O4 GLC K . -38.51 -10.14 12.50
O5 GLC K . -39.35 -7.01 14.29
O6 GLC K . -37.65 -6.09 12.09
C1 GLC K . -37.96 -6.22 16.81
C2 GLC K . -36.53 -6.37 17.34
C3 GLC K . -36.48 -7.36 18.54
C4 GLC K . -37.54 -7.05 19.67
C5 GLC K . -38.94 -6.63 19.08
C6 GLC K . -39.81 -5.87 20.05
O2 GLC K . -35.85 -6.74 16.37
O3 GLC K . -35.20 -7.41 19.12
O4 GLC K . -37.72 -8.17 20.52
O5 GLC K . -38.78 -5.75 17.93
O6 GLC K . -41.00 -5.68 19.77
C1 GLC L . -3.90 -31.78 28.97
C2 GLC L . -2.99 -32.19 30.11
C3 GLC L . -1.79 -31.17 30.08
C4 GLC L . -1.09 -31.04 28.65
C5 GLC L . -2.14 -30.99 27.47
C6 GLC L . -1.58 -31.32 26.11
O1 GLC L . -4.64 -30.45 28.72
O2 GLC L . -4.00 -32.27 31.09
O3 GLC L . -0.93 -31.45 30.93
O4 GLC L . -0.27 -29.89 28.60
O5 GLC L . -3.23 -31.93 27.70
O6 GLC L . -2.17 -30.92 25.10
C1 GLC L . -5.97 -30.77 27.97
C2 GLC L . -6.57 -29.37 27.78
C3 GLC L . -7.09 -28.80 29.13
C4 GLC L . -8.10 -29.77 29.83
C5 GLC L . -7.53 -31.24 29.89
C6 GLC L . -8.55 -32.30 30.26
O2 GLC L . -5.67 -28.69 27.26
O3 GLC L . -7.68 -27.54 28.96
O4 GLC L . -8.40 -29.32 31.15
O5 GLC L . -6.99 -31.64 28.58
O6 GLC L . -9.49 -32.55 29.49
C1 16G M . -9.28 7.84 -26.30
C2 16G M . -9.02 9.30 -26.67
C3 16G M . -7.73 9.35 -27.53
C4 16G M . -6.51 8.76 -26.75
C5 16G M . -6.85 7.32 -26.17
C6 16G M . -5.87 6.82 -25.14
C7 16G M . -11.25 10.28 -26.78
C8 16G M . -12.49 10.84 -27.56
N2 16G M . -10.16 9.81 -27.43
O1 16G M . -9.68 6.71 -27.23
O3 16G M . -7.43 10.64 -27.99
O4 16G M . -5.36 8.70 -27.55
O5 16G M . -8.14 7.38 -25.50
O6 16G M . -5.63 7.56 -24.18
O7 16G M . -11.41 10.33 -25.54
P 16G M . -4.01 7.94 -24.12
O1P 16G M . -3.19 6.74 -23.89
O2P 16G M . -3.75 8.86 -23.00
O3P 16G M . -3.60 8.56 -25.39
S SO4 N . -7.58 24.71 -10.52
O1 SO4 N . -8.99 25.07 -10.17
O2 SO4 N . -7.00 23.89 -9.42
O3 SO4 N . -6.77 25.94 -10.72
O4 SO4 N . -7.54 23.97 -11.80
C1 AGP O . -5.49 23.40 -16.38
O1 AGP O . -4.27 24.09 -16.54
C2 AGP O . -5.26 21.89 -16.36
N2 AGP O . -6.41 21.22 -16.94
C3 AGP O . -4.97 21.39 -14.93
O3 AGP O . -3.56 21.50 -14.66
C4 AGP O . -5.76 22.20 -13.87
O4 AGP O . -4.88 23.15 -13.25
C5 AGP O . -6.33 21.22 -12.81
O5 AGP O . -7.58 20.68 -13.28
C6 AGP O . -6.56 21.94 -11.47
O6 AGP O . -7.47 23.00 -11.64
P AGP O . -7.33 24.16 -10.60
O1P AGP O . -8.58 24.91 -10.89
O2P AGP O . -7.19 23.54 -9.24
O3P AGP O . -6.11 24.83 -11.07
C1 16G P . 18.84 21.54 -5.22
C2 16G P . 20.27 21.08 -5.47
C3 16G P . 20.50 21.02 -6.99
C4 16G P . 19.48 20.06 -7.69
C5 16G P . 18.00 20.36 -7.24
C6 16G P . 17.01 19.26 -7.56
C7 16G P . 21.56 21.93 -3.58
C8 16G P . 22.55 22.97 -2.92
N2 16G P . 21.19 22.06 -4.87
O1 16G P . 18.22 22.89 -5.52
O3 16G P . 21.83 20.65 -7.32
O4 16G P . 19.58 20.10 -9.09
O5 16G P . 17.96 20.52 -5.79
O6 16G P . 17.31 18.12 -7.14
O7 16G P . 21.19 21.05 -2.79
P 16G P . 17.41 17.04 -8.39
O1P 16G P . 16.09 16.85 -9.05
O2P 16G P . 17.81 15.71 -7.90
O3P 16G P . 18.38 17.50 -9.40
S SO4 Q . 27.75 2.15 3.31
O1 SO4 Q . 28.24 2.69 4.62
O2 SO4 Q . 26.59 1.26 3.54
O3 SO4 Q . 28.82 1.42 2.61
O4 SO4 Q . 27.37 3.27 2.41
C1 AGP R . 28.57 6.75 0.33
O1 AGP R . 28.32 7.93 1.06
C2 AGP R . 27.65 6.77 -0.88
N2 AGP R . 27.04 7.98 -1.38
C3 AGP R . 26.36 5.87 -0.86
O3 AGP R . 26.13 5.64 -2.25
C4 AGP R . 26.51 4.48 -0.15
O4 AGP R . 26.43 3.40 -1.11
C5 AGP R . 25.41 4.32 0.93
O5 AGP R . 25.24 5.54 1.68
C6 AGP R . 25.75 3.17 1.91
O6 AGP R . 26.96 3.46 2.62
P AGP R . 27.68 2.23 3.29
O1P AGP R . 28.31 2.93 4.44
O2P AGP R . 26.63 1.21 3.63
O3P AGP R . 28.63 1.79 2.25
C1 16G S . 19.20 -14.45 -16.21
C2 16G S . 18.77 -14.77 -17.63
C3 16G S . 19.37 -13.70 -18.57
C4 16G S . 18.85 -12.27 -18.17
C5 16G S . 19.10 -11.99 -16.63
C6 16G S . 18.36 -10.80 -16.09
C7 16G S . 18.62 -17.20 -17.59
C8 16G S . 19.15 -18.63 -17.94
N2 16G S . 19.29 -16.09 -17.98
O1 16G S . 20.61 -14.50 -15.63
O3 16G S . 19.11 -13.96 -19.93
O4 16G S . 19.44 -11.25 -18.96
O5 16G S . 18.63 -13.14 -15.86
O6 16G S . 17.14 -10.80 -16.28
O7 16G S . 17.57 -17.22 -16.94
P 16G S . 16.68 -9.45 -17.15
O1P 16G S . 16.94 -8.22 -16.37
O2P 16G S . 15.25 -9.47 -17.42
O3P 16G S . 17.44 -9.37 -18.41
S SO4 T . -2.98 -18.02 -21.43
O1 SO4 T . -3.48 -19.40 -21.13
O2 SO4 T . -3.66 -17.04 -20.55
O3 SO4 T . -3.23 -17.67 -22.86
O4 SO4 T . -1.51 -17.95 -21.24
S SO4 U . -18.04 -10.52 -41.54
O1 SO4 U . -18.88 -11.65 -42.08
O2 SO4 U . -18.90 -9.59 -40.77
O3 SO4 U . -17.37 -9.81 -42.65
O4 SO4 U . -16.97 -11.06 -40.67
C1 AGP V . 3.08 -18.66 -20.45
O1 AGP V . 2.07 -19.38 -19.77
C2 AGP V . 2.53 -18.26 -21.81
N2 AGP V . 3.67 -18.99 -22.31
C3 AGP V . 2.57 -16.70 -21.87
O3 AGP V . 3.08 -16.59 -23.20
C4 AGP V . 1.40 -15.71 -22.16
O4 AGP V . 1.94 -14.38 -22.25
C5 AGP V . 0.30 -15.75 -21.05
O5 AGP V . 0.66 -16.58 -19.94
C6 AGP V . -1.06 -16.21 -21.66
O6 AGP V . -1.39 -17.53 -21.27
P AGP V . -2.91 -17.93 -21.52
O1P AGP V . -2.87 -19.33 -21.06
O2P AGP V . -3.75 -16.98 -20.71
O3P AGP V . -3.05 -17.76 -22.98
C1 16G W . 5.72 -19.82 20.52
C2 16G W . 6.04 -19.29 21.90
C3 16G W . 4.76 -19.40 22.76
C4 16G W . 3.58 -18.57 22.11
C5 16G W . 3.38 -18.96 20.59
C6 16G W . 2.53 -18.00 19.80
C7 16G W . 8.39 -19.86 22.19
C8 16G W . 9.55 -20.73 22.78
N2 16G W . 7.10 -20.12 22.48
O1 16G W . 5.38 -21.25 20.15
O3 16G W . 4.98 -18.99 24.10
O4 16G W . 2.35 -18.73 22.80
O5 16G W . 4.69 -18.96 19.94
O6 16G W . 2.87 -16.80 19.83
O7 16G W . 8.80 -18.93 21.46
P 16G W . 1.64 -15.85 20.43
O1P 16G W . 0.46 -15.89 19.57
O2P 16G W . 2.07 -14.46 20.49
O3P 16G W . 1.26 -16.32 21.79
S SO4 X . 14.96 0.90 23.57
O1 SO4 X . 16.44 0.64 23.54
O2 SO4 X . 14.54 1.59 22.34
O3 SO4 X . 14.61 1.72 24.76
O4 SO4 X . 14.21 -0.37 23.74
C1 AGP Y . 12.94 -3.76 25.93
O1 AGP Y . 13.69 -4.95 25.88
C2 AGP Y . 11.51 -3.89 25.44
N2 AGP Y . 11.08 -5.26 25.27
C3 AGP Y . 11.12 -3.30 24.05
O3 AGP Y . 9.70 -3.29 24.14
C4 AGP Y . 11.65 -1.85 23.79
O4 AGP Y . 10.59 -0.89 23.93
C5 AGP Y . 12.27 -1.75 22.36
O5 AGP Y . 13.03 -2.93 22.05
C6 AGP Y . 13.17 -0.52 22.25
O6 AGP Y . 14.25 -0.57 23.18
P AGP Y . 14.94 0.81 23.52
O1P AGP Y . 16.34 0.33 23.71
O2P AGP Y . 14.70 1.74 22.37
O3P AGP Y . 14.28 1.20 24.76
C1 16G Z . -8.11 15.06 23.56
C2 16G Z . -9.61 15.28 23.75
C3 16G Z . -10.15 14.20 24.72
C4 16G Z . -9.84 12.76 24.20
C5 16G Z . -8.32 12.60 23.79
C6 16G Z . -8.03 11.38 22.95
C7 16G Z . -9.89 17.69 23.49
C8 16G Z . -10.12 19.13 24.04
N2 16G Z . -9.82 16.62 24.31
O1 16G Z . -6.99 15.26 24.58
O3 16G Z . -11.53 14.35 24.97
O4 16G Z . -10.18 11.77 25.15
O5 16G Z . -7.92 13.75 22.97
O6 16G Z . -8.69 11.24 21.91
O7 16G Z . -9.80 17.66 22.24
P 16G Z . -9.55 9.81 21.95
O1P 16G Z . -8.65 8.65 21.98
O2P 16G Z . -10.37 9.66 20.74
O3P 16G Z . -10.43 9.78 23.13
S SO4 AA . -22.41 15.56 5.57
O1 SO4 AA . -22.62 16.97 5.11
O2 SO4 AA . -21.67 14.80 4.54
O3 SO4 AA . -23.71 14.91 5.85
O4 SO4 AA . -21.66 15.53 6.85
C1 AGP BA . -22.99 14.94 12.02
O1 AGP BA . -23.69 15.18 13.22
C2 AGP BA . -21.78 14.03 12.16
N2 AGP BA . -20.96 14.94 12.95
C3 AGP BA . -20.82 13.70 10.98
O3 AGP BA . -20.89 12.40 11.57
C4 AGP BA . -21.36 13.48 9.53
O4 AGP BA . -21.94 12.17 9.44
C5 AGP BA . -20.22 13.63 8.48
O5 AGP BA . -19.38 14.76 8.79
C6 AGP BA . -20.80 13.80 7.06
O6 AGP BA . -21.44 15.07 6.92
P AGP BA . -22.31 15.27 5.62
O1P AGP BA . -22.56 16.73 5.73
O2P AGP BA . -21.48 14.82 4.46
O3P AGP BA . -23.48 14.43 5.90
C1 16G CA . -26.90 -11.14 4.01
C2 16G CA . -26.97 -12.57 4.53
C3 16G CA . -27.18 -12.53 6.06
C4 16G CA . -26.01 -11.74 6.78
C5 16G CA . -25.79 -10.33 6.09
C6 16G CA . -24.48 -9.66 6.48
C7 16G CA . -27.93 -13.85 2.70
C8 16G CA . -29.12 -14.59 2.00
N2 16G CA . -28.10 -13.24 3.89
O1 16G CA . -28.01 -10.09 3.95
O3 16G CA . -27.28 -13.82 6.62
O4 16G CA . -26.26 -11.57 8.15
O5 16G CA . -25.75 -10.50 4.64
O6 16G CA . -23.44 -10.31 6.34
O7 16G CA . -26.88 -13.90 2.05
P 16G CA . -22.63 -10.45 7.79
O1P 16G CA . -22.21 -9.14 8.30
O2P 16G CA . -21.41 -11.24 7.63
O3P 16G CA . -23.50 -11.08 8.80
S SO4 DA . -10.13 -25.97 0.01
O1 SO4 DA . -10.39 -26.84 -1.18
O2 SO4 DA . -8.91 -25.18 -0.22
O3 SO4 DA . -9.98 -26.79 1.24
O4 SO4 DA . -11.29 -25.06 0.26
C1 AGP EA . -14.82 -25.40 4.86
O1 AGP EA . -15.79 -26.41 4.91
C2 AGP EA . -14.96 -23.93 4.50
N2 AGP EA . -16.09 -23.81 3.67
C3 AGP EA . -13.91 -23.10 3.72
O3 AGP EA . -13.45 -22.67 5.01
C4 AGP EA . -12.64 -23.84 3.22
O4 AGP EA . -11.66 -23.89 4.27
C5 AGP EA . -12.04 -23.11 1.97
O5 AGP EA . -13.05 -22.96 0.96
C6 AGP EA . -10.84 -23.89 1.40
O6 AGP EA . -11.29 -24.94 0.57
P AGP EA . -10.18 -25.93 0.05
O1P AGP EA . -10.95 -26.59 -1.02
O2P AGP EA . -9.01 -25.11 -0.39
O3P AGP EA . -9.93 -26.77 1.23
#